data_7OTZ
#
_entry.id   7OTZ
#
_cell.length_a   89.748
_cell.length_b   133.130
_cell.length_c   140.368
_cell.angle_alpha   90.000
_cell.angle_beta   97.590
_cell.angle_gamma   90.000
#
_symmetry.space_group_name_H-M   'P 1 21 1'
#
loop_
_entity.id
_entity.type
_entity.pdbx_description
1 polymer 'Reverse transcriptase/ribonuclease H'
2 polymer 'Reverse transcriptase/ribonuclease H'
3 polymer "DNA (5'-D(P*GP*GP*TP*CP*GP*GP*CP*GP*CP*CP*CP*GP*AP*AP*CP*AP*GP*GP*GP*AP*CP*TP*G)-3')"
4 polymer "DNA (5'-D(*CP*AP*GP*TP*CP*CP*CP*TP*GP*TP*TP*CP*GP*GP*(MRG)P*CP*GP*CP*CP*(DDG))-3')"
5 non-polymer 'MAGNESIUM ION'
6 non-polymer '(S)-2-(2-(6-amino-9H-purin-9-yl)ethoxy)-3-phosphonopropanoic acid'
#
loop_
_entity_poly.entity_id
_entity_poly.type
_entity_poly.pdbx_seq_one_letter_code
_entity_poly.pdbx_strand_id
1 'polypeptide(L)'
;MVPISPIETVPVKLKPGMDGPKVKQWPLTEEKIKALVEICTEMEKEGKISKIGPENPYNTPVFAIKKKDSTKWRKLVDFR
ELNKRTQDFWEVQLGIPHPAGLKKKKSVTVLDVGDAYFSVPLDEDFRKYTAFTIPSINNETPGIRYQYNVLPQGWKGSPA
IFQSSMTKILEPFKKQNPDIVIYQYMDDLYVGSDLEIGQHRTKIEELRQHLLRWGLTTPDKKHQKEPPFLWMGYELHPDK
WTVQPIVLPEKDSWTVNDICKLVGKLNWASQIYPGIKVRQLSKLLRGTKALTEVIPLTEEAELELAENREILKEPVHGVY
YDPSKDLIAEIQKQGQGQWTYQIYQEPFKNLKTGKYARMRGAHTNDVKQLTEAVQKITTESIVIWGKTPKFKLPIQKETW
ETWWTEYWQATWIPEWEFVNTPPLVKLWYQLEKEPIVGAETFYVDGAANRETKLGKAGYVTNKGRQKVVPLTNTTNQKTE
LQAIYLALQDSGLEVNIVTNSQYALGIIQAQPDKSESELVNQIIEQLIKKEKVYLAWVPAHKGIGGNEQVDKLVSA
;
C,A
2 'polypeptide(L)'
;PISPIETVPVKLKPGMDGPKVKQWPLTEEKIKALVEICTEMEKEGKISKIGPENPYNTPVFAIKKKDSTKWRKLVDFREL
NKRTQDFWEVQLGIPHPAGLKKKKSVTVLDVGDAYFSVPLDEDFRKYTAFTIPSINNETPGIRYQYNVLPQGWKGSPAIF
QSSMTKILEPFKKQNPDIVIYQYMDDLYVGSDLEIGQHRTKIEELRQHLLRWGLTTPDKKHQKEPPFLWMGYELHPDKWT
VQPIVLPEKDSWTVNDIQKLVGKLNWASQIYPGIKVRQLSKLLRGTKALTEVIPLTEEAELELAENREILKEPVHGVYYD
PSKDLIAEIQKQGQGQWTYQIYQEPFKNLKTGKYARMRGAHTNDVKQLTEAVQKITTESIVIWGKTPKFKLPIQKETWET
WWTEYWQATWIPEWEFVNTPPLVKLWYQ
;
D,B
3 'polydeoxyribonucleotide'
;(DA)(DT)(DG)(DG)(DT)(DC)(DG)(DG)(DC)(DG)(DC)(DC)(DC)(DG)(DA)(DA)(DC)(DA)(DG)(DG)
(DG)(DA)(DC)(DT)(DG)(DT)(DG)
;
E,T
4 'polydeoxyribonucleotide'
;(DA)(DC)(DA)(DG)(DT)(DC)(DC)(DC)(DT)(DG)(DT)(DT)(DC)(DG)(DG)(MRG)(DC)(DG)(DC)
(DC)(DDG)
;
F,P
#
loop_
_chem_comp.id
_chem_comp.type
_chem_comp.name
_chem_comp.formula
1IO non-polymer '(S)-2-(2-(6-amino-9H-purin-9-yl)ethoxy)-3-phosphonopropanoic acid' 'C10 H14 N5 O6 P'
DA DNA linking 2'-DEOXYADENOSINE-5'-MONOPHOSPHATE 'C10 H14 N5 O6 P'
DC DNA linking 2'-DEOXYCYTIDINE-5'-MONOPHOSPHATE 'C9 H14 N3 O7 P'
DDG DNA linking 2',3'-DIDEOXY-GUANOSINE-5'-MONOPHOSPHATE 'C10 H14 N5 O6 P'
DG DNA linking 2'-DEOXYGUANOSINE-5'-MONOPHOSPHATE 'C10 H14 N5 O7 P'
DT DNA linking THYMIDINE-5'-MONOPHOSPHATE 'C10 H15 N2 O8 P'
MG non-polymer 'MAGNESIUM ION' 'Mg 2'
MRG DNA linking N2-(3-MERCAPTOPROPYL)-2'-DEOXYGUANOSINE-5'-MONOPHOSPHATE 'C13 H20 N5 O7 P S'
#
# COMPACT_ATOMS: atom_id res chain seq x y z
N VAL A 2 9.32 -58.35 -7.57
CA VAL A 2 8.43 -58.13 -6.43
C VAL A 2 7.05 -57.75 -6.92
N PRO A 3 6.03 -58.44 -6.45
CA PRO A 3 4.66 -58.16 -6.91
C PRO A 3 4.19 -56.80 -6.43
N ILE A 4 3.02 -56.40 -6.94
CA ILE A 4 2.44 -55.11 -6.63
C ILE A 4 1.35 -55.29 -5.59
N SER A 5 1.37 -54.45 -4.56
CA SER A 5 0.44 -54.57 -3.45
C SER A 5 -0.88 -53.88 -3.79
N PRO A 6 -2.02 -54.49 -3.43
CA PRO A 6 -3.31 -54.00 -3.94
C PRO A 6 -3.68 -52.63 -3.39
N ILE A 7 -2.97 -52.16 -2.39
CA ILE A 7 -3.22 -50.86 -1.78
C ILE A 7 -2.33 -49.83 -2.44
N GLU A 8 -2.87 -48.63 -2.66
CA GLU A 8 -2.08 -47.53 -3.18
C GLU A 8 -1.04 -47.07 -2.17
N THR A 9 0.12 -46.66 -2.68
CA THR A 9 1.28 -46.36 -1.86
C THR A 9 1.41 -44.86 -1.65
N VAL A 10 1.79 -44.48 -0.43
CA VAL A 10 1.87 -43.08 -0.03
C VAL A 10 3.25 -42.55 -0.41
N PRO A 11 3.34 -41.54 -1.29
CA PRO A 11 4.66 -41.00 -1.67
C PRO A 11 5.32 -40.26 -0.52
N VAL A 12 6.52 -40.70 -0.16
CA VAL A 12 7.30 -40.15 0.95
C VAL A 12 8.63 -39.64 0.44
N LYS A 13 9.02 -38.44 0.88
CA LYS A 13 10.29 -37.84 0.52
C LYS A 13 11.12 -37.60 1.77
N LEU A 14 12.40 -37.35 1.55
CA LEU A 14 13.26 -36.87 2.63
C LEU A 14 13.20 -35.34 2.66
N LYS A 15 13.69 -34.77 3.75
CA LYS A 15 13.81 -33.32 3.81
C LYS A 15 14.89 -32.84 2.84
N PRO A 16 14.66 -31.73 2.13
CA PRO A 16 15.59 -31.32 1.07
C PRO A 16 16.98 -31.10 1.65
N GLY A 17 17.98 -31.68 0.99
CA GLY A 17 19.37 -31.45 1.35
C GLY A 17 20.00 -32.53 2.21
N MET A 18 19.25 -33.54 2.62
CA MET A 18 19.75 -34.55 3.56
C MET A 18 19.70 -35.94 2.95
N ASP A 19 20.74 -36.73 3.22
CA ASP A 19 20.88 -38.08 2.68
C ASP A 19 20.34 -39.11 3.66
N GLY A 20 20.31 -40.37 3.22
CA GLY A 20 19.82 -41.46 4.04
C GLY A 20 20.72 -41.74 5.22
N PRO A 21 20.28 -42.63 6.11
CA PRO A 21 21.06 -42.93 7.31
C PRO A 21 22.22 -43.88 7.02
N LYS A 22 23.34 -43.68 7.74
CA LYS A 22 24.51 -44.55 7.59
C LYS A 22 25.08 -44.78 8.98
N VAL A 23 24.43 -45.67 9.73
CA VAL A 23 24.80 -45.97 11.11
C VAL A 23 25.13 -47.46 11.22
N LYS A 24 26.14 -47.77 12.03
CA LYS A 24 26.59 -49.13 12.26
C LYS A 24 25.65 -49.88 13.21
N GLN A 25 25.62 -51.21 13.05
CA GLN A 25 24.72 -52.08 13.81
C GLN A 25 25.23 -52.32 15.22
N TRP A 26 24.29 -52.43 16.16
CA TRP A 26 24.63 -52.75 17.54
C TRP A 26 25.03 -54.22 17.65
N PRO A 27 25.85 -54.57 18.65
CA PRO A 27 26.10 -55.99 18.91
C PRO A 27 24.88 -56.62 19.57
N LEU A 28 24.41 -57.73 19.00
CA LEU A 28 23.17 -58.37 19.40
C LEU A 28 23.42 -59.71 20.08
N THR A 29 22.56 -60.03 21.04
CA THR A 29 22.65 -61.29 21.76
C THR A 29 22.25 -62.45 20.86
N GLU A 30 22.89 -63.60 21.08
CA GLU A 30 22.70 -64.75 20.19
C GLU A 30 21.25 -65.21 20.16
N GLU A 31 20.50 -64.97 21.24
CA GLU A 31 19.09 -65.33 21.26
C GLU A 31 18.25 -64.38 20.41
N LYS A 32 18.69 -63.12 20.26
CA LYS A 32 17.94 -62.19 19.43
C LYS A 32 18.30 -62.33 17.96
N ILE A 33 19.53 -62.77 17.66
CA ILE A 33 19.91 -63.00 16.27
C ILE A 33 19.12 -64.16 15.68
N LYS A 34 18.90 -65.21 16.46
CA LYS A 34 18.11 -66.33 15.97
C LYS A 34 16.66 -65.90 15.69
N ALA A 35 16.12 -65.07 16.59
CA ALA A 35 14.75 -64.58 16.39
C ALA A 35 14.64 -63.65 15.20
N LEU A 36 15.71 -62.93 14.88
CA LEU A 36 15.67 -61.99 13.75
C LEU A 36 15.83 -62.73 12.42
N VAL A 37 16.81 -63.63 12.34
CA VAL A 37 17.03 -64.39 11.10
C VAL A 37 15.84 -65.27 10.77
N GLU A 38 15.16 -65.80 11.78
CA GLU A 38 13.96 -66.60 11.53
C GLU A 38 12.83 -65.74 10.96
N ILE A 39 12.71 -64.50 11.42
CA ILE A 39 11.65 -63.61 10.96
C ILE A 39 12.06 -62.89 9.67
N CYS A 40 13.34 -62.52 9.54
CA CYS A 40 13.81 -62.01 8.26
C CYS A 40 13.58 -63.02 7.13
N THR A 41 14.04 -64.26 7.31
CA THR A 41 13.90 -65.24 6.23
C THR A 41 12.44 -65.51 5.92
N GLU A 42 11.55 -65.32 6.91
CA GLU A 42 10.13 -65.52 6.66
C GLU A 42 9.53 -64.33 5.93
N MET A 43 9.99 -63.12 6.24
CA MET A 43 9.40 -61.95 5.59
C MET A 43 9.96 -61.77 4.19
N GLU A 44 11.13 -62.33 3.89
CA GLU A 44 11.65 -62.26 2.53
C GLU A 44 10.92 -63.24 1.63
N LYS A 45 10.44 -64.35 2.18
CA LYS A 45 9.65 -65.28 1.38
C LYS A 45 8.31 -64.66 1.00
N GLU A 46 7.72 -63.88 1.92
CA GLU A 46 6.42 -63.25 1.69
C GLU A 46 6.50 -61.91 0.96
N GLY A 47 7.69 -61.50 0.52
CA GLY A 47 7.81 -60.27 -0.24
C GLY A 47 7.75 -59.00 0.58
N LYS A 48 8.15 -59.05 1.86
CA LYS A 48 8.11 -57.89 2.73
C LYS A 48 9.47 -57.25 2.94
N ILE A 49 10.54 -58.02 2.78
CA ILE A 49 11.90 -57.48 2.73
C ILE A 49 12.64 -58.18 1.61
N SER A 50 13.55 -57.45 0.96
CA SER A 50 14.31 -57.97 -0.16
C SER A 50 15.80 -57.76 0.11
N LYS A 51 16.61 -58.64 -0.47
CA LYS A 51 18.05 -58.52 -0.32
C LYS A 51 18.55 -57.29 -1.08
N ILE A 52 19.65 -56.72 -0.58
CA ILE A 52 20.28 -55.59 -1.21
C ILE A 52 21.79 -55.83 -1.25
N GLY A 53 22.44 -55.27 -2.26
CA GLY A 53 23.87 -55.44 -2.42
C GLY A 53 24.65 -54.22 -1.94
N PRO A 54 25.89 -54.09 -2.41
CA PRO A 54 26.70 -52.94 -2.01
C PRO A 54 26.28 -51.62 -2.65
N GLU A 55 25.40 -51.65 -3.65
CA GLU A 55 24.90 -50.42 -4.27
C GLU A 55 24.03 -49.60 -3.33
N ASN A 56 23.67 -50.15 -2.17
CA ASN A 56 22.89 -49.44 -1.15
C ASN A 56 23.82 -48.94 -0.05
N PRO A 57 24.21 -47.67 -0.07
CA PRO A 57 25.14 -47.17 0.95
C PRO A 57 24.52 -46.84 2.29
N TYR A 58 23.24 -47.14 2.50
CA TYR A 58 22.56 -46.78 3.73
C TYR A 58 22.49 -47.97 4.69
N ASN A 59 22.35 -47.67 5.97
CA ASN A 59 22.23 -48.71 6.99
C ASN A 59 21.70 -48.09 8.28
N THR A 60 20.95 -48.89 9.04
CA THR A 60 20.38 -48.46 10.30
C THR A 60 20.36 -49.63 11.26
N PRO A 61 20.48 -49.39 12.58
CA PRO A 61 20.47 -50.49 13.54
C PRO A 61 19.11 -51.19 13.55
N VAL A 62 19.08 -52.34 14.22
CA VAL A 62 17.87 -53.14 14.33
C VAL A 62 18.00 -54.00 15.56
N PHE A 63 16.86 -54.32 16.17
CA PHE A 63 16.82 -55.17 17.34
C PHE A 63 15.45 -55.83 17.39
N ALA A 64 15.13 -56.45 18.52
CA ALA A 64 13.86 -57.13 18.65
C ALA A 64 13.51 -57.25 20.14
N ILE A 65 12.24 -57.08 20.45
CA ILE A 65 11.75 -57.20 21.81
C ILE A 65 10.71 -58.32 21.83
N LYS A 66 10.41 -58.79 23.03
CA LYS A 66 9.45 -59.87 23.20
C LYS A 66 8.02 -59.36 23.08
N LYS A 67 7.15 -60.23 22.54
CA LYS A 67 5.74 -59.94 22.51
C LYS A 67 5.10 -60.33 23.84
N LYS A 68 4.08 -59.57 24.23
CA LYS A 68 3.41 -59.80 25.51
C LYS A 68 2.56 -61.06 25.45
N ASP A 69 2.87 -62.01 26.34
CA ASP A 69 2.10 -63.25 26.47
C ASP A 69 2.12 -64.06 25.18
N SER A 70 3.32 -64.25 24.62
CA SER A 70 3.51 -65.04 23.42
C SER A 70 4.99 -65.33 23.24
N THR A 71 5.28 -66.46 22.60
CA THR A 71 6.66 -66.79 22.28
C THR A 71 7.17 -66.09 21.04
N LYS A 72 6.31 -65.39 20.32
CA LYS A 72 6.72 -64.69 19.11
C LYS A 72 7.51 -63.43 19.46
N TRP A 73 8.35 -63.01 18.52
CA TRP A 73 9.15 -61.81 18.65
C TRP A 73 8.71 -60.74 17.64
N ARG A 74 8.87 -59.49 18.04
CA ARG A 74 8.54 -58.34 17.20
C ARG A 74 9.82 -57.68 16.72
N LYS A 75 9.88 -57.35 15.43
CA LYS A 75 11.04 -56.73 14.83
C LYS A 75 10.87 -55.21 14.86
N LEU A 76 11.86 -54.52 15.41
CA LEU A 76 11.84 -53.07 15.52
C LEU A 76 13.16 -52.53 14.98
N VAL A 77 13.09 -51.35 14.37
CA VAL A 77 14.26 -50.72 13.77
C VAL A 77 14.48 -49.36 14.41
N ASP A 78 15.73 -49.06 14.74
CA ASP A 78 16.08 -47.80 15.38
C ASP A 78 16.23 -46.73 14.30
N PHE A 79 15.08 -46.21 13.83
CA PHE A 79 15.08 -45.20 12.77
C PHE A 79 15.26 -43.78 13.28
N ARG A 80 15.92 -43.61 14.42
CA ARG A 80 16.05 -42.28 15.01
C ARG A 80 16.84 -41.36 14.10
N GLU A 81 17.83 -41.90 13.36
CA GLU A 81 18.56 -41.05 12.42
C GLU A 81 17.80 -40.88 11.12
N LEU A 82 17.00 -41.88 10.72
CA LEU A 82 16.13 -41.72 9.56
C LEU A 82 15.03 -40.70 9.85
N ASN A 83 14.30 -40.89 10.95
CA ASN A 83 13.16 -40.05 11.28
C ASN A 83 13.53 -38.58 11.35
N LYS A 84 14.79 -38.28 11.69
CA LYS A 84 15.23 -36.88 11.74
C LYS A 84 15.23 -36.26 10.34
N ARG A 85 15.60 -37.04 9.33
CA ARG A 85 15.75 -36.53 7.97
C ARG A 85 14.55 -36.80 7.08
N THR A 86 13.62 -37.67 7.49
CA THR A 86 12.41 -37.83 6.71
C THR A 86 11.58 -36.56 6.74
N GLN A 87 10.63 -36.47 5.81
CA GLN A 87 9.67 -35.37 5.77
C GLN A 87 8.73 -35.43 6.98
N ASP A 88 8.19 -34.27 7.33
CA ASP A 88 7.21 -34.18 8.41
C ASP A 88 5.86 -34.65 7.90
N PHE A 89 5.12 -35.34 8.78
CA PHE A 89 3.81 -35.88 8.46
C PHE A 89 2.77 -35.17 9.31
N TRP A 90 1.57 -34.99 8.77
CA TRP A 90 0.46 -34.46 9.56
C TRP A 90 -0.37 -35.64 10.03
N GLU A 91 -0.32 -35.91 11.34
CA GLU A 91 -1.03 -37.07 11.86
C GLU A 91 -2.53 -36.87 11.77
N VAL A 92 -3.24 -37.95 11.45
CA VAL A 92 -4.68 -37.89 11.28
C VAL A 92 -5.43 -38.42 12.48
N GLN A 93 -4.71 -38.76 13.55
CA GLN A 93 -5.33 -39.18 14.80
C GLN A 93 -5.42 -37.93 15.65
N LEU A 94 -6.64 -37.45 15.85
CA LEU A 94 -6.84 -36.19 16.55
C LEU A 94 -7.16 -36.41 18.02
N GLY A 95 -7.49 -37.64 18.38
CA GLY A 95 -7.67 -37.99 19.78
C GLY A 95 -8.02 -39.46 19.90
N ILE A 96 -8.54 -39.81 21.07
CA ILE A 96 -8.83 -41.19 21.43
C ILE A 96 -10.32 -41.32 21.67
N PRO A 97 -10.99 -42.31 21.09
CA PRO A 97 -12.41 -42.47 21.37
C PRO A 97 -12.66 -42.86 22.82
N HIS A 98 -13.83 -42.50 23.31
CA HIS A 98 -14.20 -42.85 24.67
C HIS A 98 -15.54 -43.57 24.68
N PRO A 99 -15.68 -44.61 25.50
CA PRO A 99 -16.94 -45.39 25.48
C PRO A 99 -18.14 -44.56 25.86
N ALA A 100 -17.96 -43.47 26.61
CA ALA A 100 -19.10 -42.64 26.98
C ALA A 100 -19.77 -42.03 25.75
N GLY A 101 -19.06 -41.98 24.62
CA GLY A 101 -19.62 -41.45 23.39
C GLY A 101 -20.33 -42.45 22.52
N LEU A 102 -20.31 -43.74 22.87
CA LEU A 102 -20.99 -44.74 22.07
C LEU A 102 -22.48 -44.71 22.36
N LYS A 103 -23.26 -45.04 21.33
CA LYS A 103 -24.71 -45.14 21.41
C LYS A 103 -25.10 -46.61 21.48
N LYS A 104 -26.21 -46.88 22.16
CA LYS A 104 -26.70 -48.25 22.27
C LYS A 104 -27.08 -48.79 20.89
N LYS A 105 -26.39 -49.86 20.47
CA LYS A 105 -26.66 -50.53 19.20
C LYS A 105 -27.12 -51.96 19.46
N LYS A 106 -27.98 -52.48 18.58
CA LYS A 106 -28.47 -53.86 18.74
C LYS A 106 -27.31 -54.85 18.76
N SER A 107 -26.55 -54.92 17.68
CA SER A 107 -25.46 -55.88 17.57
C SER A 107 -24.13 -55.16 17.55
N VAL A 108 -23.11 -55.80 18.13
CA VAL A 108 -21.77 -55.25 18.23
C VAL A 108 -20.78 -56.34 17.88
N THR A 109 -19.79 -55.98 17.07
CA THR A 109 -18.71 -56.89 16.66
C THR A 109 -17.40 -56.14 16.71
N VAL A 110 -16.36 -56.81 17.20
CA VAL A 110 -15.03 -56.23 17.30
C VAL A 110 -14.07 -57.20 16.64
N LEU A 111 -13.18 -56.66 15.81
CA LEU A 111 -12.15 -57.46 15.18
C LEU A 111 -10.87 -56.66 15.12
N ASP A 112 -9.79 -57.38 14.87
CA ASP A 112 -8.44 -56.82 14.81
C ASP A 112 -7.66 -57.53 13.73
N VAL A 113 -7.19 -56.78 12.74
CA VAL A 113 -6.49 -57.45 11.66
C VAL A 113 -5.11 -57.78 12.20
N GLY A 114 -4.37 -58.65 11.55
CA GLY A 114 -3.10 -59.07 12.09
C GLY A 114 -1.98 -58.51 11.24
N ASP A 115 -0.82 -58.30 11.87
CA ASP A 115 0.33 -57.75 11.17
C ASP A 115 -0.10 -56.61 10.25
N ALA A 116 -0.82 -55.67 10.87
CA ALA A 116 -1.40 -54.52 10.19
C ALA A 116 -0.36 -53.78 9.34
N TYR A 117 0.69 -53.26 9.97
CA TYR A 117 1.66 -52.48 9.20
C TYR A 117 2.28 -53.31 8.08
N PHE A 118 2.31 -54.63 8.21
CA PHE A 118 2.94 -55.47 7.21
C PHE A 118 2.01 -55.80 6.04
N SER A 119 0.78 -55.30 6.07
CA SER A 119 -0.16 -55.47 4.97
C SER A 119 -0.33 -54.22 4.14
N VAL A 120 0.40 -53.16 4.45
CA VAL A 120 0.34 -51.89 3.75
C VAL A 120 1.72 -51.64 3.15
N PRO A 121 1.83 -51.34 1.86
CA PRO A 121 3.15 -51.20 1.26
C PRO A 121 3.81 -49.88 1.61
N LEU A 122 5.10 -49.82 1.39
CA LEU A 122 5.86 -48.59 1.51
C LEU A 122 6.09 -48.03 0.10
N ASP A 123 6.35 -46.73 0.02
CA ASP A 123 6.67 -46.13 -1.28
C ASP A 123 7.90 -46.76 -1.90
N GLU A 124 7.81 -47.01 -3.21
CA GLU A 124 8.89 -47.68 -3.94
C GLU A 124 10.18 -46.87 -3.87
N ASP A 125 10.08 -45.57 -4.13
CA ASP A 125 11.27 -44.73 -4.21
C ASP A 125 11.85 -44.44 -2.83
N PHE A 126 11.20 -44.90 -1.77
CA PHE A 126 11.63 -44.69 -0.40
C PHE A 126 12.22 -45.93 0.24
N ARG A 127 12.06 -47.10 -0.39
CA ARG A 127 12.54 -48.35 0.21
C ARG A 127 14.05 -48.38 0.37
N LYS A 128 14.78 -47.54 -0.37
CA LYS A 128 16.24 -47.58 -0.30
C LYS A 128 16.77 -47.06 1.02
N TYR A 129 16.07 -46.09 1.64
CA TYR A 129 16.54 -45.53 2.90
C TYR A 129 16.23 -46.42 4.10
N THR A 130 15.45 -47.48 3.91
CA THR A 130 15.11 -48.41 4.98
C THR A 130 16.03 -49.64 4.97
N ALA A 131 17.33 -49.39 4.83
CA ALA A 131 18.32 -50.46 4.79
C ALA A 131 18.91 -50.71 6.16
N PHE A 132 19.05 -51.99 6.52
CA PHE A 132 19.54 -52.36 7.84
C PHE A 132 20.36 -53.64 7.71
N THR A 133 21.17 -53.90 8.72
CA THR A 133 22.04 -55.07 8.77
C THR A 133 21.59 -56.01 9.87
N ILE A 134 21.73 -57.31 9.62
CA ILE A 134 21.41 -58.36 10.59
C ILE A 134 22.72 -59.04 10.97
N PRO A 135 23.26 -58.80 12.16
CA PRO A 135 24.54 -59.42 12.54
C PRO A 135 24.38 -60.91 12.76
N SER A 136 25.32 -61.68 12.22
CA SER A 136 25.26 -63.13 12.31
C SER A 136 25.76 -63.60 13.67
N ILE A 137 25.78 -64.92 13.85
CA ILE A 137 26.27 -65.49 15.10
C ILE A 137 27.76 -65.30 15.26
N ASN A 138 28.48 -65.05 14.17
CA ASN A 138 29.91 -64.76 14.20
C ASN A 138 30.13 -63.30 13.86
N ASN A 139 31.03 -62.65 14.62
CA ASN A 139 31.31 -61.24 14.36
C ASN A 139 32.08 -61.02 13.06
N GLU A 140 32.72 -62.05 12.52
CA GLU A 140 33.47 -61.91 11.28
C GLU A 140 32.59 -62.11 10.05
N THR A 141 31.44 -62.73 10.19
CA THR A 141 30.51 -62.89 9.07
C THR A 141 30.02 -61.51 8.65
N PRO A 142 30.01 -61.21 7.34
CA PRO A 142 29.59 -59.86 6.90
C PRO A 142 28.16 -59.50 7.30
N GLY A 143 27.26 -60.46 7.35
CA GLY A 143 25.89 -60.19 7.72
C GLY A 143 25.00 -59.99 6.50
N ILE A 144 23.69 -60.08 6.73
CA ILE A 144 22.69 -59.97 5.66
C ILE A 144 22.04 -58.60 5.71
N ARG A 145 21.93 -57.96 4.55
CA ARG A 145 21.35 -56.63 4.43
C ARG A 145 20.03 -56.72 3.65
N TYR A 146 18.97 -56.16 4.24
CA TYR A 146 17.64 -56.13 3.65
C TYR A 146 17.17 -54.69 3.53
N GLN A 147 16.05 -54.52 2.82
CA GLN A 147 15.36 -53.24 2.77
C GLN A 147 13.86 -53.51 2.84
N TYR A 148 13.15 -52.63 3.52
CA TYR A 148 11.74 -52.85 3.78
C TYR A 148 10.90 -52.62 2.51
N ASN A 149 9.88 -53.46 2.33
CA ASN A 149 8.84 -53.27 1.32
C ASN A 149 7.50 -52.88 1.92
N VAL A 150 7.35 -52.91 3.24
CA VAL A 150 6.11 -52.50 3.88
C VAL A 150 6.42 -51.43 4.92
N LEU A 151 5.42 -51.06 5.72
CA LEU A 151 5.62 -50.05 6.75
C LEU A 151 6.46 -50.57 7.91
N PRO A 152 7.67 -50.04 8.12
CA PRO A 152 8.52 -50.55 9.20
C PRO A 152 8.04 -50.05 10.56
N GLN A 153 7.85 -50.98 11.50
CA GLN A 153 7.49 -50.67 12.88
C GLN A 153 8.62 -49.90 13.55
N GLY A 154 8.40 -48.63 13.86
CA GLY A 154 9.44 -47.77 14.39
C GLY A 154 9.68 -46.52 13.59
N TRP A 155 9.15 -46.44 12.39
CA TRP A 155 9.27 -45.26 11.55
C TRP A 155 8.13 -44.30 11.85
N LYS A 156 8.43 -43.00 11.80
CA LYS A 156 7.50 -41.98 12.24
C LYS A 156 6.34 -41.77 11.27
N GLY A 157 6.44 -42.28 10.04
CA GLY A 157 5.35 -42.12 9.09
C GLY A 157 4.42 -43.32 9.03
N SER A 158 4.84 -44.43 9.63
CA SER A 158 4.04 -45.66 9.57
C SER A 158 2.65 -45.52 10.17
N PRO A 159 2.46 -45.04 11.41
CA PRO A 159 1.09 -44.89 11.91
C PRO A 159 0.26 -43.92 11.08
N ALA A 160 0.84 -42.79 10.70
CA ALA A 160 0.09 -41.81 9.90
C ALA A 160 -0.35 -42.42 8.58
N ILE A 161 0.54 -43.17 7.93
CA ILE A 161 0.21 -43.72 6.62
C ILE A 161 -0.82 -44.82 6.76
N PHE A 162 -0.73 -45.64 7.82
CA PHE A 162 -1.69 -46.74 7.97
C PHE A 162 -3.09 -46.23 8.23
N GLN A 163 -3.24 -45.25 9.13
CA GLN A 163 -4.56 -44.72 9.45
C GLN A 163 -5.25 -44.13 8.23
N SER A 164 -4.49 -43.45 7.37
CA SER A 164 -5.09 -42.83 6.20
C SER A 164 -5.39 -43.87 5.14
N SER A 165 -4.50 -44.86 4.97
CA SER A 165 -4.75 -45.93 4.02
C SER A 165 -5.93 -46.78 4.46
N MET A 166 -6.06 -47.00 5.77
CA MET A 166 -7.16 -47.81 6.28
C MET A 166 -8.50 -47.11 6.05
N THR A 167 -8.56 -45.79 6.22
CA THR A 167 -9.81 -45.08 6.01
C THR A 167 -10.23 -45.14 4.55
N LYS A 168 -9.28 -45.10 3.63
CA LYS A 168 -9.60 -45.16 2.20
C LYS A 168 -10.20 -46.50 1.80
N ILE A 169 -9.78 -47.58 2.46
CA ILE A 169 -10.34 -48.88 2.13
C ILE A 169 -11.74 -49.06 2.71
N LEU A 170 -12.01 -48.43 3.86
CA LEU A 170 -13.32 -48.54 4.48
C LEU A 170 -14.38 -47.62 3.87
N GLU A 171 -13.97 -46.55 3.18
CA GLU A 171 -14.94 -45.62 2.60
C GLU A 171 -15.94 -46.30 1.66
N PRO A 172 -15.55 -47.16 0.72
CA PRO A 172 -16.55 -47.81 -0.13
C PRO A 172 -17.53 -48.68 0.63
N PHE A 173 -17.10 -49.31 1.71
CA PHE A 173 -18.04 -50.08 2.52
C PHE A 173 -18.97 -49.12 3.27
N LYS A 174 -18.40 -48.13 3.97
CA LYS A 174 -19.23 -47.17 4.70
C LYS A 174 -20.14 -46.39 3.75
N LYS A 175 -19.76 -46.24 2.48
CA LYS A 175 -20.62 -45.53 1.53
C LYS A 175 -21.81 -46.37 1.10
N GLN A 176 -21.65 -47.69 1.13
CA GLN A 176 -22.73 -48.59 0.78
C GLN A 176 -23.53 -48.99 2.00
N ASN A 177 -22.88 -49.02 3.16
CA ASN A 177 -23.55 -49.36 4.39
C ASN A 177 -23.60 -48.16 5.31
N PRO A 178 -24.47 -47.18 5.07
CA PRO A 178 -24.40 -45.94 5.87
C PRO A 178 -24.81 -46.09 7.31
N ASP A 179 -25.74 -47.01 7.61
CA ASP A 179 -26.24 -47.19 8.96
C ASP A 179 -25.34 -48.06 9.82
N ILE A 180 -24.18 -48.45 9.32
CA ILE A 180 -23.22 -49.24 10.08
C ILE A 180 -22.21 -48.28 10.70
N VAL A 181 -22.03 -48.38 12.00
CA VAL A 181 -21.09 -47.54 12.74
C VAL A 181 -19.78 -48.31 12.85
N ILE A 182 -18.71 -47.71 12.35
CA ILE A 182 -17.38 -48.34 12.38
C ILE A 182 -16.41 -47.38 13.06
N TYR A 183 -16.04 -47.69 14.30
CA TYR A 183 -15.02 -46.94 15.03
C TYR A 183 -13.65 -47.45 14.65
N GLN A 184 -12.92 -46.64 13.89
CA GLN A 184 -11.59 -47.05 13.42
C GLN A 184 -10.45 -46.47 14.24
N TYR A 185 -9.73 -47.32 14.97
CA TYR A 185 -8.54 -46.86 15.70
C TYR A 185 -7.41 -47.76 15.28
N MET A 186 -6.50 -47.27 14.46
CA MET A 186 -5.39 -48.07 13.95
C MET A 186 -5.94 -49.36 13.42
N ASP A 187 -5.54 -50.47 14.03
CA ASP A 187 -5.95 -51.76 13.51
C ASP A 187 -7.15 -52.34 14.18
N ASP A 188 -8.00 -51.49 14.74
CA ASP A 188 -9.10 -52.07 15.50
C ASP A 188 -10.38 -51.43 15.04
N LEU A 189 -11.37 -52.27 14.78
CA LEU A 189 -12.64 -51.86 14.19
C LEU A 189 -13.80 -52.30 15.07
N TYR A 190 -14.36 -51.35 15.79
CA TYR A 190 -15.62 -51.55 16.48
C TYR A 190 -16.74 -51.40 15.46
N VAL A 191 -17.48 -52.47 15.23
CA VAL A 191 -18.57 -52.47 14.26
C VAL A 191 -19.86 -52.72 15.01
N GLY A 192 -20.87 -51.90 14.74
CA GLY A 192 -22.14 -52.04 15.41
C GLY A 192 -23.26 -51.54 14.53
N SER A 193 -24.45 -52.07 14.75
CA SER A 193 -25.59 -51.70 13.93
C SER A 193 -26.88 -52.01 14.67
N ASP A 194 -27.95 -51.36 14.23
CA ASP A 194 -29.30 -51.68 14.69
C ASP A 194 -29.98 -52.70 13.78
N LEU A 195 -29.25 -53.25 12.83
CA LEU A 195 -29.80 -54.32 12.01
C LEU A 195 -29.99 -55.55 12.89
N GLU A 196 -30.89 -56.42 12.46
CA GLU A 196 -31.13 -57.67 13.18
C GLU A 196 -29.87 -58.51 13.20
N ILE A 197 -29.77 -59.40 14.18
CA ILE A 197 -28.53 -60.17 14.40
C ILE A 197 -28.26 -61.09 13.22
N GLY A 198 -29.28 -61.37 12.40
CA GLY A 198 -29.07 -62.18 11.22
C GLY A 198 -28.33 -61.45 10.13
N GLN A 199 -28.84 -60.28 9.72
CA GLN A 199 -28.17 -59.50 8.69
C GLN A 199 -26.94 -58.75 9.22
N HIS A 200 -26.75 -58.72 10.54
CA HIS A 200 -25.51 -58.20 11.09
C HIS A 200 -24.32 -59.05 10.66
N ARG A 201 -24.34 -60.33 11.06
CA ARG A 201 -23.25 -61.24 10.76
C ARG A 201 -22.97 -61.32 9.27
N THR A 202 -23.99 -61.09 8.44
CA THR A 202 -23.78 -61.02 6.99
C THR A 202 -22.90 -59.84 6.61
N LYS A 203 -23.24 -58.65 7.13
CA LYS A 203 -22.43 -57.46 6.85
C LYS A 203 -21.04 -57.56 7.45
N ILE A 204 -20.89 -58.22 8.60
CA ILE A 204 -19.56 -58.46 9.13
C ILE A 204 -18.72 -59.27 8.15
N GLU A 205 -19.24 -60.44 7.76
CA GLU A 205 -18.55 -61.27 6.78
C GLU A 205 -18.28 -60.48 5.50
N GLU A 206 -19.23 -59.61 5.11
CA GLU A 206 -19.06 -58.79 3.91
C GLU A 206 -17.87 -57.84 4.06
N LEU A 207 -17.66 -57.33 5.27
CA LEU A 207 -16.51 -56.48 5.56
C LEU A 207 -15.23 -57.29 5.58
N ARG A 208 -15.31 -58.49 6.16
CA ARG A 208 -14.15 -59.36 6.25
C ARG A 208 -13.67 -59.80 4.88
N GLN A 209 -14.55 -59.73 3.90
CA GLN A 209 -14.17 -60.06 2.53
C GLN A 209 -13.71 -58.82 1.81
N HIS A 210 -14.33 -57.69 2.11
CA HIS A 210 -13.91 -56.44 1.51
C HIS A 210 -12.46 -56.21 1.88
N LEU A 211 -12.19 -56.27 3.16
CA LEU A 211 -10.83 -56.04 3.62
C LEU A 211 -9.92 -57.07 3.01
N LEU A 212 -10.40 -58.30 2.90
CA LEU A 212 -9.51 -59.34 2.38
C LEU A 212 -9.02 -59.02 0.97
N ARG A 213 -9.85 -58.34 0.17
CA ARG A 213 -9.50 -57.97 -1.20
C ARG A 213 -8.31 -57.02 -1.29
N TRP A 214 -7.85 -56.46 -0.18
CA TRP A 214 -6.73 -55.52 -0.15
C TRP A 214 -5.57 -56.04 0.67
N GLY A 215 -5.58 -57.32 1.06
CA GLY A 215 -4.52 -57.87 1.86
C GLY A 215 -4.63 -57.62 3.35
N LEU A 216 -5.83 -57.36 3.85
CA LEU A 216 -6.05 -57.18 5.29
C LEU A 216 -6.77 -58.42 5.80
N THR A 217 -6.10 -59.18 6.66
CA THR A 217 -6.64 -60.43 7.18
C THR A 217 -7.31 -60.17 8.53
N THR A 218 -8.50 -60.73 8.71
CA THR A 218 -9.25 -60.62 9.96
C THR A 218 -9.31 -61.99 10.63
N PRO A 219 -8.31 -62.36 11.44
CA PRO A 219 -8.29 -63.71 12.03
C PRO A 219 -9.46 -63.92 12.99
N ASP A 220 -9.99 -65.13 12.97
CA ASP A 220 -11.06 -65.50 13.90
C ASP A 220 -10.56 -65.60 15.34
N LYS A 221 -9.24 -65.63 15.56
CA LYS A 221 -8.72 -65.61 16.92
C LYS A 221 -9.05 -64.29 17.62
N LYS A 222 -8.93 -63.16 16.90
CA LYS A 222 -9.25 -61.84 17.43
C LYS A 222 -10.70 -61.44 17.16
N HIS A 223 -11.47 -62.28 16.46
CA HIS A 223 -12.88 -62.01 16.26
C HIS A 223 -13.64 -62.11 17.57
N GLN A 224 -14.54 -61.14 17.81
CA GLN A 224 -15.33 -61.08 19.03
C GLN A 224 -16.80 -60.92 18.66
N LYS A 225 -17.62 -61.91 19.03
CA LYS A 225 -19.04 -61.88 18.73
C LYS A 225 -19.93 -61.84 19.96
N GLU A 226 -19.38 -62.12 21.15
CA GLU A 226 -20.14 -62.22 22.40
C GLU A 226 -19.67 -61.18 23.42
N PRO A 227 -20.61 -60.51 24.09
CA PRO A 227 -20.21 -59.59 25.16
C PRO A 227 -19.73 -60.39 26.37
N PRO A 228 -18.80 -59.82 27.16
CA PRO A 228 -18.26 -58.46 27.02
C PRO A 228 -17.17 -58.35 25.96
N PHE A 229 -17.07 -57.18 25.34
CA PHE A 229 -16.04 -56.92 24.34
C PHE A 229 -14.89 -56.17 25.01
N LEU A 230 -13.67 -56.48 24.59
CA LEU A 230 -12.49 -55.77 25.07
C LEU A 230 -12.08 -54.80 23.98
N TRP A 231 -12.27 -53.50 24.27
CA TRP A 231 -11.97 -52.44 23.33
C TRP A 231 -11.30 -51.26 23.99
N MET A 232 -10.11 -50.90 23.52
CA MET A 232 -9.44 -49.72 24.01
C MET A 232 -9.28 -49.63 25.51
N GLY A 233 -8.95 -50.74 26.16
CA GLY A 233 -8.81 -50.73 27.58
C GLY A 233 -10.08 -50.80 28.39
N TYR A 234 -11.17 -51.20 27.75
CA TYR A 234 -12.47 -51.25 28.43
C TYR A 234 -13.20 -52.57 28.31
N GLU A 235 -14.32 -52.69 29.03
CA GLU A 235 -15.12 -53.91 29.01
C GLU A 235 -16.52 -53.47 28.61
N LEU A 236 -16.91 -53.77 27.38
CA LEU A 236 -18.17 -53.29 26.84
C LEU A 236 -19.26 -54.32 27.09
N HIS A 237 -20.25 -53.96 27.87
CA HIS A 237 -21.43 -54.79 28.10
C HIS A 237 -22.65 -54.17 27.41
N PRO A 238 -23.72 -54.93 27.21
CA PRO A 238 -24.87 -54.39 26.46
C PRO A 238 -25.52 -53.17 27.12
N ASP A 239 -25.26 -52.94 28.41
CA ASP A 239 -25.88 -51.82 29.12
C ASP A 239 -24.89 -50.95 29.86
N LYS A 240 -23.67 -51.40 30.10
CA LYS A 240 -22.70 -50.64 30.86
C LYS A 240 -21.29 -50.94 30.36
N TRP A 241 -20.33 -50.17 30.87
CA TRP A 241 -18.93 -50.33 30.51
C TRP A 241 -18.09 -50.02 31.74
N THR A 242 -16.85 -50.50 31.72
CA THR A 242 -15.91 -50.22 32.79
C THR A 242 -14.50 -50.43 32.26
N VAL A 243 -13.54 -49.82 32.94
CA VAL A 243 -12.15 -49.93 32.53
C VAL A 243 -11.59 -51.30 32.84
N GLN A 244 -10.54 -51.67 32.14
CA GLN A 244 -9.89 -52.94 32.40
C GLN A 244 -9.23 -52.82 33.74
N PRO A 245 -9.28 -53.88 34.52
CA PRO A 245 -8.75 -53.82 35.88
C PRO A 245 -7.47 -53.08 36.03
N ILE A 246 -7.41 -52.24 37.04
CA ILE A 246 -6.23 -51.42 37.28
C ILE A 246 -5.51 -51.95 38.50
N VAL A 247 -4.19 -52.04 38.41
CA VAL A 247 -3.36 -52.62 39.46
C VAL A 247 -2.38 -51.56 39.92
N LEU A 248 -2.47 -51.18 41.19
CA LEU A 248 -1.50 -50.22 41.69
C LEU A 248 -0.35 -50.94 42.40
N PRO A 249 0.88 -50.43 42.28
CA PRO A 249 1.99 -51.04 43.01
C PRO A 249 1.81 -50.88 44.51
N GLU A 250 2.31 -51.88 45.26
CA GLU A 250 2.26 -51.85 46.71
C GLU A 250 3.66 -51.79 47.29
N LYS A 251 4.46 -50.85 46.79
CA LYS A 251 5.84 -50.73 47.21
C LYS A 251 5.93 -50.32 48.67
N ASP A 252 6.82 -51.00 49.40
CA ASP A 252 7.14 -50.58 50.75
C ASP A 252 8.11 -49.39 50.76
N SER A 253 8.99 -49.29 49.77
CA SER A 253 9.90 -48.17 49.59
C SER A 253 9.58 -47.52 48.24
N TRP A 254 9.07 -46.29 48.26
CA TRP A 254 8.62 -45.63 47.05
C TRP A 254 9.71 -44.76 46.45
N THR A 255 9.98 -44.96 45.15
CA THR A 255 10.89 -44.13 44.37
C THR A 255 10.08 -43.12 43.57
N VAL A 256 10.77 -42.19 42.95
CA VAL A 256 10.08 -41.21 42.16
C VAL A 256 9.39 -41.92 41.03
N ASN A 257 10.09 -42.82 40.37
CA ASN A 257 9.51 -43.45 39.18
C ASN A 257 8.25 -44.18 39.57
N ASP A 258 8.22 -44.69 40.81
CA ASP A 258 7.05 -45.42 41.29
C ASP A 258 5.85 -44.50 41.46
N ILE A 259 6.07 -43.31 42.02
CA ILE A 259 4.97 -42.37 42.20
C ILE A 259 4.42 -41.97 40.83
N CYS A 260 5.32 -41.87 39.85
CA CYS A 260 4.95 -41.41 38.51
C CYS A 260 4.04 -42.45 37.87
N LYS A 261 4.38 -43.72 38.03
CA LYS A 261 3.50 -44.82 37.62
C LYS A 261 2.25 -44.86 38.48
N LEU A 262 2.34 -44.50 39.76
CA LEU A 262 1.17 -44.41 40.62
C LEU A 262 0.23 -43.30 40.15
N VAL A 263 0.76 -42.07 40.07
CA VAL A 263 -0.03 -40.92 39.63
C VAL A 263 -0.67 -41.20 38.27
N GLY A 264 0.09 -41.83 37.37
CA GLY A 264 -0.43 -42.08 36.04
C GLY A 264 -1.64 -43.00 36.02
N LYS A 265 -1.63 -44.04 36.86
CA LYS A 265 -2.78 -44.94 36.89
C LYS A 265 -3.96 -44.35 37.66
N LEU A 266 -3.68 -43.49 38.65
CA LEU A 266 -4.76 -42.81 39.36
C LEU A 266 -5.48 -41.83 38.44
N ASN A 267 -4.72 -41.13 37.60
CA ASN A 267 -5.34 -40.25 36.61
C ASN A 267 -6.19 -41.04 35.63
N TRP A 268 -5.72 -42.23 35.23
CA TRP A 268 -6.49 -43.08 34.32
C TRP A 268 -7.74 -43.61 34.99
N ALA A 269 -7.68 -43.87 36.30
CA ALA A 269 -8.85 -44.36 37.02
C ALA A 269 -9.88 -43.28 37.29
N SER A 270 -9.49 -42.00 37.26
CA SER A 270 -10.43 -40.94 37.61
C SER A 270 -11.51 -40.74 36.55
N GLN A 271 -11.48 -41.51 35.50
CA GLN A 271 -12.47 -41.33 34.47
C GLN A 271 -13.77 -41.93 34.82
N ILE A 272 -13.77 -43.00 35.60
CA ILE A 272 -15.01 -43.58 36.06
C ILE A 272 -15.00 -43.84 37.57
N TYR A 273 -13.87 -43.62 38.21
CA TYR A 273 -13.80 -43.83 39.63
C TYR A 273 -13.91 -42.46 40.27
N PRO A 274 -15.10 -42.10 40.76
CA PRO A 274 -15.22 -40.70 41.23
C PRO A 274 -14.52 -40.50 42.57
N GLY A 275 -13.87 -39.35 42.70
CA GLY A 275 -13.27 -38.96 43.94
C GLY A 275 -11.79 -39.27 44.10
N ILE A 276 -11.07 -39.49 43.00
CA ILE A 276 -9.64 -39.77 43.11
C ILE A 276 -8.90 -38.45 43.25
N LYS A 277 -8.02 -38.39 44.25
CA LYS A 277 -7.22 -37.21 44.54
C LYS A 277 -5.74 -37.54 44.41
N VAL A 278 -4.99 -36.68 43.75
CA VAL A 278 -3.56 -36.92 43.55
C VAL A 278 -2.82 -35.64 43.93
N ARG A 279 -3.45 -34.82 44.78
CA ARG A 279 -2.82 -33.58 45.25
C ARG A 279 -1.58 -33.88 46.08
N GLN A 280 -1.75 -34.65 47.15
CA GLN A 280 -0.64 -34.90 48.07
C GLN A 280 0.38 -35.86 47.49
N LEU A 281 -0.01 -36.69 46.53
CA LEU A 281 0.95 -37.59 45.89
C LEU A 281 1.80 -36.86 44.85
N SER A 282 1.22 -35.89 44.15
CA SER A 282 2.01 -35.06 43.24
C SER A 282 2.88 -34.06 43.98
N LYS A 283 2.53 -33.71 45.22
CA LYS A 283 3.39 -32.88 46.04
C LYS A 283 4.71 -33.56 46.37
N LEU A 284 4.84 -34.85 46.09
CA LEU A 284 6.09 -35.56 46.28
C LEU A 284 7.02 -35.44 45.09
N LEU A 285 6.49 -35.04 43.93
CA LEU A 285 7.28 -34.95 42.71
C LEU A 285 7.85 -33.56 42.46
N ARG A 286 7.60 -32.59 43.35
CA ARG A 286 8.10 -31.25 43.13
C ARG A 286 9.54 -31.11 43.62
N GLY A 287 10.37 -30.47 42.81
CA GLY A 287 11.73 -30.19 43.23
C GLY A 287 12.63 -31.41 43.36
N THR A 288 12.21 -32.55 42.81
CA THR A 288 13.00 -33.77 42.87
C THR A 288 13.72 -33.97 41.54
N LYS A 289 14.91 -34.57 41.58
CA LYS A 289 15.70 -34.69 40.34
C LYS A 289 15.97 -36.10 39.81
N ALA A 290 15.74 -37.14 40.61
CA ALA A 290 16.08 -38.49 40.17
C ALA A 290 14.97 -39.52 40.31
N LEU A 291 14.67 -40.25 39.24
CA LEU A 291 13.67 -41.30 39.28
C LEU A 291 14.27 -42.39 40.13
N THR A 292 15.55 -42.27 40.44
CA THR A 292 16.22 -43.27 41.23
C THR A 292 16.41 -42.64 42.59
N GLU A 293 15.46 -41.82 43.02
CA GLU A 293 15.58 -41.29 44.37
C GLU A 293 14.45 -41.75 45.29
N VAL A 294 14.74 -42.68 46.20
CA VAL A 294 13.68 -43.15 47.09
C VAL A 294 13.08 -41.95 47.83
N ILE A 295 11.78 -41.98 48.08
CA ILE A 295 11.14 -40.81 48.70
C ILE A 295 10.16 -41.34 49.75
N PRO A 296 10.20 -40.84 50.98
CA PRO A 296 9.22 -41.29 51.99
C PRO A 296 7.86 -40.63 51.82
N LEU A 297 6.81 -41.40 52.10
CA LEU A 297 5.44 -40.92 51.95
C LEU A 297 5.06 -40.04 53.14
N THR A 298 4.48 -38.87 52.86
CA THR A 298 4.05 -37.98 53.94
C THR A 298 2.73 -38.48 54.52
N GLU A 299 2.40 -37.96 55.71
CA GLU A 299 1.16 -38.37 56.37
C GLU A 299 -0.06 -38.03 55.51
N GLU A 300 -0.04 -36.88 54.84
CA GLU A 300 -1.15 -36.51 53.97
C GLU A 300 -1.15 -37.33 52.69
N ALA A 301 0.00 -37.85 52.27
CA ALA A 301 0.06 -38.64 51.05
C ALA A 301 -0.33 -40.09 51.32
N GLU A 302 0.05 -40.64 52.48
CA GLU A 302 -0.39 -41.98 52.85
C GLU A 302 -1.91 -42.04 53.04
N LEU A 303 -2.49 -41.01 53.67
CA LEU A 303 -3.95 -40.94 53.77
C LEU A 303 -4.59 -40.86 52.40
N GLU A 304 -4.05 -40.02 51.52
CA GLU A 304 -4.63 -39.88 50.17
C GLU A 304 -4.54 -41.18 49.39
N LEU A 305 -3.45 -41.93 49.57
CA LEU A 305 -3.32 -43.21 48.87
C LEU A 305 -4.31 -44.23 49.42
N ALA A 306 -4.44 -44.30 50.75
CA ALA A 306 -5.38 -45.25 51.35
C ALA A 306 -6.81 -44.99 50.90
N GLU A 307 -7.21 -43.71 50.82
CA GLU A 307 -8.55 -43.39 50.31
C GLU A 307 -8.72 -43.86 48.87
N ASN A 308 -7.71 -43.62 48.02
CA ASN A 308 -7.85 -44.02 46.62
C ASN A 308 -7.91 -45.54 46.48
N ARG A 309 -7.10 -46.27 47.26
CA ARG A 309 -7.20 -47.72 47.27
C ARG A 309 -8.58 -48.19 47.73
N GLU A 310 -9.23 -47.46 48.63
CA GLU A 310 -10.57 -47.85 49.07
C GLU A 310 -11.63 -47.58 48.02
N ILE A 311 -11.38 -46.64 47.10
CA ILE A 311 -12.34 -46.41 46.03
C ILE A 311 -12.19 -47.47 44.93
N LEU A 312 -10.99 -47.99 44.74
CA LEU A 312 -10.80 -48.96 43.67
C LEU A 312 -11.30 -50.35 44.06
N LYS A 313 -11.57 -50.58 45.34
CA LYS A 313 -12.10 -51.88 45.74
C LYS A 313 -13.53 -52.05 45.22
N GLU A 314 -14.36 -51.03 45.36
CA GLU A 314 -15.75 -51.15 44.94
C GLU A 314 -15.83 -51.14 43.42
N PRO A 315 -16.75 -51.91 42.83
CA PRO A 315 -16.89 -51.92 41.36
C PRO A 315 -17.68 -50.71 40.90
N VAL A 316 -17.19 -50.05 39.85
CA VAL A 316 -17.91 -48.95 39.23
C VAL A 316 -18.08 -49.26 37.76
N HIS A 317 -19.06 -48.60 37.16
CA HIS A 317 -19.37 -48.79 35.76
C HIS A 317 -19.96 -47.51 35.21
N GLY A 318 -19.77 -47.30 33.89
CA GLY A 318 -20.38 -46.19 33.20
C GLY A 318 -21.49 -46.70 32.31
N VAL A 319 -22.24 -45.75 31.76
CA VAL A 319 -23.33 -46.08 30.85
C VAL A 319 -22.98 -45.54 29.47
N TYR A 320 -23.90 -45.66 28.52
CA TYR A 320 -23.68 -45.15 27.18
C TYR A 320 -24.46 -43.88 26.95
N TYR A 321 -24.15 -43.21 25.85
CA TYR A 321 -24.75 -41.93 25.53
C TYR A 321 -26.11 -42.11 24.85
N ASP A 322 -27.10 -41.41 25.37
CA ASP A 322 -28.43 -41.37 24.77
C ASP A 322 -28.68 -40.00 24.18
N PRO A 323 -28.70 -39.85 22.86
CA PRO A 323 -28.89 -38.52 22.26
C PRO A 323 -30.23 -37.90 22.57
N SER A 324 -31.23 -38.69 22.98
CA SER A 324 -32.57 -38.16 23.19
C SER A 324 -32.67 -37.32 24.46
N LYS A 325 -31.85 -37.59 25.48
CA LYS A 325 -31.91 -36.90 26.75
C LYS A 325 -30.72 -35.95 26.92
N ASP A 326 -30.89 -34.96 27.81
CA ASP A 326 -29.88 -33.92 27.95
C ASP A 326 -28.62 -34.46 28.62
N LEU A 327 -27.55 -33.70 28.46
CA LEU A 327 -26.27 -33.97 29.11
C LEU A 327 -26.15 -33.09 30.35
N ILE A 328 -25.72 -33.67 31.46
CA ILE A 328 -25.64 -32.97 32.74
C ILE A 328 -24.26 -33.19 33.32
N ALA A 329 -23.67 -32.12 33.88
CA ALA A 329 -22.38 -32.19 34.53
C ALA A 329 -22.45 -31.42 35.83
N GLU A 330 -22.02 -32.06 36.91
CA GLU A 330 -22.08 -31.48 38.23
C GLU A 330 -20.69 -31.48 38.83
N ILE A 331 -20.33 -30.39 39.49
CA ILE A 331 -18.98 -30.21 40.02
C ILE A 331 -19.08 -30.05 41.53
N GLN A 332 -18.05 -30.52 42.22
CA GLN A 332 -17.94 -30.39 43.66
C GLN A 332 -16.57 -29.81 44.01
N LYS A 333 -16.50 -29.16 45.17
CA LYS A 333 -15.23 -28.64 45.70
C LYS A 333 -14.58 -29.65 46.65
N GLN A 334 -13.70 -30.48 46.10
CA GLN A 334 -13.07 -31.48 46.96
C GLN A 334 -12.14 -30.93 48.02
N GLY A 335 -11.01 -30.40 47.56
CA GLY A 335 -9.96 -29.93 48.43
C GLY A 335 -9.53 -28.58 47.90
N GLN A 336 -8.50 -28.00 48.51
CA GLN A 336 -8.10 -26.65 48.15
C GLN A 336 -7.29 -26.74 46.87
N GLY A 337 -7.85 -26.20 45.78
CA GLY A 337 -7.25 -26.34 44.48
C GLY A 337 -7.66 -27.58 43.72
N GLN A 338 -8.58 -28.38 44.24
CA GLN A 338 -9.01 -29.61 43.59
C GLN A 338 -10.51 -29.55 43.34
N TRP A 339 -10.92 -30.15 42.22
CA TRP A 339 -12.33 -30.20 41.83
C TRP A 339 -12.59 -31.56 41.20
N THR A 340 -13.81 -32.05 41.36
CA THR A 340 -14.25 -33.26 40.70
C THR A 340 -15.58 -32.99 40.00
N TYR A 341 -15.90 -33.82 39.02
CA TYR A 341 -17.15 -33.69 38.30
C TYR A 341 -17.63 -35.06 37.84
N GLN A 342 -18.92 -35.12 37.56
CA GLN A 342 -19.58 -36.29 37.02
C GLN A 342 -20.46 -35.84 35.87
N ILE A 343 -20.36 -36.53 34.73
CA ILE A 343 -21.19 -36.25 33.57
C ILE A 343 -22.19 -37.39 33.46
N TYR A 344 -23.47 -37.05 33.39
CA TYR A 344 -24.51 -38.07 33.39
C TYR A 344 -25.75 -37.54 32.66
N GLN A 345 -26.67 -38.46 32.37
CA GLN A 345 -27.98 -38.09 31.85
C GLN A 345 -29.13 -38.48 32.76
N GLU A 346 -28.97 -39.57 33.53
CA GLU A 346 -29.89 -39.95 34.59
C GLU A 346 -29.13 -39.95 35.91
N PRO A 347 -29.80 -39.59 37.01
CA PRO A 347 -29.09 -39.46 38.30
C PRO A 347 -28.38 -40.75 38.70
N PHE A 348 -27.12 -40.60 39.10
CA PHE A 348 -26.23 -41.63 39.59
C PHE A 348 -25.77 -42.62 38.52
N LYS A 349 -26.17 -42.43 37.26
CA LYS A 349 -25.74 -43.25 36.15
C LYS A 349 -24.73 -42.43 35.34
N ASN A 350 -23.48 -42.41 35.82
CA ASN A 350 -22.45 -41.55 35.26
C ASN A 350 -21.96 -42.05 33.91
N LEU A 351 -21.98 -41.17 32.90
CA LEU A 351 -21.30 -41.47 31.65
C LEU A 351 -19.79 -41.54 31.85
N LYS A 352 -19.24 -40.59 32.62
CA LYS A 352 -17.83 -40.58 32.99
C LYS A 352 -17.65 -39.54 34.08
N THR A 353 -16.53 -39.64 34.79
CA THR A 353 -16.15 -38.67 35.80
C THR A 353 -14.79 -38.07 35.45
N GLY A 354 -14.27 -37.25 36.34
CA GLY A 354 -13.00 -36.60 36.10
C GLY A 354 -12.67 -35.64 37.23
N LYS A 355 -11.54 -34.96 37.07
CA LYS A 355 -11.06 -34.04 38.09
C LYS A 355 -10.29 -32.92 37.40
N TYR A 356 -10.28 -31.76 38.06
CA TYR A 356 -9.50 -30.62 37.59
C TYR A 356 -8.80 -30.02 38.79
N ALA A 357 -7.52 -29.77 38.70
CA ALA A 357 -6.83 -29.29 39.86
C ALA A 357 -5.74 -28.32 39.62
N ARG A 358 -5.66 -27.78 38.44
CA ARG A 358 -4.57 -26.91 38.14
C ARG A 358 -4.59 -25.67 38.92
N MET A 359 -3.43 -25.20 39.29
CA MET A 359 -3.37 -23.92 39.91
C MET A 359 -2.82 -23.00 38.88
N ARG A 360 -3.62 -22.04 38.50
CA ARG A 360 -3.22 -21.05 37.56
C ARG A 360 -3.05 -19.75 38.27
N GLY A 361 -1.81 -19.31 38.44
CA GLY A 361 -1.58 -18.04 39.06
C GLY A 361 -1.07 -18.08 40.45
N ALA A 362 -0.64 -16.92 40.92
CA ALA A 362 -0.14 -16.82 42.26
C ALA A 362 -1.32 -16.45 43.12
N HIS A 363 -2.26 -15.71 42.53
CA HIS A 363 -3.40 -15.26 43.32
C HIS A 363 -4.67 -15.65 42.57
N THR A 364 -5.59 -16.29 43.29
CA THR A 364 -6.82 -16.79 42.65
C THR A 364 -7.88 -16.96 43.73
N ASN A 365 -9.09 -17.30 43.28
CA ASN A 365 -10.19 -17.60 44.19
C ASN A 365 -10.96 -18.81 43.67
N ASP A 366 -11.96 -19.24 44.45
CA ASP A 366 -12.75 -20.40 44.08
C ASP A 366 -13.58 -20.15 42.83
N VAL A 367 -13.99 -18.90 42.61
CA VAL A 367 -14.83 -18.61 41.45
C VAL A 367 -14.03 -18.72 40.17
N LYS A 368 -12.78 -18.26 40.17
CA LYS A 368 -11.92 -18.43 39.02
C LYS A 368 -11.71 -19.91 38.71
N GLN A 369 -11.31 -20.70 39.73
CA GLN A 369 -11.05 -22.12 39.51
C GLN A 369 -12.30 -22.85 39.02
N LEU A 370 -13.47 -22.45 39.53
CA LEU A 370 -14.72 -23.05 39.05
C LEU A 370 -14.94 -22.75 37.57
N THR A 371 -14.67 -21.51 37.15
CA THR A 371 -14.79 -21.18 35.74
C THR A 371 -13.81 -21.96 34.88
N GLU A 372 -12.58 -22.13 35.34
CA GLU A 372 -11.62 -22.94 34.60
C GLU A 372 -12.09 -24.39 34.48
N ALA A 373 -12.71 -24.92 35.54
CA ALA A 373 -13.17 -26.30 35.51
C ALA A 373 -14.31 -26.47 34.51
N VAL A 374 -15.26 -25.54 34.51
CA VAL A 374 -16.38 -25.59 33.56
C VAL A 374 -15.85 -25.62 32.13
N GLN A 375 -14.85 -24.80 31.83
CA GLN A 375 -14.31 -24.76 30.47
C GLN A 375 -13.63 -26.07 30.12
N LYS A 376 -12.90 -26.66 31.07
CA LYS A 376 -12.27 -27.95 30.81
C LYS A 376 -13.31 -29.02 30.53
N ILE A 377 -14.42 -28.99 31.26
CA ILE A 377 -15.49 -29.96 31.02
C ILE A 377 -16.15 -29.70 29.68
N THR A 378 -16.37 -28.43 29.33
CA THR A 378 -17.00 -28.10 28.06
C THR A 378 -16.20 -28.64 26.89
N THR A 379 -14.91 -28.34 26.84
CA THR A 379 -14.07 -28.82 25.75
C THR A 379 -14.07 -30.34 25.70
N GLU A 380 -13.85 -30.98 26.86
CA GLU A 380 -13.86 -32.43 26.91
C GLU A 380 -15.18 -33.00 26.42
N SER A 381 -16.30 -32.35 26.79
CA SER A 381 -17.60 -32.81 26.36
C SER A 381 -17.80 -32.66 24.86
N ILE A 382 -17.35 -31.54 24.29
CA ILE A 382 -17.50 -31.32 22.86
C ILE A 382 -16.68 -32.34 22.08
N VAL A 383 -15.54 -32.76 22.62
CA VAL A 383 -14.74 -33.82 22.00
C VAL A 383 -15.55 -35.11 21.89
N ILE A 384 -16.21 -35.51 22.98
CA ILE A 384 -16.80 -36.84 23.06
C ILE A 384 -18.24 -36.87 22.54
N TRP A 385 -19.06 -35.89 22.91
CA TRP A 385 -20.45 -35.87 22.50
C TRP A 385 -20.80 -34.76 21.53
N GLY A 386 -19.89 -33.81 21.31
CA GLY A 386 -20.13 -32.71 20.40
C GLY A 386 -21.12 -31.68 20.91
N LYS A 387 -21.41 -31.66 22.21
CA LYS A 387 -22.31 -30.68 22.79
C LYS A 387 -21.81 -30.34 24.19
N THR A 388 -22.28 -29.19 24.71
CA THR A 388 -21.98 -28.70 26.05
C THR A 388 -23.05 -29.18 27.03
N PRO A 389 -22.67 -29.84 28.12
CA PRO A 389 -23.70 -30.27 29.07
C PRO A 389 -24.28 -29.07 29.79
N LYS A 390 -25.47 -29.25 30.33
CA LYS A 390 -26.00 -28.32 31.30
C LYS A 390 -25.29 -28.59 32.63
N PHE A 391 -25.04 -27.54 33.41
CA PHE A 391 -24.18 -27.62 34.57
C PHE A 391 -24.94 -27.40 35.87
N LYS A 392 -24.58 -28.20 36.88
CA LYS A 392 -25.05 -28.02 38.24
C LYS A 392 -23.87 -27.57 39.09
N LEU A 393 -23.91 -26.33 39.56
CA LEU A 393 -22.73 -25.74 40.16
C LEU A 393 -22.98 -25.41 41.64
N PRO A 394 -22.01 -25.67 42.54
CA PRO A 394 -22.14 -25.31 43.95
C PRO A 394 -21.85 -23.83 44.23
N ILE A 395 -22.42 -22.96 43.41
CA ILE A 395 -22.27 -21.52 43.57
C ILE A 395 -23.65 -20.88 43.43
N GLN A 396 -23.99 -19.99 44.36
CA GLN A 396 -25.27 -19.31 44.29
C GLN A 396 -25.37 -18.52 43.00
N LYS A 397 -26.60 -18.40 42.49
CA LYS A 397 -26.82 -17.57 41.31
C LYS A 397 -26.38 -16.14 41.56
N GLU A 398 -26.78 -15.59 42.70
CA GLU A 398 -26.41 -14.23 43.07
C GLU A 398 -24.91 -14.08 43.27
N THR A 399 -24.25 -15.11 43.81
CA THR A 399 -22.81 -15.05 43.97
C THR A 399 -22.13 -14.86 42.63
N TRP A 400 -22.51 -15.67 41.64
CA TRP A 400 -21.90 -15.57 40.31
C TRP A 400 -22.28 -14.28 39.60
N GLU A 401 -23.54 -13.86 39.74
CA GLU A 401 -23.95 -12.60 39.12
C GLU A 401 -23.13 -11.43 39.68
N THR A 402 -22.89 -11.43 40.99
CA THR A 402 -22.05 -10.39 41.59
C THR A 402 -20.65 -10.40 40.98
N TRP A 403 -20.10 -11.58 40.73
CA TRP A 403 -18.71 -11.68 40.29
C TRP A 403 -18.54 -11.19 38.86
N TRP A 404 -19.22 -11.85 37.91
CA TRP A 404 -18.94 -11.57 36.51
C TRP A 404 -19.35 -10.15 36.11
N THR A 405 -20.34 -9.58 36.80
CA THR A 405 -20.76 -8.22 36.44
C THR A 405 -19.74 -7.19 36.88
N GLU A 406 -19.01 -7.44 37.96
CA GLU A 406 -18.07 -6.46 38.49
C GLU A 406 -16.64 -6.72 38.05
N TYR A 407 -16.31 -7.94 37.62
CA TYR A 407 -14.97 -8.25 37.14
C TYR A 407 -14.67 -7.50 35.84
N TRP A 408 -13.42 -7.09 35.69
CA TRP A 408 -13.00 -6.31 34.52
C TRP A 408 -12.73 -7.18 33.30
N GLN A 409 -12.41 -8.46 33.49
CA GLN A 409 -12.25 -9.35 32.36
C GLN A 409 -13.62 -9.85 31.89
N ALA A 410 -13.66 -10.28 30.63
CA ALA A 410 -14.84 -10.97 30.13
C ALA A 410 -14.89 -12.37 30.72
N THR A 411 -16.04 -12.74 31.28
CA THR A 411 -16.19 -14.08 31.83
C THR A 411 -17.65 -14.52 31.71
N TRP A 412 -17.84 -15.82 31.52
CA TRP A 412 -19.17 -16.35 31.25
C TRP A 412 -19.16 -17.85 31.51
N ILE A 413 -20.32 -18.35 31.93
CA ILE A 413 -20.55 -19.76 32.19
C ILE A 413 -21.80 -20.16 31.41
N PRO A 414 -21.80 -21.30 30.70
CA PRO A 414 -22.98 -21.71 29.93
C PRO A 414 -24.19 -22.00 30.82
N GLU A 415 -25.30 -22.41 30.21
CA GLU A 415 -26.54 -22.66 30.94
C GLU A 415 -26.30 -23.60 32.13
N TRP A 416 -26.64 -23.11 33.32
CA TRP A 416 -26.36 -23.83 34.56
C TRP A 416 -27.44 -23.52 35.58
N GLU A 417 -27.44 -24.31 36.65
CA GLU A 417 -28.37 -24.12 37.76
C GLU A 417 -27.64 -24.39 39.07
N PHE A 418 -28.14 -23.79 40.14
CA PHE A 418 -27.50 -23.90 41.44
C PHE A 418 -27.86 -25.23 42.08
N VAL A 419 -26.87 -25.89 42.68
CA VAL A 419 -27.08 -27.12 43.44
C VAL A 419 -26.50 -26.89 44.83
N ASN A 420 -27.31 -27.15 45.86
CA ASN A 420 -26.92 -26.90 47.25
C ASN A 420 -26.17 -28.10 47.81
N THR A 421 -24.88 -28.16 47.49
CA THR A 421 -24.00 -29.22 47.96
C THR A 421 -22.79 -28.54 48.58
N PRO A 422 -22.75 -28.42 49.90
CA PRO A 422 -21.59 -27.81 50.54
C PRO A 422 -20.34 -28.62 50.27
N PRO A 423 -19.17 -27.97 50.25
CA PRO A 423 -18.94 -26.53 50.46
C PRO A 423 -19.32 -25.65 49.27
N LEU A 424 -20.05 -24.57 49.55
CA LEU A 424 -20.51 -23.66 48.50
C LEU A 424 -19.43 -22.66 48.14
N VAL A 425 -19.31 -22.36 46.86
CA VAL A 425 -18.35 -21.37 46.38
C VAL A 425 -18.95 -19.98 46.57
N LYS A 426 -18.22 -19.11 47.27
CA LYS A 426 -18.69 -17.75 47.49
C LYS A 426 -17.51 -16.79 47.51
N LEU A 427 -17.84 -15.49 47.40
CA LEU A 427 -16.86 -14.43 47.51
C LEU A 427 -16.70 -14.07 48.98
N TRP A 428 -15.45 -14.11 49.47
CA TRP A 428 -15.22 -13.95 50.90
C TRP A 428 -15.24 -12.50 51.36
N TYR A 429 -15.12 -11.53 50.45
CA TYR A 429 -15.22 -10.12 50.81
C TYR A 429 -15.56 -9.31 49.57
N GLN A 430 -16.13 -8.13 49.82
CA GLN A 430 -16.57 -7.22 48.77
C GLN A 430 -15.97 -5.85 49.04
N LEU A 431 -15.22 -5.31 48.07
CA LEU A 431 -14.72 -3.96 48.20
C LEU A 431 -15.83 -2.98 47.85
N GLU A 432 -16.01 -1.96 48.69
CA GLU A 432 -17.02 -0.95 48.44
C GLU A 432 -16.71 -0.14 47.19
N LYS A 433 -17.76 0.37 46.55
CA LYS A 433 -17.62 1.23 45.38
C LYS A 433 -17.54 2.71 45.74
N GLU A 434 -17.99 3.10 46.92
CA GLU A 434 -17.93 4.48 47.35
C GLU A 434 -17.28 4.58 48.71
N PRO A 435 -16.55 5.65 48.98
CA PRO A 435 -15.86 5.78 50.26
C PRO A 435 -16.85 5.75 51.42
N ILE A 436 -16.39 5.22 52.54
CA ILE A 436 -17.25 5.00 53.69
C ILE A 436 -17.25 6.25 54.56
N VAL A 437 -18.46 6.76 54.86
CA VAL A 437 -18.58 7.93 55.71
C VAL A 437 -18.32 7.55 57.16
N GLY A 438 -17.54 8.37 57.85
CA GLY A 438 -17.22 8.09 59.22
C GLY A 438 -16.15 7.05 59.45
N ALA A 439 -15.57 6.49 58.39
CA ALA A 439 -14.49 5.53 58.53
C ALA A 439 -13.15 6.25 58.43
N GLU A 440 -12.22 5.84 59.29
CA GLU A 440 -10.88 6.43 59.26
C GLU A 440 -10.23 6.19 57.91
N THR A 441 -9.52 7.20 57.42
CA THR A 441 -8.87 7.14 56.11
C THR A 441 -7.37 6.96 56.29
N PHE A 442 -6.83 5.91 55.68
CA PHE A 442 -5.43 5.55 55.83
C PHE A 442 -4.71 5.82 54.51
N TYR A 443 -3.70 6.67 54.55
CA TYR A 443 -2.85 6.92 53.39
C TYR A 443 -1.58 6.09 53.56
N VAL A 444 -1.45 5.03 52.76
CA VAL A 444 -0.36 4.07 52.93
C VAL A 444 0.64 4.25 51.80
N ASP A 445 1.89 3.89 52.08
CA ASP A 445 2.93 3.82 51.06
C ASP A 445 4.05 2.93 51.57
N GLY A 446 4.90 2.49 50.65
CA GLY A 446 6.03 1.67 51.00
C GLY A 446 7.10 1.78 49.94
N ALA A 447 8.35 1.71 50.38
CA ALA A 447 9.48 1.79 49.48
C ALA A 447 10.62 0.95 50.03
N ALA A 448 11.58 0.67 49.16
CA ALA A 448 12.75 -0.12 49.55
C ALA A 448 13.91 0.32 48.67
N ASN A 449 15.09 -0.16 49.03
CA ASN A 449 16.31 0.13 48.30
C ASN A 449 16.69 -1.12 47.52
N ARG A 450 17.14 -0.95 46.28
CA ARG A 450 17.47 -2.09 45.46
C ARG A 450 18.71 -2.76 45.94
N GLU A 451 19.63 -1.99 46.48
CA GLU A 451 20.91 -2.54 46.92
C GLU A 451 20.85 -3.09 48.35
N THR A 452 20.47 -2.25 49.32
CA THR A 452 20.44 -2.68 50.72
C THR A 452 19.36 -3.73 50.97
N LYS A 453 18.31 -3.77 50.16
CA LYS A 453 17.17 -4.66 50.34
C LYS A 453 16.41 -4.32 51.61
N LEU A 454 16.50 -3.07 52.06
CA LEU A 454 15.81 -2.59 53.24
C LEU A 454 14.76 -1.57 52.84
N GLY A 455 13.71 -1.48 53.65
CA GLY A 455 12.63 -0.56 53.33
C GLY A 455 11.72 -0.30 54.52
N LYS A 456 10.87 0.71 54.34
CA LYS A 456 9.83 1.05 55.30
C LYS A 456 8.45 0.91 54.67
N ALA A 457 7.45 0.82 55.55
CA ALA A 457 6.05 0.71 55.17
C ALA A 457 5.19 1.19 56.32
N GLY A 458 4.22 2.03 56.03
CA GLY A 458 3.39 2.57 57.07
C GLY A 458 2.25 3.38 56.50
N TYR A 459 1.71 4.26 57.34
CA TYR A 459 0.48 4.97 56.97
C TYR A 459 0.37 6.26 57.78
N VAL A 460 -0.50 7.14 57.31
CA VAL A 460 -0.90 8.35 58.01
C VAL A 460 -2.40 8.51 57.85
N THR A 461 -3.10 8.80 58.93
CA THR A 461 -4.55 8.88 58.88
C THR A 461 -5.02 10.31 59.11
N ASN A 462 -6.32 10.50 58.89
CA ASN A 462 -6.96 11.79 59.09
C ASN A 462 -7.20 12.09 60.56
N LYS A 463 -7.15 11.09 61.43
CA LYS A 463 -7.30 11.25 62.86
C LYS A 463 -5.95 11.40 63.58
N GLY A 464 -4.86 11.61 62.83
CA GLY A 464 -3.55 11.77 63.42
C GLY A 464 -2.77 10.48 63.63
N ARG A 465 -3.40 9.34 63.43
CA ARG A 465 -2.72 8.06 63.60
C ARG A 465 -1.61 7.91 62.58
N GLN A 466 -0.58 7.16 62.95
CA GLN A 466 0.62 7.03 62.14
C GLN A 466 1.37 5.78 62.56
N LYS A 467 2.11 5.20 61.62
CA LYS A 467 3.01 4.09 61.93
C LYS A 467 4.00 3.99 60.78
N VAL A 468 5.24 3.62 61.11
CA VAL A 468 6.27 3.27 60.14
C VAL A 468 7.06 2.07 60.66
N VAL A 469 7.28 1.08 59.81
CA VAL A 469 7.92 -0.15 60.24
C VAL A 469 9.15 -0.43 59.37
N PRO A 470 10.31 -0.69 59.96
CA PRO A 470 11.48 -1.05 59.14
C PRO A 470 11.38 -2.49 58.67
N LEU A 471 11.80 -2.73 57.44
CA LEU A 471 11.70 -4.03 56.80
C LEU A 471 13.05 -4.44 56.22
N THR A 472 13.40 -5.71 56.40
CA THR A 472 14.69 -6.22 55.95
C THR A 472 14.48 -7.33 54.93
N ASN A 473 15.30 -7.31 53.87
CA ASN A 473 15.25 -8.27 52.78
C ASN A 473 13.87 -8.28 52.13
N THR A 474 13.59 -7.18 51.43
CA THR A 474 12.28 -6.94 50.85
C THR A 474 12.44 -6.24 49.50
N THR A 475 11.31 -5.98 48.83
CA THR A 475 11.29 -5.27 47.57
C THR A 475 10.28 -4.13 47.63
N ASN A 476 10.25 -3.32 46.57
CA ASN A 476 9.31 -2.21 46.51
C ASN A 476 7.87 -2.71 46.56
N GLN A 477 7.60 -3.84 45.90
CA GLN A 477 6.23 -4.36 45.86
C GLN A 477 5.82 -4.93 47.21
N LYS A 478 6.70 -5.69 47.87
CA LYS A 478 6.36 -6.26 49.16
C LYS A 478 6.09 -5.19 50.21
N THR A 479 6.74 -4.03 50.09
CA THR A 479 6.51 -2.96 51.07
C THR A 479 5.16 -2.31 50.87
N GLU A 480 4.82 -2.04 49.61
CA GLU A 480 3.52 -1.45 49.28
C GLU A 480 2.39 -2.37 49.71
N LEU A 481 2.60 -3.69 49.65
CA LEU A 481 1.63 -4.63 50.21
C LEU A 481 1.65 -4.58 51.73
N GLN A 482 2.84 -4.51 52.33
CA GLN A 482 2.94 -4.47 53.78
C GLN A 482 2.25 -3.24 54.35
N ALA A 483 2.35 -2.10 53.65
CA ALA A 483 1.70 -0.89 54.12
C ALA A 483 0.18 -1.05 54.17
N ILE A 484 -0.37 -1.80 53.22
CA ILE A 484 -1.81 -2.03 53.23
C ILE A 484 -2.18 -3.01 54.33
N TYR A 485 -1.33 -4.02 54.56
CA TYR A 485 -1.54 -4.95 55.66
C TYR A 485 -1.55 -4.23 57.01
N LEU A 486 -0.68 -3.23 57.17
CA LEU A 486 -0.64 -2.50 58.43
C LEU A 486 -1.92 -1.71 58.63
N ALA A 487 -2.37 -1.00 57.60
CA ALA A 487 -3.61 -0.22 57.71
C ALA A 487 -4.79 -1.11 58.06
N LEU A 488 -4.79 -2.35 57.58
CA LEU A 488 -5.88 -3.27 57.90
C LEU A 488 -5.80 -3.72 59.35
N GLN A 489 -4.57 -3.94 59.86
CA GLN A 489 -4.41 -4.39 61.23
C GLN A 489 -4.90 -3.33 62.21
N ASP A 490 -4.44 -2.09 62.04
CA ASP A 490 -4.66 -1.03 63.02
C ASP A 490 -5.91 -0.21 62.74
N SER A 491 -6.90 -0.77 62.04
CA SER A 491 -8.12 -0.05 61.75
C SER A 491 -9.34 -0.77 62.32
N GLY A 492 -10.46 -0.07 62.34
CA GLY A 492 -11.71 -0.64 62.81
C GLY A 492 -12.34 -1.55 61.78
N LEU A 493 -13.64 -1.77 61.94
CA LEU A 493 -14.37 -2.64 61.02
C LEU A 493 -14.62 -1.98 59.67
N GLU A 494 -14.63 -0.65 59.61
CA GLU A 494 -14.79 0.09 58.37
C GLU A 494 -13.58 1.00 58.19
N VAL A 495 -12.95 0.92 57.02
CA VAL A 495 -11.68 1.61 56.79
C VAL A 495 -11.59 2.02 55.33
N ASN A 496 -11.15 3.26 55.09
CA ASN A 496 -10.81 3.72 53.74
C ASN A 496 -9.30 3.73 53.60
N ILE A 497 -8.80 3.16 52.51
CA ILE A 497 -7.36 2.99 52.29
C ILE A 497 -6.98 3.58 50.96
N VAL A 498 -5.98 4.44 50.95
CA VAL A 498 -5.50 5.13 49.76
C VAL A 498 -4.05 4.72 49.53
N THR A 499 -3.77 4.16 48.34
CA THR A 499 -2.43 3.74 47.99
C THR A 499 -2.06 4.29 46.61
N ASN A 500 -0.78 4.24 46.29
CA ASN A 500 -0.29 4.61 44.96
C ASN A 500 0.31 3.41 44.24
N SER A 501 0.02 2.21 44.71
CA SER A 501 0.60 0.99 44.18
C SER A 501 -0.41 0.35 43.24
N GLN A 502 -0.15 0.41 41.93
CA GLN A 502 -0.99 -0.35 41.02
C GLN A 502 -0.82 -1.85 41.23
N TYR A 503 0.39 -2.29 41.60
CA TYR A 503 0.63 -3.70 41.82
C TYR A 503 -0.26 -4.23 42.95
N ALA A 504 -0.26 -3.55 44.09
CA ALA A 504 -1.08 -4.00 45.21
C ALA A 504 -2.57 -3.92 44.88
N LEU A 505 -3.00 -2.85 44.21
CA LEU A 505 -4.42 -2.69 43.91
C LEU A 505 -4.92 -3.72 42.89
N GLY A 506 -4.06 -4.12 41.95
CA GLY A 506 -4.49 -5.11 40.98
C GLY A 506 -4.71 -6.48 41.58
N ILE A 507 -4.04 -6.78 42.69
CA ILE A 507 -4.17 -8.09 43.31
C ILE A 507 -5.43 -8.15 44.17
N ILE A 508 -5.70 -7.09 44.93
CA ILE A 508 -6.81 -7.13 45.89
C ILE A 508 -8.15 -7.02 45.18
N GLN A 509 -8.24 -6.17 44.15
CA GLN A 509 -9.49 -5.99 43.44
C GLN A 509 -9.97 -7.29 42.79
N ALA A 510 -9.05 -8.21 42.48
CA ALA A 510 -9.42 -9.51 41.92
C ALA A 510 -10.06 -10.44 42.95
N GLN A 511 -10.32 -9.96 44.16
CA GLN A 511 -10.96 -10.69 45.24
C GLN A 511 -10.39 -12.12 45.38
N PRO A 512 -9.09 -12.26 45.63
CA PRO A 512 -8.54 -13.61 45.83
C PRO A 512 -8.81 -14.13 47.23
N ASP A 513 -8.98 -15.45 47.31
CA ASP A 513 -9.09 -16.12 48.60
C ASP A 513 -7.92 -17.05 48.88
N LYS A 514 -6.99 -17.21 47.94
CA LYS A 514 -5.79 -17.98 48.17
C LYS A 514 -4.64 -17.34 47.41
N SER A 515 -3.43 -17.58 47.90
CA SER A 515 -2.26 -16.98 47.27
C SER A 515 -1.03 -17.80 47.64
N GLU A 516 -0.02 -17.72 46.77
CA GLU A 516 1.26 -18.34 47.02
C GLU A 516 2.11 -17.52 47.97
N SER A 517 1.74 -16.26 48.20
CA SER A 517 2.46 -15.37 49.09
C SER A 517 1.77 -15.28 50.44
N GLU A 518 2.54 -15.51 51.51
CA GLU A 518 1.96 -15.44 52.84
C GLU A 518 1.48 -14.03 53.19
N LEU A 519 2.13 -13.01 52.64
CA LEU A 519 1.70 -11.65 52.93
C LEU A 519 0.31 -11.40 52.33
N VAL A 520 0.06 -11.93 51.14
CA VAL A 520 -1.26 -11.79 50.55
C VAL A 520 -2.31 -12.54 51.37
N ASN A 521 -1.99 -13.76 51.82
CA ASN A 521 -2.92 -14.52 52.63
C ASN A 521 -3.25 -13.82 53.95
N GLN A 522 -2.28 -13.11 54.51
CA GLN A 522 -2.54 -12.34 55.73
C GLN A 522 -3.41 -11.13 55.42
N ILE A 523 -3.21 -10.52 54.25
CA ILE A 523 -4.05 -9.42 53.83
C ILE A 523 -5.48 -9.90 53.59
N ILE A 524 -5.61 -11.06 52.94
CA ILE A 524 -6.93 -11.65 52.72
C ILE A 524 -7.63 -11.91 54.05
N GLU A 525 -6.91 -12.48 55.00
CA GLU A 525 -7.52 -12.82 56.29
C GLU A 525 -8.01 -11.57 57.02
N GLN A 526 -7.29 -10.46 56.88
CA GLN A 526 -7.74 -9.23 57.49
C GLN A 526 -8.91 -8.63 56.71
N LEU A 527 -8.95 -8.85 55.39
CA LEU A 527 -10.06 -8.34 54.60
C LEU A 527 -11.38 -9.03 54.93
N ILE A 528 -11.33 -10.33 55.24
CA ILE A 528 -12.54 -11.06 55.60
C ILE A 528 -13.11 -10.58 56.93
N LYS A 529 -12.24 -10.18 57.87
CA LYS A 529 -12.72 -9.73 59.18
C LYS A 529 -13.42 -8.38 59.11
N LYS A 530 -13.19 -7.60 58.07
CA LYS A 530 -13.77 -6.27 57.97
C LYS A 530 -15.21 -6.35 57.48
N GLU A 531 -15.97 -5.30 57.80
CA GLU A 531 -17.33 -5.14 57.30
C GLU A 531 -17.39 -4.29 56.03
N LYS A 532 -16.62 -3.22 55.97
CA LYS A 532 -16.58 -2.35 54.80
C LYS A 532 -15.14 -1.93 54.56
N VAL A 533 -14.67 -2.10 53.32
CA VAL A 533 -13.32 -1.71 52.93
C VAL A 533 -13.40 -0.99 51.60
N TYR A 534 -12.83 0.20 51.54
CA TYR A 534 -12.75 0.98 50.31
C TYR A 534 -11.30 1.21 49.96
N LEU A 535 -10.89 0.75 48.79
CA LEU A 535 -9.55 0.97 48.28
C LEU A 535 -9.60 2.03 47.19
N ALA A 536 -8.54 2.84 47.12
CA ALA A 536 -8.47 3.89 46.11
C ALA A 536 -7.01 4.07 45.71
N TRP A 537 -6.82 4.57 44.48
CA TRP A 537 -5.49 4.76 43.93
C TRP A 537 -5.30 6.24 43.60
N VAL A 538 -4.12 6.75 43.91
CA VAL A 538 -3.75 8.13 43.56
C VAL A 538 -2.36 8.07 42.93
N PRO A 539 -2.06 8.93 41.96
CA PRO A 539 -0.70 8.96 41.41
C PRO A 539 0.31 9.44 42.45
N ALA A 540 1.45 8.78 42.48
CA ALA A 540 2.49 9.13 43.43
C ALA A 540 3.27 10.35 42.95
N HIS A 541 4.00 10.97 43.88
CA HIS A 541 4.86 12.12 43.57
C HIS A 541 4.09 13.30 43.00
N LYS A 542 2.81 13.40 43.31
CA LYS A 542 1.98 14.51 42.86
C LYS A 542 1.52 15.40 44.02
N GLY A 543 2.06 15.18 45.22
CA GLY A 543 1.71 15.97 46.39
C GLY A 543 0.26 15.81 46.76
N ILE A 544 -0.20 14.56 46.82
CA ILE A 544 -1.60 14.24 47.05
C ILE A 544 -1.80 13.85 48.51
N GLY A 545 -2.64 14.61 49.19
CA GLY A 545 -3.09 14.31 50.55
C GLY A 545 -1.97 13.98 51.51
N GLY A 546 -2.18 12.93 52.31
CA GLY A 546 -1.14 12.36 53.13
C GLY A 546 -0.30 11.32 52.44
N ASN A 547 -0.60 11.04 51.17
CA ASN A 547 0.20 10.09 50.41
C ASN A 547 1.59 10.63 50.13
N GLU A 548 1.73 11.95 50.02
CA GLU A 548 3.06 12.55 49.94
C GLU A 548 3.73 12.64 51.30
N GLN A 549 2.94 12.78 52.37
CA GLN A 549 3.52 12.81 53.71
C GLN A 549 4.04 11.43 54.11
N VAL A 550 3.30 10.38 53.74
CA VAL A 550 3.76 9.02 54.04
C VAL A 550 4.75 8.50 53.02
N ASP A 551 4.83 9.11 51.84
CA ASP A 551 5.90 8.79 50.90
C ASP A 551 7.24 9.27 51.42
N LYS A 552 7.26 10.40 52.13
CA LYS A 552 8.49 10.94 52.69
C LYS A 552 8.93 10.23 53.98
N LEU A 553 8.02 9.54 54.67
CA LEU A 553 8.41 8.81 55.86
C LEU A 553 9.02 7.46 55.51
N VAL A 554 8.51 6.81 54.47
CA VAL A 554 8.99 5.52 54.01
C VAL A 554 9.97 5.66 52.86
N SER A 555 10.54 6.86 52.67
CA SER A 555 11.44 7.12 51.54
C SER A 555 12.69 6.25 51.59
N ALA A 556 13.38 6.22 52.72
CA ALA A 556 14.59 5.41 52.82
C ALA A 556 14.27 3.93 53.00
N PRO B 4 -10.19 -24.31 -18.09
CA PRO B 4 -9.28 -23.86 -19.16
C PRO B 4 -8.67 -22.50 -18.86
N ILE B 5 -8.67 -22.11 -17.60
CA ILE B 5 -8.13 -20.82 -17.17
C ILE B 5 -6.69 -21.01 -16.69
N GLU B 6 -5.83 -20.05 -17.01
CA GLU B 6 -4.44 -20.08 -16.58
C GLU B 6 -4.30 -19.73 -15.11
N THR B 7 -3.44 -20.45 -14.41
CA THR B 7 -3.25 -20.24 -12.97
C THR B 7 -2.20 -19.17 -12.72
N VAL B 8 -2.49 -18.26 -11.80
CA VAL B 8 -1.55 -17.22 -11.38
C VAL B 8 -0.54 -17.84 -10.42
N PRO B 9 0.76 -17.78 -10.70
CA PRO B 9 1.73 -18.41 -9.80
C PRO B 9 1.88 -17.63 -8.50
N VAL B 10 1.81 -18.35 -7.38
CA VAL B 10 1.90 -17.76 -6.05
C VAL B 10 3.01 -18.47 -5.29
N LYS B 11 3.70 -17.70 -4.42
CA LYS B 11 4.76 -18.25 -3.59
C LYS B 11 4.67 -17.64 -2.19
N LEU B 12 5.05 -18.43 -1.19
CA LEU B 12 5.20 -17.92 0.16
C LEU B 12 6.29 -16.84 0.22
N LYS B 13 6.33 -16.13 1.33
CA LYS B 13 7.41 -15.17 1.54
C LYS B 13 8.71 -15.91 1.81
N PRO B 14 9.84 -15.33 1.42
CA PRO B 14 11.11 -16.09 1.44
C PRO B 14 11.45 -16.55 2.85
N GLY B 15 11.91 -17.79 2.96
CA GLY B 15 12.35 -18.28 4.25
C GLY B 15 11.20 -18.55 5.21
N MET B 16 10.09 -19.11 4.71
CA MET B 16 8.97 -19.43 5.59
C MET B 16 8.19 -20.61 5.04
N ASP B 17 7.83 -21.52 5.93
CA ASP B 17 7.08 -22.73 5.58
C ASP B 17 5.58 -22.47 5.67
N GLY B 18 4.79 -23.45 5.23
CA GLY B 18 3.36 -23.33 5.27
C GLY B 18 2.82 -23.42 6.69
N PRO B 19 1.53 -23.18 6.86
CA PRO B 19 0.92 -23.23 8.19
C PRO B 19 0.75 -24.66 8.69
N LYS B 20 0.99 -24.85 9.99
CA LYS B 20 0.83 -26.15 10.66
C LYS B 20 0.11 -25.90 11.98
N VAL B 21 -1.21 -25.69 11.89
CA VAL B 21 -2.05 -25.38 13.04
C VAL B 21 -3.03 -26.55 13.22
N LYS B 22 -3.15 -27.01 14.46
CA LYS B 22 -4.01 -28.14 14.78
C LYS B 22 -5.48 -27.74 14.71
N GLN B 23 -6.34 -28.72 14.39
CA GLN B 23 -7.77 -28.49 14.36
C GLN B 23 -8.37 -28.60 15.76
N TRP B 24 -9.10 -27.57 16.17
CA TRP B 24 -9.74 -27.58 17.47
C TRP B 24 -11.01 -28.43 17.43
N PRO B 25 -11.57 -28.76 18.59
CA PRO B 25 -12.79 -29.59 18.58
C PRO B 25 -14.00 -28.80 18.09
N LEU B 26 -14.85 -29.49 17.32
CA LEU B 26 -16.02 -28.89 16.73
C LEU B 26 -17.28 -29.55 17.29
N THR B 27 -18.38 -28.79 17.29
CA THR B 27 -19.65 -29.32 17.76
C THR B 27 -20.26 -30.23 16.69
N GLU B 28 -21.35 -30.91 17.06
CA GLU B 28 -22.00 -31.82 16.12
C GLU B 28 -22.64 -31.07 14.96
N GLU B 29 -23.41 -30.03 15.25
CA GLU B 29 -24.09 -29.27 14.20
C GLU B 29 -23.10 -28.67 13.22
N LYS B 30 -21.87 -28.40 13.66
CA LYS B 30 -20.85 -27.85 12.76
C LYS B 30 -20.26 -28.94 11.88
N ILE B 31 -19.93 -30.10 12.45
CA ILE B 31 -19.32 -31.17 11.66
C ILE B 31 -20.27 -31.66 10.58
N LYS B 32 -21.56 -31.84 10.92
CA LYS B 32 -22.52 -32.25 9.90
C LYS B 32 -22.64 -31.22 8.80
N ALA B 33 -22.48 -29.93 9.13
CA ALA B 33 -22.57 -28.91 8.10
C ALA B 33 -21.33 -28.92 7.21
N LEU B 34 -20.15 -29.18 7.79
CA LEU B 34 -18.94 -29.22 6.99
C LEU B 34 -18.91 -30.45 6.08
N VAL B 35 -19.36 -31.60 6.60
CA VAL B 35 -19.40 -32.81 5.78
C VAL B 35 -20.24 -32.58 4.52
N GLU B 36 -21.48 -32.13 4.69
CA GLU B 36 -22.36 -31.90 3.53
C GLU B 36 -21.74 -30.92 2.55
N ILE B 37 -21.20 -29.81 3.04
CA ILE B 37 -20.58 -28.83 2.16
C ILE B 37 -19.38 -29.44 1.46
N CYS B 38 -18.49 -30.08 2.23
CA CYS B 38 -17.26 -30.61 1.65
C CYS B 38 -17.56 -31.70 0.63
N THR B 39 -18.51 -32.58 0.94
CA THR B 39 -18.92 -33.60 -0.03
C THR B 39 -19.45 -32.94 -1.30
N GLU B 40 -20.22 -31.86 -1.16
CA GLU B 40 -20.72 -31.14 -2.34
C GLU B 40 -19.58 -30.48 -3.11
N MET B 41 -18.72 -29.76 -2.40
CA MET B 41 -17.58 -29.11 -3.04
C MET B 41 -16.63 -30.12 -3.69
N GLU B 42 -16.49 -31.32 -3.11
CA GLU B 42 -15.72 -32.35 -3.78
C GLU B 42 -16.40 -32.80 -5.07
N LYS B 43 -17.73 -32.91 -5.06
CA LYS B 43 -18.46 -33.33 -6.25
C LYS B 43 -18.40 -32.29 -7.37
N GLU B 44 -18.28 -31.00 -7.02
CA GLU B 44 -18.07 -29.97 -8.03
C GLU B 44 -16.59 -29.71 -8.28
N GLY B 45 -15.71 -30.59 -7.81
CA GLY B 45 -14.30 -30.46 -8.07
C GLY B 45 -13.59 -29.30 -7.40
N LYS B 46 -14.25 -28.59 -6.48
CA LYS B 46 -13.61 -27.47 -5.80
C LYS B 46 -12.53 -27.95 -4.83
N ILE B 47 -12.69 -29.13 -4.23
CA ILE B 47 -11.71 -29.69 -3.31
C ILE B 47 -11.49 -31.16 -3.66
N SER B 48 -10.41 -31.71 -3.11
CA SER B 48 -10.06 -33.11 -3.31
C SER B 48 -9.36 -33.64 -2.07
N LYS B 49 -9.57 -34.92 -1.79
CA LYS B 49 -9.01 -35.54 -0.59
C LYS B 49 -7.50 -35.69 -0.73
N ILE B 50 -6.80 -35.57 0.41
CA ILE B 50 -5.34 -35.70 0.45
C ILE B 50 -4.94 -36.71 1.51
N GLY B 51 -3.64 -36.83 1.77
CA GLY B 51 -3.13 -37.79 2.72
C GLY B 51 -2.15 -37.17 3.71
N PRO B 52 -1.53 -38.02 4.55
CA PRO B 52 -0.62 -37.51 5.59
C PRO B 52 0.69 -36.95 5.04
N GLU B 53 1.03 -37.22 3.78
CA GLU B 53 2.27 -36.70 3.22
C GLU B 53 2.29 -35.19 3.16
N ASN B 54 1.13 -34.55 3.28
CA ASN B 54 1.03 -33.09 3.33
C ASN B 54 1.20 -32.63 4.77
N PRO B 55 2.32 -32.01 5.14
CA PRO B 55 2.55 -31.63 6.55
C PRO B 55 1.81 -30.38 6.99
N TYR B 56 1.05 -29.74 6.10
CA TYR B 56 0.36 -28.49 6.40
C TYR B 56 -1.10 -28.73 6.75
N ASN B 57 -1.64 -27.86 7.60
CA ASN B 57 -3.04 -27.93 8.00
C ASN B 57 -3.48 -26.57 8.51
N THR B 58 -4.77 -26.29 8.36
CA THR B 58 -5.40 -25.06 8.77
C THR B 58 -6.74 -25.37 9.43
N PRO B 59 -7.05 -24.74 10.55
CA PRO B 59 -8.34 -25.00 11.21
C PRO B 59 -9.52 -24.62 10.34
N VAL B 60 -10.64 -25.31 10.56
CA VAL B 60 -11.88 -25.11 9.82
C VAL B 60 -13.06 -25.23 10.77
N PHE B 61 -14.03 -24.34 10.63
CA PHE B 61 -15.29 -24.43 11.34
C PHE B 61 -16.36 -23.74 10.49
N ALA B 62 -17.59 -23.73 11.01
CA ALA B 62 -18.72 -23.20 10.26
C ALA B 62 -19.41 -22.12 11.09
N ILE B 63 -20.09 -21.22 10.38
CA ILE B 63 -20.76 -20.08 10.99
C ILE B 63 -22.15 -19.91 10.36
N LYS B 64 -22.93 -19.01 10.95
CA LYS B 64 -24.19 -18.55 10.38
C LYS B 64 -24.20 -17.03 10.48
N LYS B 65 -24.24 -16.36 9.33
CA LYS B 65 -24.24 -14.92 9.28
C LYS B 65 -25.48 -14.39 10.02
N LYS B 66 -25.48 -13.09 10.29
CA LYS B 66 -26.60 -12.48 11.01
C LYS B 66 -27.91 -12.70 10.26
N ASP B 67 -28.88 -13.32 10.95
CA ASP B 67 -30.20 -13.58 10.36
C ASP B 67 -30.10 -14.48 9.13
N SER B 68 -29.25 -15.50 9.22
CA SER B 68 -29.10 -16.50 8.18
C SER B 68 -29.33 -17.90 8.74
N THR B 69 -29.97 -18.74 7.93
CA THR B 69 -30.26 -20.11 8.34
C THR B 69 -29.26 -21.10 7.77
N LYS B 70 -28.62 -20.75 6.66
CA LYS B 70 -27.67 -21.64 6.02
C LYS B 70 -26.29 -21.49 6.66
N TRP B 71 -25.62 -22.62 6.85
CA TRP B 71 -24.27 -22.66 7.35
C TRP B 71 -23.30 -22.17 6.29
N ARG B 72 -22.12 -21.76 6.74
CA ARG B 72 -21.08 -21.25 5.84
C ARG B 72 -19.76 -21.82 6.31
N LYS B 73 -19.01 -22.38 5.37
CA LYS B 73 -17.71 -22.94 5.69
C LYS B 73 -16.73 -21.80 5.87
N LEU B 74 -15.94 -21.87 6.93
CA LEU B 74 -14.98 -20.81 7.23
C LEU B 74 -13.66 -21.47 7.60
N VAL B 75 -12.57 -20.96 7.01
CA VAL B 75 -11.24 -21.48 7.24
C VAL B 75 -10.42 -20.38 7.90
N ASP B 76 -9.62 -20.77 8.90
CA ASP B 76 -8.81 -19.83 9.66
C ASP B 76 -7.45 -19.66 8.99
N PHE B 77 -7.43 -18.90 7.89
CA PHE B 77 -6.21 -18.79 7.10
C PHE B 77 -5.33 -17.65 7.60
N ARG B 78 -5.55 -17.20 8.84
CA ARG B 78 -4.72 -16.15 9.42
C ARG B 78 -3.23 -16.50 9.36
N GLU B 79 -2.90 -17.77 9.58
CA GLU B 79 -1.49 -18.18 9.54
C GLU B 79 -0.96 -18.23 8.11
N LEU B 80 -1.78 -18.69 7.17
CA LEU B 80 -1.38 -18.70 5.78
C LEU B 80 -1.27 -17.28 5.23
N ASN B 81 -2.19 -16.40 5.60
CA ASN B 81 -2.14 -15.02 5.12
C ASN B 81 -0.91 -14.29 5.62
N LYS B 82 -0.47 -14.58 6.86
CA LYS B 82 0.78 -13.99 7.32
C LYS B 82 1.97 -14.47 6.49
N ARG B 83 1.90 -15.70 5.98
CA ARG B 83 3.01 -16.31 5.28
C ARG B 83 2.92 -16.13 3.77
N THR B 84 1.99 -15.28 3.31
CA THR B 84 1.92 -14.89 1.90
C THR B 84 1.69 -13.38 1.78
N GLN B 85 2.17 -12.61 2.77
CA GLN B 85 1.81 -11.20 2.85
C GLN B 85 2.38 -10.36 1.70
N ASP B 86 3.53 -10.76 1.16
CA ASP B 86 4.17 -9.98 0.11
C ASP B 86 3.42 -10.07 -1.22
N PHE B 87 2.55 -11.05 -1.39
CA PHE B 87 1.86 -11.23 -2.66
C PHE B 87 0.74 -10.19 -2.80
N TRP B 88 -0.19 -10.17 -1.85
CA TRP B 88 -1.40 -9.35 -1.94
C TRP B 88 -1.18 -7.89 -1.49
N GLU B 89 0.06 -7.44 -1.34
CA GLU B 89 0.33 -6.06 -0.93
C GLU B 89 1.29 -5.37 -1.89
N VAL B 90 2.21 -6.12 -2.48
CA VAL B 90 3.24 -5.54 -3.32
C VAL B 90 2.87 -5.70 -4.79
N GLN B 91 2.61 -6.93 -5.21
CA GLN B 91 2.38 -7.21 -6.64
C GLN B 91 0.95 -6.85 -7.03
N LEU B 92 -0.06 -7.41 -6.35
CA LEU B 92 -1.45 -7.20 -6.72
C LEU B 92 -2.25 -6.55 -5.61
N GLY B 93 -1.86 -5.34 -5.21
CA GLY B 93 -2.57 -4.63 -4.17
C GLY B 93 -3.87 -4.00 -4.65
N ILE B 94 -4.77 -3.75 -3.70
CA ILE B 94 -6.06 -3.15 -3.97
C ILE B 94 -6.08 -1.77 -3.33
N PRO B 95 -6.36 -0.70 -4.08
CA PRO B 95 -6.43 0.63 -3.46
C PRO B 95 -7.65 0.77 -2.57
N HIS B 96 -7.53 1.62 -1.55
CA HIS B 96 -8.61 1.83 -0.60
C HIS B 96 -9.23 3.21 -0.81
N PRO B 97 -10.52 3.27 -1.15
CA PRO B 97 -11.17 4.57 -1.40
C PRO B 97 -11.43 5.32 -0.11
N ALA B 98 -10.80 6.49 0.02
CA ALA B 98 -10.99 7.31 1.21
C ALA B 98 -12.38 7.91 1.31
N GLY B 99 -13.20 7.78 0.26
CA GLY B 99 -14.57 8.25 0.27
C GLY B 99 -15.59 7.24 0.73
N LEU B 100 -15.17 5.98 0.94
CA LEU B 100 -16.11 4.96 1.37
C LEU B 100 -16.67 5.28 2.75
N LYS B 101 -15.83 5.80 3.63
CA LYS B 101 -16.25 6.13 5.00
C LYS B 101 -17.12 7.38 5.06
N LYS B 102 -17.23 8.14 3.98
CA LYS B 102 -18.04 9.36 3.99
C LYS B 102 -19.44 9.17 3.43
N LYS B 103 -19.79 7.96 2.99
CA LYS B 103 -21.10 7.70 2.40
C LYS B 103 -22.18 7.59 3.47
N LYS B 104 -23.40 7.94 3.07
CA LYS B 104 -24.54 7.86 3.99
C LYS B 104 -24.93 6.42 4.28
N SER B 105 -24.69 5.51 3.34
CA SER B 105 -25.07 4.12 3.51
C SER B 105 -24.11 3.22 2.74
N VAL B 106 -23.56 2.21 3.42
CA VAL B 106 -22.66 1.23 2.83
C VAL B 106 -23.22 -0.16 3.10
N THR B 107 -23.23 -1.00 2.07
CA THR B 107 -23.78 -2.35 2.15
C THR B 107 -22.68 -3.36 1.82
N VAL B 108 -22.70 -4.50 2.52
CA VAL B 108 -21.70 -5.55 2.36
C VAL B 108 -22.35 -6.72 1.62
N LEU B 109 -21.60 -7.32 0.70
CA LEU B 109 -22.11 -8.40 -0.13
C LEU B 109 -21.09 -9.54 -0.13
N ASP B 110 -21.52 -10.72 0.28
CA ASP B 110 -20.64 -11.89 0.24
C ASP B 110 -20.49 -12.34 -1.21
N VAL B 111 -19.30 -12.17 -1.78
CA VAL B 111 -19.01 -12.59 -3.15
C VAL B 111 -18.03 -13.77 -3.16
N GLY B 112 -17.96 -14.51 -2.06
CA GLY B 112 -16.99 -15.60 -1.97
C GLY B 112 -17.24 -16.73 -2.94
N ASP B 113 -18.49 -16.92 -3.36
CA ASP B 113 -18.81 -18.01 -4.27
C ASP B 113 -18.17 -17.83 -5.64
N ALA B 114 -17.81 -16.59 -6.00
CA ALA B 114 -17.20 -16.36 -7.30
C ALA B 114 -15.77 -16.88 -7.39
N TYR B 115 -15.06 -16.92 -6.27
CA TYR B 115 -13.68 -17.38 -6.28
C TYR B 115 -13.55 -18.85 -6.66
N PHE B 116 -14.63 -19.62 -6.56
CA PHE B 116 -14.57 -21.03 -6.95
C PHE B 116 -14.50 -21.23 -8.46
N SER B 117 -14.61 -20.16 -9.24
CA SER B 117 -14.57 -20.25 -10.70
C SER B 117 -13.14 -20.22 -11.24
N VAL B 118 -12.17 -19.81 -10.44
CA VAL B 118 -10.78 -19.65 -10.87
C VAL B 118 -9.97 -20.77 -10.23
N PRO B 119 -9.24 -21.57 -11.02
CA PRO B 119 -8.36 -22.58 -10.43
C PRO B 119 -7.18 -21.97 -9.70
N LEU B 120 -6.65 -22.71 -8.74
CA LEU B 120 -5.50 -22.30 -7.96
C LEU B 120 -4.23 -22.88 -8.58
N ASP B 121 -3.10 -22.23 -8.32
CA ASP B 121 -1.81 -22.74 -8.75
C ASP B 121 -1.54 -24.12 -8.16
N GLU B 122 -1.06 -25.05 -8.99
CA GLU B 122 -0.87 -26.43 -8.54
C GLU B 122 0.16 -26.51 -7.42
N ASP B 123 1.23 -25.72 -7.50
CA ASP B 123 2.27 -25.84 -6.48
C ASP B 123 1.86 -25.22 -5.15
N PHE B 124 0.79 -24.42 -5.15
CA PHE B 124 0.34 -23.75 -3.94
C PHE B 124 -0.81 -24.48 -3.25
N ARG B 125 -1.47 -25.44 -3.92
CA ARG B 125 -2.56 -26.16 -3.29
C ARG B 125 -2.14 -26.91 -2.03
N LYS B 126 -0.84 -27.21 -1.88
CA LYS B 126 -0.39 -27.97 -0.73
C LYS B 126 -0.60 -27.23 0.58
N TYR B 127 -0.67 -25.90 0.56
CA TYR B 127 -0.78 -25.12 1.78
C TYR B 127 -2.22 -24.85 2.21
N THR B 128 -3.20 -25.08 1.34
CA THR B 128 -4.60 -24.88 1.69
C THR B 128 -5.21 -26.11 2.37
N ALA B 129 -4.40 -26.94 2.99
CA ALA B 129 -4.88 -28.21 3.53
C ALA B 129 -5.61 -27.99 4.86
N PHE B 130 -6.65 -28.78 5.08
CA PHE B 130 -7.39 -28.72 6.33
C PHE B 130 -7.97 -30.08 6.65
N THR B 131 -8.36 -30.25 7.92
CA THR B 131 -8.82 -31.52 8.44
C THR B 131 -10.19 -31.35 9.09
N ILE B 132 -11.08 -32.29 8.82
CA ILE B 132 -12.40 -32.33 9.44
C ILE B 132 -12.38 -33.36 10.56
N PRO B 133 -12.63 -32.97 11.81
CA PRO B 133 -12.64 -33.94 12.90
C PRO B 133 -13.96 -34.70 12.96
N SER B 134 -13.96 -35.76 13.77
CA SER B 134 -15.15 -36.55 14.02
C SER B 134 -15.48 -36.57 15.51
N ILE B 135 -16.76 -36.74 15.81
CA ILE B 135 -17.23 -36.78 17.19
C ILE B 135 -16.69 -38.03 17.88
N ASN B 136 -16.18 -37.85 19.09
CA ASN B 136 -15.56 -38.90 19.89
C ASN B 136 -14.42 -39.58 19.16
N ASN B 137 -13.88 -38.94 18.13
CA ASN B 137 -12.77 -39.47 17.34
C ASN B 137 -13.12 -40.85 16.80
N GLU B 138 -14.35 -40.98 16.28
CA GLU B 138 -14.78 -42.23 15.65
C GLU B 138 -13.88 -42.63 14.50
N THR B 139 -13.64 -41.71 13.57
CA THR B 139 -12.74 -41.92 12.44
C THR B 139 -11.57 -40.95 12.50
N PRO B 140 -10.44 -41.29 11.90
CA PRO B 140 -9.34 -40.32 11.80
C PRO B 140 -9.71 -39.10 10.97
N GLY B 141 -8.78 -38.14 10.92
CA GLY B 141 -9.08 -36.87 10.27
C GLY B 141 -9.32 -37.04 8.79
N ILE B 142 -10.44 -36.48 8.32
CA ILE B 142 -10.78 -36.49 6.90
C ILE B 142 -10.17 -35.22 6.29
N ARG B 143 -9.05 -35.38 5.58
CA ARG B 143 -8.32 -34.23 5.07
C ARG B 143 -8.72 -33.86 3.64
N TYR B 144 -8.64 -32.56 3.33
CA TYR B 144 -8.90 -32.06 1.99
C TYR B 144 -7.88 -30.99 1.63
N GLN B 145 -7.88 -30.59 0.36
CA GLN B 145 -7.12 -29.43 -0.10
C GLN B 145 -7.90 -28.77 -1.23
N TYR B 146 -7.65 -27.47 -1.42
CA TYR B 146 -8.42 -26.65 -2.34
C TYR B 146 -7.89 -26.73 -3.77
N ASN B 147 -8.82 -26.77 -4.73
CA ASN B 147 -8.47 -26.84 -6.13
C ASN B 147 -8.86 -25.58 -6.86
N VAL B 148 -9.38 -24.59 -6.15
CA VAL B 148 -9.80 -23.30 -6.68
C VAL B 148 -9.42 -22.24 -5.64
N LEU B 149 -9.80 -21.00 -5.92
CA LEU B 149 -9.43 -19.91 -5.03
C LEU B 149 -10.20 -20.04 -3.73
N PRO B 150 -9.53 -20.24 -2.59
CA PRO B 150 -10.26 -20.52 -1.35
C PRO B 150 -10.87 -19.26 -0.76
N GLN B 151 -12.04 -19.43 -0.14
CA GLN B 151 -12.65 -18.33 0.60
C GLN B 151 -11.85 -18.04 1.88
N GLY B 152 -11.64 -16.76 2.14
CA GLY B 152 -10.93 -16.31 3.31
C GLY B 152 -9.42 -16.26 3.17
N TRP B 153 -8.88 -16.47 1.98
CA TRP B 153 -7.45 -16.33 1.74
C TRP B 153 -7.20 -14.97 1.09
N LYS B 154 -6.22 -14.24 1.61
CA LYS B 154 -5.94 -12.91 1.09
C LYS B 154 -5.50 -12.91 -0.37
N GLY B 155 -4.96 -14.01 -0.87
CA GLY B 155 -4.56 -14.03 -2.26
C GLY B 155 -5.69 -14.25 -3.24
N SER B 156 -6.89 -14.59 -2.74
CA SER B 156 -8.02 -14.81 -3.64
C SER B 156 -8.54 -13.52 -4.23
N PRO B 157 -8.89 -12.49 -3.44
CA PRO B 157 -9.39 -11.25 -4.07
C PRO B 157 -8.35 -10.54 -4.92
N ALA B 158 -7.06 -10.82 -4.72
CA ALA B 158 -6.03 -10.20 -5.54
C ALA B 158 -5.94 -10.85 -6.92
N ILE B 159 -6.07 -12.17 -6.98
CA ILE B 159 -6.08 -12.86 -8.27
C ILE B 159 -7.37 -12.58 -9.03
N PHE B 160 -8.50 -12.61 -8.33
CA PHE B 160 -9.81 -12.34 -8.93
C PHE B 160 -10.04 -10.86 -9.18
N GLN B 161 -9.09 -10.00 -8.78
CA GLN B 161 -9.28 -8.56 -8.93
C GLN B 161 -9.44 -8.16 -10.40
N SER B 162 -8.57 -8.68 -11.26
CA SER B 162 -8.65 -8.37 -12.68
C SER B 162 -9.99 -8.81 -13.26
N SER B 163 -10.47 -10.00 -12.86
CA SER B 163 -11.77 -10.46 -13.33
C SER B 163 -12.90 -9.63 -12.73
N MET B 164 -12.74 -9.19 -11.48
CA MET B 164 -13.79 -8.45 -10.80
C MET B 164 -13.98 -7.08 -11.42
N THR B 165 -12.88 -6.38 -11.73
CA THR B 165 -12.99 -5.03 -12.29
C THR B 165 -13.75 -5.04 -13.61
N LYS B 166 -13.55 -6.08 -14.44
CA LYS B 166 -14.27 -6.17 -15.70
C LYS B 166 -15.75 -6.43 -15.51
N ILE B 167 -16.14 -7.12 -14.43
CA ILE B 167 -17.56 -7.32 -14.15
C ILE B 167 -18.18 -6.04 -13.63
N LEU B 168 -17.43 -5.25 -12.89
CA LEU B 168 -17.95 -4.03 -12.26
C LEU B 168 -17.90 -2.82 -13.19
N GLU B 169 -17.15 -2.90 -14.30
CA GLU B 169 -17.05 -1.75 -15.19
C GLU B 169 -18.38 -1.32 -15.80
N PRO B 170 -19.22 -2.22 -16.34
CA PRO B 170 -20.52 -1.74 -16.87
C PRO B 170 -21.42 -1.13 -15.80
N PHE B 171 -21.29 -1.55 -14.54
CA PHE B 171 -22.09 -0.97 -13.48
C PHE B 171 -21.46 0.30 -12.91
N LYS B 172 -20.13 0.34 -12.84
CA LYS B 172 -19.45 1.54 -12.38
C LYS B 172 -19.60 2.70 -13.37
N LYS B 173 -19.76 2.38 -14.65
CA LYS B 173 -19.96 3.42 -15.65
C LYS B 173 -21.36 4.03 -15.52
N GLN B 174 -22.40 3.18 -15.41
CA GLN B 174 -23.76 3.69 -15.24
C GLN B 174 -23.94 4.42 -13.92
N ASN B 175 -23.16 4.06 -12.90
CA ASN B 175 -23.25 4.67 -11.58
C ASN B 175 -21.84 5.08 -11.16
N PRO B 176 -21.42 6.31 -11.51
CA PRO B 176 -20.04 6.72 -11.23
C PRO B 176 -19.84 7.22 -9.81
N ASP B 177 -20.89 7.76 -9.20
CA ASP B 177 -20.80 8.27 -7.84
C ASP B 177 -20.79 7.18 -6.77
N ILE B 178 -20.99 5.93 -7.14
CA ILE B 178 -21.02 4.82 -6.19
C ILE B 178 -19.61 4.29 -5.98
N VAL B 179 -19.23 4.09 -4.73
CA VAL B 179 -17.91 3.61 -4.35
C VAL B 179 -18.02 2.13 -4.06
N ILE B 180 -17.11 1.35 -4.65
CA ILE B 180 -17.11 -0.11 -4.50
C ILE B 180 -15.73 -0.53 -4.03
N TYR B 181 -15.67 -1.16 -2.87
CA TYR B 181 -14.42 -1.68 -2.31
C TYR B 181 -14.55 -3.18 -2.08
N GLN B 182 -13.43 -3.89 -2.24
CA GLN B 182 -13.40 -5.34 -2.10
C GLN B 182 -12.36 -5.70 -1.04
N TYR B 183 -12.81 -6.34 0.04
CA TYR B 183 -11.96 -6.85 1.11
C TYR B 183 -12.34 -8.30 1.39
N MET B 184 -11.37 -9.21 1.24
CA MET B 184 -11.60 -10.65 1.48
C MET B 184 -12.77 -11.11 0.62
N ASP B 185 -13.76 -11.77 1.19
CA ASP B 185 -14.89 -12.35 0.48
C ASP B 185 -16.08 -11.40 0.44
N ASP B 186 -15.87 -10.13 0.77
CA ASP B 186 -16.94 -9.17 0.86
C ASP B 186 -16.72 -8.02 -0.10
N LEU B 187 -17.83 -7.38 -0.46
CA LEU B 187 -17.83 -6.26 -1.38
C LEU B 187 -18.62 -5.15 -0.74
N TYR B 188 -17.98 -4.00 -0.55
CA TYR B 188 -18.57 -2.86 0.14
C TYR B 188 -19.01 -1.84 -0.89
N VAL B 189 -20.31 -1.55 -0.91
CA VAL B 189 -20.91 -0.63 -1.86
C VAL B 189 -21.55 0.50 -1.08
N GLY B 190 -21.03 1.70 -1.26
CA GLY B 190 -21.50 2.86 -0.53
C GLY B 190 -22.02 3.91 -1.51
N SER B 191 -23.07 4.60 -1.11
CA SER B 191 -23.72 5.59 -1.96
C SER B 191 -24.39 6.60 -1.06
N ASP B 192 -24.49 7.83 -1.55
CA ASP B 192 -25.20 8.88 -0.84
C ASP B 192 -26.69 8.91 -1.17
N LEU B 193 -27.19 7.94 -1.92
CA LEU B 193 -28.59 7.93 -2.29
C LEU B 193 -29.49 7.70 -1.07
N GLU B 194 -30.77 7.99 -1.27
CA GLU B 194 -31.77 7.70 -0.24
C GLU B 194 -31.84 6.20 -0.02
N ILE B 195 -32.23 5.83 1.20
CA ILE B 195 -32.22 4.43 1.64
C ILE B 195 -33.00 3.54 0.68
N GLY B 196 -34.08 4.05 0.11
CA GLY B 196 -34.88 3.30 -0.85
C GLY B 196 -34.15 2.97 -2.13
N GLN B 197 -33.82 3.98 -2.93
CA GLN B 197 -33.14 3.73 -4.19
C GLN B 197 -31.73 3.19 -4.01
N HIS B 198 -31.17 3.27 -2.79
CA HIS B 198 -29.89 2.63 -2.52
C HIS B 198 -30.04 1.11 -2.58
N ARG B 199 -31.03 0.57 -1.86
CA ARG B 199 -31.23 -0.88 -1.86
C ARG B 199 -31.60 -1.38 -3.23
N THR B 200 -32.27 -0.56 -4.03
CA THR B 200 -32.60 -0.94 -5.40
C THR B 200 -31.35 -1.07 -6.24
N LYS B 201 -30.44 -0.11 -6.14
CA LYS B 201 -29.17 -0.21 -6.88
C LYS B 201 -28.36 -1.44 -6.45
N ILE B 202 -28.50 -1.86 -5.19
CA ILE B 202 -27.85 -3.09 -4.74
C ILE B 202 -28.41 -4.30 -5.49
N GLU B 203 -29.74 -4.38 -5.60
CA GLU B 203 -30.34 -5.48 -6.33
C GLU B 203 -29.98 -5.44 -7.81
N GLU B 204 -29.84 -4.25 -8.39
CA GLU B 204 -29.35 -4.14 -9.77
C GLU B 204 -27.96 -4.76 -9.90
N LEU B 205 -27.07 -4.45 -8.94
CA LEU B 205 -25.76 -5.09 -8.93
C LEU B 205 -25.89 -6.58 -8.73
N ARG B 206 -26.65 -7.00 -7.70
CA ARG B 206 -26.82 -8.43 -7.42
C ARG B 206 -27.16 -9.22 -8.68
N GLN B 207 -28.11 -8.72 -9.47
CA GLN B 207 -28.43 -9.36 -10.75
C GLN B 207 -27.34 -9.13 -11.78
N HIS B 208 -26.59 -8.03 -11.66
CA HIS B 208 -25.45 -7.81 -12.54
C HIS B 208 -24.35 -8.83 -12.26
N LEU B 209 -24.25 -9.33 -11.03
CA LEU B 209 -23.29 -10.38 -10.72
C LEU B 209 -23.85 -11.78 -10.91
N LEU B 210 -25.18 -11.95 -10.92
CA LEU B 210 -25.74 -13.27 -11.16
C LEU B 210 -25.54 -13.71 -12.60
N ARG B 211 -25.51 -12.76 -13.54
CA ARG B 211 -25.34 -13.11 -14.95
C ARG B 211 -23.92 -13.50 -15.31
N TRP B 212 -22.95 -13.29 -14.42
CA TRP B 212 -21.58 -13.72 -14.67
C TRP B 212 -21.23 -15.01 -13.95
N GLY B 213 -22.11 -15.49 -13.06
CA GLY B 213 -21.94 -16.76 -12.38
C GLY B 213 -21.61 -16.63 -10.90
N LEU B 214 -22.38 -15.83 -10.18
CA LEU B 214 -22.18 -15.70 -8.73
C LEU B 214 -23.31 -16.38 -7.95
N TRP B 229 -24.89 -13.02 -3.09
CA TRP B 229 -26.13 -12.62 -2.44
C TRP B 229 -25.95 -12.44 -0.93
N MET B 230 -26.23 -11.23 -0.45
CA MET B 230 -26.12 -10.91 0.97
C MET B 230 -26.79 -9.54 1.18
N GLY B 231 -26.80 -9.09 2.44
CA GLY B 231 -27.34 -7.79 2.77
C GLY B 231 -27.06 -7.39 4.20
N TYR B 232 -26.20 -6.41 4.39
CA TYR B 232 -25.89 -5.88 5.72
C TYR B 232 -25.53 -4.41 5.54
N GLU B 233 -26.37 -3.53 6.09
CA GLU B 233 -26.27 -2.10 5.87
C GLU B 233 -25.48 -1.42 6.97
N LEU B 234 -24.66 -0.45 6.57
CA LEU B 234 -23.88 0.35 7.49
C LEU B 234 -24.11 1.82 7.17
N HIS B 235 -23.89 2.67 8.17
CA HIS B 235 -24.05 4.12 8.02
C HIS B 235 -22.84 4.80 8.63
N PRO B 236 -21.72 4.86 7.91
CA PRO B 236 -20.49 5.43 8.48
C PRO B 236 -20.59 6.91 8.82
N ASP B 237 -21.48 7.66 8.18
CA ASP B 237 -21.64 9.06 8.53
C ASP B 237 -22.23 9.26 9.93
N LYS B 238 -22.91 8.25 10.46
CA LYS B 238 -23.47 8.30 11.81
C LYS B 238 -22.56 7.65 12.85
N TRP B 239 -21.30 7.40 12.51
CA TRP B 239 -20.34 6.85 13.45
C TRP B 239 -19.76 7.95 14.32
N THR B 240 -19.88 7.77 15.63
CA THR B 240 -19.44 8.76 16.62
C THR B 240 -18.22 8.25 17.38
N VAL B 241 -17.52 9.19 18.01
CA VAL B 241 -16.33 8.90 18.81
C VAL B 241 -16.67 9.18 20.27
N GLN B 242 -15.92 8.51 21.15
CA GLN B 242 -16.12 8.63 22.59
C GLN B 242 -14.99 9.46 23.20
N PRO B 243 -15.24 10.73 23.54
CA PRO B 243 -14.19 11.56 24.13
C PRO B 243 -14.02 11.28 25.62
N ILE B 244 -12.97 11.87 26.18
CA ILE B 244 -12.72 11.83 27.61
C ILE B 244 -13.48 12.97 28.27
N VAL B 245 -14.34 12.65 29.22
CA VAL B 245 -15.21 13.63 29.85
C VAL B 245 -14.96 13.62 31.36
N LEU B 246 -15.06 14.80 31.96
CA LEU B 246 -14.87 15.04 33.37
C LEU B 246 -16.20 15.32 34.05
N PRO B 247 -16.39 14.90 35.31
CA PRO B 247 -17.69 15.07 35.95
C PRO B 247 -18.00 16.54 36.21
N GLU B 248 -19.29 16.85 36.18
CA GLU B 248 -19.79 18.21 36.40
C GLU B 248 -20.43 18.32 37.78
N LYS B 249 -19.66 18.03 38.84
CA LYS B 249 -20.19 18.10 40.20
C LYS B 249 -20.21 19.53 40.74
N ASP B 250 -21.23 19.84 41.53
CA ASP B 250 -21.30 21.13 42.21
C ASP B 250 -20.66 21.10 43.60
N SER B 251 -20.58 19.92 44.21
CA SER B 251 -19.97 19.72 45.52
C SER B 251 -18.95 18.60 45.39
N TRP B 252 -17.69 18.90 45.67
CA TRP B 252 -16.59 17.97 45.45
C TRP B 252 -16.03 17.50 46.78
N THR B 253 -15.88 16.18 46.94
CA THR B 253 -15.28 15.61 48.13
C THR B 253 -13.81 15.31 47.85
N VAL B 254 -13.07 15.04 48.92
CA VAL B 254 -11.65 14.69 48.79
C VAL B 254 -11.48 13.56 47.79
N ASN B 255 -12.30 12.51 47.94
CA ASN B 255 -12.21 11.35 47.06
C ASN B 255 -12.48 11.73 45.61
N ASP B 256 -13.50 12.57 45.39
CA ASP B 256 -13.80 13.04 44.04
C ASP B 256 -12.61 13.75 43.41
N ILE B 257 -11.92 14.59 44.19
CA ILE B 257 -10.78 15.34 43.67
C ILE B 257 -9.59 14.42 43.42
N GLN B 258 -9.41 13.40 44.25
CA GLN B 258 -8.33 12.44 44.01
C GLN B 258 -8.58 11.63 42.74
N LYS B 259 -9.81 11.18 42.53
CA LYS B 259 -10.13 10.48 41.27
C LYS B 259 -9.98 11.41 40.08
N LEU B 260 -10.31 12.68 40.24
CA LEU B 260 -10.19 13.63 39.13
C LEU B 260 -8.73 13.85 38.76
N VAL B 261 -7.86 14.00 39.76
CA VAL B 261 -6.45 14.23 39.48
C VAL B 261 -5.84 12.99 38.84
N GLY B 262 -6.19 11.81 39.35
CA GLY B 262 -5.68 10.58 38.77
C GLY B 262 -6.09 10.43 37.31
N LYS B 263 -7.33 10.79 37.00
CA LYS B 263 -7.79 10.73 35.60
C LYS B 263 -7.09 11.79 34.75
N LEU B 264 -6.95 13.00 35.29
CA LEU B 264 -6.26 14.06 34.56
C LEU B 264 -4.78 13.74 34.40
N ASN B 265 -4.18 13.11 35.41
CA ASN B 265 -2.78 12.71 35.29
C ASN B 265 -2.61 11.70 34.17
N TRP B 266 -3.53 10.73 34.08
CA TRP B 266 -3.46 9.74 33.01
C TRP B 266 -3.74 10.35 31.65
N ALA B 267 -4.69 11.28 31.58
CA ALA B 267 -4.99 11.94 30.31
C ALA B 267 -3.86 12.84 29.84
N SER B 268 -2.96 13.24 30.74
CA SER B 268 -1.85 14.10 30.34
C SER B 268 -0.90 13.41 29.38
N GLN B 269 -0.93 12.07 29.32
CA GLN B 269 -0.10 11.36 28.36
C GLN B 269 -0.60 11.54 26.94
N ILE B 270 -1.85 11.95 26.77
CA ILE B 270 -2.46 12.15 25.46
C ILE B 270 -2.54 13.63 25.09
N TYR B 271 -3.00 14.46 26.03
CA TYR B 271 -3.06 15.91 25.89
C TYR B 271 -2.00 16.52 26.80
N PRO B 272 -0.79 16.80 26.27
CA PRO B 272 0.29 17.36 27.11
C PRO B 272 -0.07 18.64 27.87
N GLY B 273 -1.07 19.39 27.41
CA GLY B 273 -1.47 20.64 28.04
C GLY B 273 -2.22 20.51 29.35
N ILE B 274 -2.43 19.30 29.84
CA ILE B 274 -3.22 19.06 31.04
C ILE B 274 -2.39 19.42 32.27
N LYS B 275 -2.99 20.12 33.23
CA LYS B 275 -2.30 20.48 34.45
C LYS B 275 -3.13 20.11 35.66
N VAL B 276 -2.46 19.64 36.72
CA VAL B 276 -3.14 19.26 37.96
C VAL B 276 -2.48 19.96 39.15
N ARG B 277 -1.82 21.08 38.89
CA ARG B 277 -1.09 21.77 39.95
C ARG B 277 -2.05 22.39 40.96
N GLN B 278 -3.02 23.16 40.46
CA GLN B 278 -3.93 23.85 41.37
C GLN B 278 -4.90 22.87 42.05
N LEU B 279 -5.23 21.77 41.40
CA LEU B 279 -6.11 20.78 42.02
C LEU B 279 -5.38 19.97 43.07
N SER B 280 -4.11 19.64 42.84
CA SER B 280 -3.33 18.93 43.85
C SER B 280 -3.12 19.77 45.10
N LYS B 281 -3.14 21.10 44.96
CA LYS B 281 -3.04 21.95 46.14
C LYS B 281 -4.23 21.80 47.08
N LEU B 282 -5.40 21.43 46.54
CA LEU B 282 -6.53 21.11 47.40
C LEU B 282 -6.34 19.80 48.16
N LEU B 283 -5.35 18.99 47.76
CA LEU B 283 -5.05 17.75 48.44
C LEU B 283 -3.72 17.89 49.17
N ARG B 284 -3.65 18.89 50.04
CA ARG B 284 -2.45 19.11 50.85
C ARG B 284 -2.54 18.37 52.19
N GLY B 285 -3.61 18.60 52.94
CA GLY B 285 -3.74 17.98 54.24
C GLY B 285 -4.14 16.52 54.14
N THR B 286 -3.94 15.80 55.23
CA THR B 286 -4.32 14.39 55.34
C THR B 286 -5.79 14.33 55.74
N LYS B 287 -6.66 14.56 54.76
CA LYS B 287 -8.09 14.71 54.99
C LYS B 287 -8.86 13.43 54.74
N ALA B 288 -10.04 13.34 55.36
CA ALA B 288 -10.93 12.21 55.15
C ALA B 288 -11.48 12.23 53.73
N LEU B 289 -11.65 11.03 53.15
CA LEU B 289 -12.08 10.93 51.77
C LEU B 289 -13.46 11.53 51.55
N THR B 290 -14.37 11.37 52.52
CA THR B 290 -15.75 11.84 52.38
C THR B 290 -15.92 13.30 52.75
N GLU B 291 -14.85 14.02 53.08
CA GLU B 291 -14.92 15.42 53.47
C GLU B 291 -15.07 16.33 52.25
N VAL B 292 -15.95 17.31 52.35
CA VAL B 292 -16.25 18.20 51.24
C VAL B 292 -15.22 19.33 51.17
N ILE B 293 -14.69 19.57 49.99
CA ILE B 293 -13.63 20.55 49.78
C ILE B 293 -14.14 21.60 48.80
N PRO B 294 -14.06 22.88 49.13
CA PRO B 294 -14.46 23.91 48.16
C PRO B 294 -13.35 24.18 47.16
N LEU B 295 -13.73 24.36 45.90
CA LEU B 295 -12.76 24.57 44.84
C LEU B 295 -12.27 26.02 44.84
N THR B 296 -10.97 26.21 44.99
CA THR B 296 -10.38 27.54 44.95
C THR B 296 -10.59 28.16 43.56
N GLU B 297 -10.32 29.47 43.47
CA GLU B 297 -10.48 30.16 42.20
C GLU B 297 -9.47 29.70 41.16
N GLU B 298 -8.22 29.46 41.59
CA GLU B 298 -7.20 28.97 40.66
C GLU B 298 -7.45 27.54 40.22
N ALA B 299 -8.20 26.77 41.01
CA ALA B 299 -8.52 25.39 40.65
C ALA B 299 -9.72 25.31 39.72
N GLU B 300 -10.73 26.15 39.96
CA GLU B 300 -11.91 26.16 39.09
C GLU B 300 -11.55 26.54 37.67
N LEU B 301 -10.48 27.31 37.48
CA LEU B 301 -10.03 27.67 36.13
C LEU B 301 -9.19 26.56 35.50
N GLU B 302 -8.35 25.89 36.29
CA GLU B 302 -7.60 24.75 35.80
C GLU B 302 -8.52 23.59 35.40
N LEU B 303 -9.68 23.48 36.02
CA LEU B 303 -10.63 22.44 35.65
C LEU B 303 -11.35 22.79 34.35
N ALA B 304 -11.74 24.06 34.18
CA ALA B 304 -12.44 24.47 32.96
C ALA B 304 -11.50 24.47 31.77
N GLU B 305 -10.23 24.84 31.99
CA GLU B 305 -9.26 24.81 30.91
C GLU B 305 -9.00 23.38 30.46
N ASN B 306 -8.97 22.45 31.40
CA ASN B 306 -8.75 21.06 31.04
C ASN B 306 -9.95 20.48 30.31
N ARG B 307 -11.15 20.98 30.62
CA ARG B 307 -12.33 20.54 29.86
C ARG B 307 -12.26 21.02 28.42
N GLU B 308 -11.67 22.20 28.18
CA GLU B 308 -11.55 22.68 26.81
C GLU B 308 -10.47 21.93 26.03
N ILE B 309 -9.38 21.50 26.70
CA ILE B 309 -8.34 20.74 26.02
C ILE B 309 -8.83 19.37 25.59
N LEU B 310 -9.74 18.76 26.35
CA LEU B 310 -10.35 17.49 25.99
C LEU B 310 -11.35 17.63 24.86
N LYS B 311 -11.76 18.86 24.55
CA LYS B 311 -12.58 19.12 23.38
C LYS B 311 -11.74 19.19 22.11
N GLU B 312 -10.48 19.63 22.23
CA GLU B 312 -9.57 19.75 21.12
C GLU B 312 -9.07 18.38 20.63
N PRO B 313 -8.80 18.24 19.34
CA PRO B 313 -8.19 17.01 18.84
C PRO B 313 -6.72 16.94 19.21
N VAL B 314 -6.22 15.71 19.35
CA VAL B 314 -4.82 15.52 19.72
C VAL B 314 -3.93 16.02 18.59
N HIS B 315 -2.79 16.61 18.95
CA HIS B 315 -1.88 17.17 17.95
C HIS B 315 -0.95 16.10 17.39
N GLY B 316 -0.86 16.03 16.06
CA GLY B 316 0.09 15.15 15.42
C GLY B 316 -0.36 13.73 15.22
N VAL B 317 -1.66 13.47 15.25
CA VAL B 317 -2.21 12.13 15.02
C VAL B 317 -2.66 12.01 13.57
N TYR B 318 -2.19 10.98 12.90
CA TYR B 318 -2.58 10.69 11.52
C TYR B 318 -2.22 9.26 11.19
N TYR B 319 -3.03 8.67 10.31
CA TYR B 319 -2.87 7.26 9.95
C TYR B 319 -1.62 7.06 9.10
N ASP B 320 -0.88 5.99 9.41
CA ASP B 320 0.29 5.59 8.64
C ASP B 320 -0.04 4.27 7.96
N PRO B 321 -0.02 4.21 6.62
CA PRO B 321 -0.36 2.96 5.93
C PRO B 321 0.62 1.84 6.14
N SER B 322 1.86 2.13 6.52
CA SER B 322 2.88 1.11 6.72
C SER B 322 2.85 0.49 8.11
N LYS B 323 2.06 1.03 9.03
CA LYS B 323 1.96 0.54 10.40
C LYS B 323 0.70 -0.28 10.62
N ASP B 324 0.81 -1.27 11.51
CA ASP B 324 -0.33 -2.11 11.86
C ASP B 324 -1.26 -1.40 12.82
N LEU B 325 -2.55 -1.60 12.63
CA LEU B 325 -3.56 -1.08 13.54
C LEU B 325 -3.59 -1.92 14.81
N ILE B 326 -3.97 -1.29 15.92
CA ILE B 326 -4.10 -1.97 17.21
C ILE B 326 -5.37 -1.47 17.88
N ALA B 327 -6.13 -2.38 18.48
CA ALA B 327 -7.38 -2.02 19.14
C ALA B 327 -7.40 -2.60 20.54
N GLU B 328 -7.81 -1.77 21.50
CA GLU B 328 -7.99 -2.17 22.89
C GLU B 328 -9.45 -2.00 23.29
N ILE B 329 -9.96 -2.95 24.08
CA ILE B 329 -11.34 -2.96 24.51
C ILE B 329 -11.38 -3.03 26.03
N GLN B 330 -12.24 -2.21 26.64
CA GLN B 330 -12.39 -2.15 28.09
C GLN B 330 -13.84 -2.44 28.44
N LYS B 331 -14.06 -3.41 29.32
CA LYS B 331 -15.39 -3.72 29.81
C LYS B 331 -15.75 -2.70 30.89
N GLN B 332 -16.81 -1.94 30.64
CA GLN B 332 -17.24 -0.90 31.58
C GLN B 332 -18.46 -1.30 32.40
N GLY B 333 -18.94 -2.53 32.27
CA GLY B 333 -20.08 -2.96 33.05
C GLY B 333 -21.39 -2.39 32.54
N GLN B 334 -22.50 -3.02 32.93
CA GLN B 334 -23.84 -2.60 32.50
C GLN B 334 -23.95 -2.55 30.98
N GLY B 335 -23.39 -3.57 30.31
CA GLY B 335 -23.44 -3.64 28.86
C GLY B 335 -22.66 -2.59 28.12
N GLN B 336 -21.75 -1.90 28.80
CA GLN B 336 -20.94 -0.85 28.21
C GLN B 336 -19.54 -1.37 27.87
N TRP B 337 -19.08 -1.07 26.65
CA TRP B 337 -17.75 -1.46 26.21
C TRP B 337 -17.14 -0.30 25.44
N THR B 338 -15.92 0.08 25.80
CA THR B 338 -15.20 1.16 25.14
C THR B 338 -14.01 0.58 24.37
N TYR B 339 -13.61 1.29 23.32
CA TYR B 339 -12.51 0.83 22.48
C TYR B 339 -11.73 2.02 21.94
N GLN B 340 -10.47 1.75 21.61
CA GLN B 340 -9.58 2.75 21.01
C GLN B 340 -8.74 2.06 19.94
N ILE B 341 -8.59 2.72 18.79
CA ILE B 341 -7.77 2.21 17.70
C ILE B 341 -6.58 3.15 17.55
N TYR B 342 -5.37 2.57 17.48
CA TYR B 342 -4.15 3.35 17.39
C TYR B 342 -3.07 2.53 16.69
N GLN B 343 -2.03 3.22 16.24
CA GLN B 343 -0.81 2.59 15.72
C GLN B 343 0.40 2.84 16.59
N GLU B 344 0.50 4.04 17.19
CA GLU B 344 1.49 4.41 18.19
C GLU B 344 0.80 4.77 19.50
N PRO B 345 1.34 4.33 20.64
CA PRO B 345 0.64 4.52 21.92
C PRO B 345 0.30 5.97 22.18
N PHE B 346 -0.90 6.19 22.72
CA PHE B 346 -1.45 7.50 23.06
C PHE B 346 -1.75 8.36 21.84
N LYS B 347 -1.60 7.83 20.64
CA LYS B 347 -2.00 8.50 19.41
C LYS B 347 -3.20 7.77 18.79
N ASN B 348 -4.36 7.92 19.44
CA ASN B 348 -5.54 7.16 19.06
C ASN B 348 -6.16 7.71 17.79
N LEU B 349 -6.19 6.90 16.74
CA LEU B 349 -6.81 7.33 15.50
C LEU B 349 -8.31 7.42 15.73
N LYS B 350 -8.87 6.53 16.56
CA LYS B 350 -10.33 6.52 16.78
C LYS B 350 -10.79 5.85 18.07
N THR B 351 -11.63 6.54 18.85
CA THR B 351 -12.19 5.96 20.07
C THR B 351 -13.70 5.80 19.91
N GLY B 352 -14.30 5.04 20.82
CA GLY B 352 -15.74 4.82 20.74
C GLY B 352 -16.25 4.01 21.91
N LYS B 353 -17.56 3.74 21.87
CA LYS B 353 -18.22 2.96 22.91
C LYS B 353 -19.45 2.27 22.34
N TYR B 354 -19.59 0.98 22.62
CA TYR B 354 -20.76 0.19 22.24
C TYR B 354 -21.61 -0.11 23.48
N ALA B 355 -22.94 -0.06 23.33
CA ALA B 355 -23.82 -0.44 24.42
C ALA B 355 -25.02 -1.21 23.91
N ARG B 356 -25.55 -2.07 24.79
CA ARG B 356 -26.78 -2.83 24.53
C ARG B 356 -26.65 -3.79 23.35
N MET B 357 -25.48 -4.40 23.21
CA MET B 357 -25.29 -5.37 22.14
C MET B 357 -25.97 -6.68 22.49
N ARG B 358 -26.01 -7.61 21.53
CA ARG B 358 -26.60 -8.91 21.82
C ARG B 358 -25.86 -9.60 22.96
N GLY B 359 -26.62 -10.11 23.91
CA GLY B 359 -26.06 -10.77 25.07
C GLY B 359 -25.72 -9.84 26.21
N ALA B 360 -26.15 -8.59 26.16
CA ALA B 360 -25.92 -7.67 27.26
C ALA B 360 -26.59 -8.16 28.53
N HIS B 361 -25.93 -7.94 29.67
CA HIS B 361 -26.43 -8.26 31.00
C HIS B 361 -26.55 -9.75 31.25
N THR B 362 -26.18 -10.59 30.30
CA THR B 362 -26.14 -12.03 30.53
C THR B 362 -24.87 -12.72 30.04
N ASN B 363 -24.28 -12.27 28.92
CA ASN B 363 -23.14 -12.95 28.33
C ASN B 363 -22.06 -11.95 27.94
N ASP B 364 -20.83 -12.18 28.38
CA ASP B 364 -19.74 -11.25 28.12
C ASP B 364 -18.90 -11.67 26.92
N VAL B 365 -18.82 -12.96 26.65
CA VAL B 365 -18.11 -13.42 25.47
C VAL B 365 -18.87 -13.06 24.20
N LYS B 366 -20.21 -13.17 24.23
CA LYS B 366 -21.01 -12.77 23.08
C LYS B 366 -20.87 -11.28 22.80
N GLN B 367 -20.91 -10.45 23.86
CA GLN B 367 -20.71 -9.01 23.67
C GLN B 367 -19.31 -8.72 23.15
N LEU B 368 -18.30 -9.38 23.73
CA LEU B 368 -16.94 -9.16 23.27
C LEU B 368 -16.76 -9.61 21.82
N THR B 369 -17.42 -10.70 21.43
CA THR B 369 -17.37 -11.13 20.04
C THR B 369 -18.05 -10.12 19.13
N GLU B 370 -19.21 -9.60 19.55
CA GLU B 370 -19.89 -8.60 18.74
C GLU B 370 -19.08 -7.33 18.62
N ALA B 371 -18.40 -6.94 19.70
CA ALA B 371 -17.63 -5.70 19.66
C ALA B 371 -16.44 -5.81 18.71
N VAL B 372 -15.77 -6.96 18.70
CA VAL B 372 -14.65 -7.16 17.79
C VAL B 372 -15.12 -7.07 16.34
N GLN B 373 -16.25 -7.69 16.02
CA GLN B 373 -16.76 -7.66 14.65
C GLN B 373 -17.11 -6.24 14.22
N LYS B 374 -17.81 -5.49 15.08
CA LYS B 374 -18.14 -4.11 14.76
C LYS B 374 -16.88 -3.27 14.57
N ILE B 375 -15.89 -3.45 15.45
CA ILE B 375 -14.64 -2.67 15.35
C ILE B 375 -13.91 -3.01 14.06
N THR B 376 -13.75 -4.30 13.78
CA THR B 376 -13.07 -4.71 12.55
C THR B 376 -13.77 -4.15 11.32
N THR B 377 -15.10 -4.27 11.27
CA THR B 377 -15.86 -3.71 10.15
C THR B 377 -15.57 -2.22 9.98
N GLU B 378 -15.49 -1.48 11.08
CA GLU B 378 -15.18 -0.06 10.98
C GLU B 378 -13.76 0.16 10.47
N SER B 379 -12.82 -0.69 10.88
CA SER B 379 -11.45 -0.54 10.40
C SER B 379 -11.33 -0.83 8.91
N ILE B 380 -12.19 -1.69 8.37
CA ILE B 380 -12.14 -1.97 6.93
C ILE B 380 -12.69 -0.79 6.14
N VAL B 381 -13.74 -0.14 6.65
CA VAL B 381 -14.36 0.96 5.94
C VAL B 381 -13.43 2.18 5.92
N ILE B 382 -12.71 2.41 7.02
CA ILE B 382 -11.94 3.65 7.18
C ILE B 382 -10.53 3.51 6.61
N TRP B 383 -9.86 2.40 6.88
CA TRP B 383 -8.47 2.23 6.47
C TRP B 383 -8.24 1.02 5.58
N GLY B 384 -9.20 0.09 5.48
CA GLY B 384 -9.01 -1.10 4.68
C GLY B 384 -8.11 -2.14 5.33
N LYS B 385 -7.92 -2.05 6.64
CA LYS B 385 -7.09 -2.99 7.37
C LYS B 385 -7.89 -3.55 8.55
N THR B 386 -7.46 -4.72 9.01
CA THR B 386 -8.02 -5.30 10.23
C THR B 386 -7.02 -5.14 11.37
N PRO B 387 -7.44 -4.58 12.50
CA PRO B 387 -6.51 -4.37 13.60
C PRO B 387 -6.21 -5.66 14.35
N LYS B 388 -5.09 -5.64 15.07
CA LYS B 388 -4.77 -6.69 16.03
C LYS B 388 -5.32 -6.30 17.39
N PHE B 389 -6.17 -7.15 17.95
CA PHE B 389 -6.93 -6.81 19.14
C PHE B 389 -6.16 -7.18 20.41
N LYS B 390 -6.34 -6.36 21.44
CA LYS B 390 -5.90 -6.67 22.80
C LYS B 390 -7.17 -6.98 23.59
N LEU B 391 -7.52 -8.25 23.71
CA LEU B 391 -8.80 -8.64 24.27
C LEU B 391 -8.74 -8.73 25.79
N PRO B 392 -9.70 -8.14 26.52
CA PRO B 392 -9.78 -8.25 27.98
C PRO B 392 -10.49 -9.53 28.42
N ILE B 393 -9.82 -10.66 28.26
CA ILE B 393 -10.40 -11.95 28.57
C ILE B 393 -9.27 -12.94 28.72
N GLN B 394 -9.48 -14.07 29.34
CA GLN B 394 -8.42 -15.03 29.43
C GLN B 394 -8.44 -15.84 28.20
N LYS B 395 -7.34 -16.44 27.84
CA LYS B 395 -7.26 -17.12 26.59
C LYS B 395 -8.15 -18.26 26.52
N GLU B 396 -8.23 -19.00 27.58
CA GLU B 396 -8.99 -20.20 27.55
C GLU B 396 -10.44 -19.91 27.55
N THR B 397 -10.85 -18.89 28.25
CA THR B 397 -12.25 -18.51 28.17
C THR B 397 -12.61 -18.14 26.74
N TRP B 398 -11.74 -17.38 26.07
CA TRP B 398 -12.05 -16.92 24.72
C TRP B 398 -12.05 -18.08 23.73
N GLU B 399 -10.99 -18.91 23.78
CA GLU B 399 -10.85 -20.00 22.82
C GLU B 399 -11.91 -21.08 22.97
N THR B 400 -12.77 -20.99 24.00
CA THR B 400 -13.80 -21.98 24.22
C THR B 400 -15.14 -21.59 23.58
N TRP B 401 -15.46 -20.29 23.59
CA TRP B 401 -16.77 -19.81 23.19
C TRP B 401 -16.81 -18.89 21.98
N TRP B 402 -15.68 -18.30 21.55
CA TRP B 402 -15.76 -17.25 20.54
C TRP B 402 -16.33 -17.74 19.22
N THR B 403 -16.08 -19.00 18.87
CA THR B 403 -16.63 -19.56 17.63
C THR B 403 -18.14 -19.68 17.66
N GLU B 404 -18.75 -19.74 18.85
CA GLU B 404 -20.19 -19.88 18.94
C GLU B 404 -20.93 -18.58 18.66
N TYR B 405 -20.23 -17.45 18.52
CA TYR B 405 -20.89 -16.17 18.30
C TYR B 405 -20.31 -15.43 17.11
N TRP B 406 -19.41 -16.04 16.35
CA TRP B 406 -18.82 -15.39 15.19
C TRP B 406 -19.77 -15.43 14.00
N GLN B 407 -19.98 -14.27 13.38
CA GLN B 407 -20.90 -14.14 12.25
C GLN B 407 -20.26 -13.41 11.07
N ALA B 408 -18.96 -13.58 10.85
CA ALA B 408 -18.26 -12.84 9.82
C ALA B 408 -17.32 -13.76 9.07
N THR B 409 -17.00 -13.38 7.83
CA THR B 409 -16.19 -14.22 6.96
C THR B 409 -14.69 -14.00 7.14
N TRP B 410 -14.28 -12.93 7.84
CA TRP B 410 -12.89 -12.70 8.15
C TRP B 410 -12.65 -12.95 9.64
N ILE B 411 -11.37 -13.09 9.99
CA ILE B 411 -10.97 -13.30 11.38
C ILE B 411 -9.76 -12.41 11.70
N PRO B 412 -9.89 -11.41 12.55
CA PRO B 412 -8.73 -10.58 12.90
C PRO B 412 -7.79 -11.33 13.83
N GLU B 413 -6.60 -10.76 13.99
CA GLU B 413 -5.62 -11.26 14.94
C GLU B 413 -5.92 -10.67 16.32
N TRP B 414 -5.48 -11.37 17.37
CA TRP B 414 -5.74 -10.89 18.71
C TRP B 414 -4.70 -11.41 19.70
N GLU B 415 -4.61 -10.72 20.83
CA GLU B 415 -3.84 -11.18 21.98
C GLU B 415 -4.65 -10.89 23.23
N PHE B 416 -4.23 -11.49 24.34
CA PHE B 416 -4.99 -11.46 25.58
C PHE B 416 -4.23 -10.68 26.65
N VAL B 417 -4.91 -9.71 27.26
CA VAL B 417 -4.33 -8.84 28.28
C VAL B 417 -5.13 -8.96 29.56
N ASN B 418 -4.54 -8.48 30.66
CA ASN B 418 -5.19 -8.48 31.96
C ASN B 418 -4.77 -7.21 32.72
N THR B 419 -5.35 -6.09 32.31
CA THR B 419 -5.05 -4.83 32.96
C THR B 419 -6.15 -4.49 33.95
N PRO B 420 -5.90 -4.50 35.26
CA PRO B 420 -6.93 -4.11 36.20
C PRO B 420 -7.35 -2.67 35.95
N PRO B 421 -8.62 -2.34 36.17
CA PRO B 421 -9.06 -0.95 35.95
C PRO B 421 -8.21 0.01 36.76
N LEU B 422 -7.77 1.09 36.11
CA LEU B 422 -6.93 2.07 36.78
C LEU B 422 -7.78 3.17 37.38
N VAL B 423 -8.27 4.08 36.55
CA VAL B 423 -9.11 5.16 37.02
C VAL B 423 -10.19 5.60 36.02
N LYS B 424 -10.96 4.64 35.50
CA LYS B 424 -11.97 4.94 34.49
C LYS B 424 -11.70 6.13 33.57
N LEU B 425 -10.71 6.02 32.71
CA LEU B 425 -10.45 7.06 31.72
C LEU B 425 -11.44 7.18 30.56
N TRP B 426 -11.97 6.07 30.05
CA TRP B 426 -12.80 6.18 28.87
C TRP B 426 -14.30 6.19 29.13
N TYR B 427 -14.73 5.93 30.36
CA TYR B 427 -16.15 5.92 30.69
C TYR B 427 -16.33 6.57 32.05
N GLN B 428 -17.37 7.40 32.16
CA GLN B 428 -17.66 8.13 33.39
C GLN B 428 -17.96 7.17 34.54
N MET C 1 38.91 5.95 -62.62
CA MET C 1 37.61 5.54 -62.09
C MET C 1 37.77 5.03 -60.65
N VAL C 2 36.92 5.52 -59.77
CA VAL C 2 36.95 5.19 -58.35
C VAL C 2 35.76 4.27 -58.06
N PRO C 3 35.97 3.16 -57.33
CA PRO C 3 34.85 2.26 -57.00
C PRO C 3 33.79 2.97 -56.17
N ILE C 4 32.54 2.60 -56.42
CA ILE C 4 31.45 3.18 -55.64
C ILE C 4 31.35 2.45 -54.31
N SER C 5 31.05 3.21 -53.25
CA SER C 5 30.83 2.64 -51.93
C SER C 5 29.46 2.00 -51.87
N PRO C 6 29.30 0.91 -51.10
CA PRO C 6 27.96 0.30 -50.98
C PRO C 6 26.97 1.16 -50.20
N ILE C 7 27.43 2.20 -49.49
CA ILE C 7 26.57 3.08 -48.70
C ILE C 7 26.21 4.30 -49.52
N GLU C 8 24.92 4.65 -49.53
CA GLU C 8 24.45 5.81 -50.27
C GLU C 8 25.04 7.10 -49.68
N THR C 9 25.61 7.94 -50.54
CA THR C 9 26.14 9.21 -50.08
C THR C 9 24.98 10.14 -49.71
N VAL C 10 25.25 11.08 -48.81
CA VAL C 10 24.25 12.00 -48.29
C VAL C 10 24.49 13.37 -48.92
N PRO C 11 23.54 13.95 -49.62
CA PRO C 11 23.74 15.27 -50.25
C PRO C 11 23.89 16.37 -49.22
N VAL C 12 25.04 17.04 -49.23
CA VAL C 12 25.38 18.11 -48.30
C VAL C 12 25.72 19.38 -49.08
N LYS C 13 25.20 20.50 -48.61
CA LYS C 13 25.49 21.80 -49.22
C LYS C 13 26.06 22.73 -48.15
N LEU C 14 26.56 23.86 -48.61
CA LEU C 14 26.95 24.94 -47.72
C LEU C 14 25.80 25.91 -47.58
N LYS C 15 25.93 26.84 -46.64
CA LYS C 15 24.88 27.84 -46.52
C LYS C 15 24.92 28.78 -47.73
N PRO C 16 23.77 29.17 -48.26
CA PRO C 16 23.76 30.00 -49.47
C PRO C 16 24.49 31.31 -49.25
N GLY C 17 25.46 31.58 -50.12
CA GLY C 17 26.20 32.82 -50.03
C GLY C 17 27.46 32.75 -49.20
N MET C 18 28.02 31.56 -49.01
CA MET C 18 29.30 31.46 -48.32
C MET C 18 30.19 30.44 -49.03
N ASP C 19 31.48 30.70 -48.98
CA ASP C 19 32.50 29.82 -49.52
C ASP C 19 33.08 28.98 -48.40
N GLY C 20 33.91 28.00 -48.76
CA GLY C 20 34.45 27.11 -47.77
C GLY C 20 35.59 27.74 -47.01
N PRO C 21 36.28 26.96 -46.19
CA PRO C 21 37.31 27.52 -45.32
C PRO C 21 38.63 27.72 -46.04
N LYS C 22 39.40 28.71 -45.57
CA LYS C 22 40.72 29.00 -46.10
C LYS C 22 41.58 29.51 -44.94
N VAL C 23 41.90 28.60 -44.05
CA VAL C 23 42.62 28.89 -42.81
C VAL C 23 44.00 28.25 -42.87
N LYS C 24 45.02 28.95 -42.39
CA LYS C 24 46.37 28.40 -42.38
C LYS C 24 46.60 27.32 -41.34
N GLN C 25 47.63 26.52 -41.55
CA GLN C 25 47.92 25.44 -40.63
C GLN C 25 48.54 25.93 -39.36
N TRP C 26 48.42 25.14 -38.31
CA TRP C 26 48.98 25.52 -37.03
C TRP C 26 50.28 24.75 -36.73
N PRO C 27 51.24 25.36 -35.99
CA PRO C 27 52.42 24.53 -35.70
C PRO C 27 52.05 23.34 -34.83
N LEU C 28 52.45 22.14 -35.24
CA LEU C 28 52.08 20.96 -34.48
C LEU C 28 53.30 20.56 -33.68
N THR C 29 53.17 19.50 -32.92
CA THR C 29 54.30 18.97 -32.18
C THR C 29 54.94 17.84 -32.96
N GLU C 30 56.26 17.75 -32.84
CA GLU C 30 57.02 16.74 -33.56
C GLU C 30 56.56 15.32 -33.23
N GLU C 31 56.05 15.09 -32.01
CA GLU C 31 55.49 13.77 -31.74
C GLU C 31 54.22 13.52 -32.54
N LYS C 32 53.40 14.56 -32.74
CA LYS C 32 52.13 14.39 -33.43
C LYS C 32 52.33 14.16 -34.94
N ILE C 33 53.34 14.82 -35.53
CA ILE C 33 53.52 14.82 -36.98
C ILE C 33 53.94 13.43 -37.45
N LYS C 34 54.81 12.76 -36.69
CA LYS C 34 55.22 11.42 -37.08
C LYS C 34 54.02 10.50 -37.06
N ALA C 35 53.14 10.70 -36.09
CA ALA C 35 51.94 9.88 -35.96
C ALA C 35 50.99 10.15 -37.11
N LEU C 36 50.91 11.41 -37.55
CA LEU C 36 49.99 11.78 -38.62
C LEU C 36 50.47 11.35 -40.00
N VAL C 37 51.79 11.37 -40.26
CA VAL C 37 52.31 10.95 -41.56
C VAL C 37 52.02 9.47 -41.80
N GLU C 38 52.16 8.64 -40.77
CA GLU C 38 51.84 7.22 -40.89
C GLU C 38 50.35 6.98 -41.09
N ILE C 39 49.50 7.70 -40.35
CA ILE C 39 48.07 7.46 -40.47
C ILE C 39 47.54 8.00 -41.78
N CYS C 40 48.02 9.18 -42.21
CA CYS C 40 47.54 9.76 -43.46
C CYS C 40 48.02 8.97 -44.66
N THR C 41 49.21 8.37 -44.58
CA THR C 41 49.69 7.50 -45.64
C THR C 41 48.90 6.19 -45.69
N GLU C 42 48.49 5.69 -44.52
CA GLU C 42 47.74 4.45 -44.49
C GLU C 42 46.30 4.66 -44.97
N MET C 43 45.71 5.81 -44.62
CA MET C 43 44.38 6.15 -45.09
C MET C 43 44.36 6.45 -46.59
N GLU C 44 45.46 6.97 -47.13
CA GLU C 44 45.54 7.24 -48.57
C GLU C 44 45.53 5.94 -49.36
N LYS C 45 46.23 4.92 -48.89
CA LYS C 45 46.21 3.61 -49.53
C LYS C 45 44.84 2.98 -49.44
N GLU C 46 44.11 3.24 -48.36
CA GLU C 46 42.77 2.67 -48.16
C GLU C 46 41.68 3.45 -48.87
N GLY C 47 42.01 4.55 -49.56
CA GLY C 47 41.03 5.33 -50.27
C GLY C 47 40.22 6.30 -49.43
N LYS C 48 40.58 6.49 -48.17
CA LYS C 48 39.85 7.40 -47.30
C LYS C 48 40.19 8.85 -47.58
N ILE C 49 41.42 9.14 -47.97
CA ILE C 49 41.85 10.47 -48.35
C ILE C 49 42.65 10.39 -49.64
N SER C 50 42.51 11.41 -50.48
CA SER C 50 43.22 11.49 -51.74
C SER C 50 43.96 12.82 -51.82
N LYS C 51 45.11 12.80 -52.48
CA LYS C 51 45.87 14.03 -52.67
C LYS C 51 45.08 15.00 -53.54
N ILE C 52 45.33 16.29 -53.33
CA ILE C 52 44.59 17.33 -54.03
C ILE C 52 45.32 17.69 -55.32
N GLY C 53 44.68 18.51 -56.14
CA GLY C 53 45.38 19.23 -57.17
C GLY C 53 45.61 20.65 -56.69
N PRO C 54 46.52 21.38 -57.34
CA PRO C 54 46.79 22.75 -56.91
C PRO C 54 45.63 23.71 -57.10
N GLU C 55 44.54 23.26 -57.73
CA GLU C 55 43.35 24.07 -57.96
C GLU C 55 42.45 24.17 -56.74
N ASN C 56 42.71 23.39 -55.69
CA ASN C 56 41.90 23.45 -54.48
C ASN C 56 42.37 24.57 -53.58
N PRO C 57 41.59 25.64 -53.43
CA PRO C 57 42.02 26.81 -52.64
C PRO C 57 41.65 26.77 -51.17
N TYR C 58 41.08 25.68 -50.68
CA TYR C 58 40.60 25.60 -49.32
C TYR C 58 41.65 24.95 -48.41
N ASN C 59 41.47 25.15 -47.10
CA ASN C 59 42.39 24.59 -46.12
C ASN C 59 41.73 24.64 -44.74
N THR C 60 42.20 23.77 -43.85
CA THR C 60 41.71 23.57 -42.48
C THR C 60 42.82 22.99 -41.62
N PRO C 61 43.01 23.46 -40.38
CA PRO C 61 44.10 22.92 -39.56
C PRO C 61 43.84 21.46 -39.18
N VAL C 62 44.90 20.77 -38.77
CA VAL C 62 44.85 19.36 -38.38
C VAL C 62 45.76 19.09 -37.18
N PHE C 63 45.28 18.27 -36.24
CA PHE C 63 46.00 17.83 -35.04
C PHE C 63 45.53 16.45 -34.56
N ALA C 64 46.33 15.83 -33.68
CA ALA C 64 46.20 14.43 -33.30
C ALA C 64 46.32 14.39 -31.77
N ILE C 65 45.58 13.45 -31.17
CA ILE C 65 45.61 13.10 -29.75
C ILE C 65 45.70 11.59 -29.58
N LYS C 66 46.32 11.14 -28.49
CA LYS C 66 46.55 9.72 -28.32
C LYS C 66 45.38 9.08 -27.58
N LYS C 67 44.86 8.01 -28.17
CA LYS C 67 43.75 7.25 -27.62
C LYS C 67 44.10 6.43 -26.39
N LYS C 68 43.29 6.56 -25.35
CA LYS C 68 43.60 5.78 -24.17
C LYS C 68 43.38 4.30 -24.47
N ASP C 69 44.07 3.45 -23.73
CA ASP C 69 43.99 2.00 -23.88
C ASP C 69 44.42 1.53 -25.27
N SER C 70 45.29 2.29 -25.94
CA SER C 70 45.79 1.88 -27.25
C SER C 70 47.05 2.70 -27.54
N THR C 71 47.88 2.16 -28.43
CA THR C 71 49.07 2.88 -28.90
C THR C 71 48.76 3.76 -30.09
N LYS C 72 47.69 3.45 -30.82
CA LYS C 72 47.30 4.24 -31.97
C LYS C 72 46.78 5.60 -31.49
N TRP C 73 46.85 6.55 -32.41
CA TRP C 73 46.44 7.92 -32.18
C TRP C 73 45.12 8.15 -32.91
N ARG C 74 44.53 9.29 -32.63
CA ARG C 74 43.24 9.61 -33.23
C ARG C 74 43.48 10.77 -34.15
N LYS C 75 42.83 10.76 -35.31
CA LYS C 75 43.07 11.80 -36.29
C LYS C 75 42.01 12.86 -36.13
N LEU C 76 42.43 14.10 -35.88
CA LEU C 76 41.46 15.17 -35.63
C LEU C 76 41.53 16.34 -36.57
N VAL C 77 40.40 16.97 -36.83
CA VAL C 77 40.35 18.08 -37.77
C VAL C 77 39.57 19.23 -37.14
N ASP C 78 40.12 20.45 -37.20
CA ASP C 78 39.45 21.62 -36.65
C ASP C 78 38.64 22.30 -37.71
N PHE C 79 37.39 21.90 -37.87
CA PHE C 79 36.58 22.42 -38.93
C PHE C 79 35.63 23.47 -38.45
N ARG C 80 35.99 24.20 -37.42
CA ARG C 80 35.03 25.12 -36.86
C ARG C 80 34.51 26.03 -37.92
N GLU C 81 35.40 26.55 -38.75
CA GLU C 81 34.97 27.51 -39.74
C GLU C 81 34.15 26.83 -40.77
N LEU C 82 34.56 25.65 -41.19
CA LEU C 82 33.71 24.93 -42.15
C LEU C 82 32.32 24.71 -41.56
N ASN C 83 32.25 24.35 -40.28
CA ASN C 83 30.97 24.08 -39.64
C ASN C 83 30.07 25.31 -39.63
N LYS C 84 30.66 26.49 -39.49
CA LYS C 84 29.87 27.72 -39.56
C LYS C 84 29.29 27.91 -40.96
N ARG C 85 30.02 27.48 -41.98
CA ARG C 85 29.58 27.64 -43.36
C ARG C 85 28.72 26.48 -43.84
N THR C 86 28.88 25.30 -43.25
CA THR C 86 28.06 24.14 -43.60
C THR C 86 26.60 24.39 -43.24
N GLN C 87 25.71 23.78 -44.02
CA GLN C 87 24.28 23.82 -43.72
C GLN C 87 23.94 23.23 -42.36
N ASP C 88 22.83 23.70 -41.77
CA ASP C 88 22.38 23.15 -40.51
C ASP C 88 21.74 21.76 -40.70
N PHE C 89 22.06 20.84 -39.82
CA PHE C 89 21.49 19.50 -39.77
C PHE C 89 20.47 19.38 -38.65
N TRP C 90 19.59 18.39 -38.76
CA TRP C 90 18.66 18.04 -37.69
C TRP C 90 19.15 16.73 -37.07
N GLU C 91 19.68 16.82 -35.85
CA GLU C 91 20.23 15.65 -35.18
C GLU C 91 19.14 14.63 -34.88
N VAL C 92 19.40 13.37 -35.25
CA VAL C 92 18.47 12.29 -34.97
C VAL C 92 18.70 11.63 -33.61
N GLN C 93 19.70 12.10 -32.84
CA GLN C 93 19.97 11.53 -31.51
C GLN C 93 19.13 12.29 -30.48
N LEU C 94 17.99 11.72 -30.12
CA LEU C 94 17.04 12.43 -29.27
C LEU C 94 17.35 12.28 -27.79
N GLY C 95 18.21 11.35 -27.43
CA GLY C 95 18.59 11.18 -26.04
C GLY C 95 19.46 9.95 -25.87
N ILE C 96 19.89 9.78 -24.62
CA ILE C 96 20.75 8.69 -24.29
C ILE C 96 19.95 7.55 -23.69
N PRO C 97 20.12 6.31 -24.16
CA PRO C 97 19.44 5.17 -23.55
C PRO C 97 19.92 4.94 -22.12
N HIS C 98 19.10 4.23 -21.35
CA HIS C 98 19.39 3.93 -19.96
C HIS C 98 19.19 2.44 -19.70
N PRO C 99 20.07 1.83 -18.90
CA PRO C 99 19.92 0.39 -18.65
C PRO C 99 18.67 0.06 -17.85
N ALA C 100 18.13 1.01 -17.10
CA ALA C 100 16.89 0.78 -16.38
C ALA C 100 15.71 0.56 -17.32
N GLY C 101 15.83 1.01 -18.57
CA GLY C 101 14.82 0.73 -19.57
C GLY C 101 14.99 -0.57 -20.32
N LEU C 102 16.12 -1.26 -20.14
CA LEU C 102 16.33 -2.54 -20.81
C LEU C 102 15.51 -3.64 -20.15
N LYS C 103 15.06 -4.58 -20.97
CA LYS C 103 14.37 -5.77 -20.51
C LYS C 103 15.38 -6.91 -20.38
N LYS C 104 15.21 -7.73 -19.35
CA LYS C 104 16.10 -8.86 -19.14
C LYS C 104 15.98 -9.86 -20.28
N LYS C 105 17.08 -10.06 -21.01
CA LYS C 105 17.15 -11.00 -22.12
C LYS C 105 18.03 -12.18 -21.74
N LYS C 106 17.83 -13.30 -22.43
CA LYS C 106 18.59 -14.51 -22.13
C LYS C 106 20.05 -14.36 -22.54
N SER C 107 20.31 -13.84 -23.74
CA SER C 107 21.67 -13.66 -24.24
C SER C 107 21.88 -12.23 -24.68
N VAL C 108 23.07 -11.70 -24.37
CA VAL C 108 23.43 -10.33 -24.68
C VAL C 108 24.76 -10.32 -25.42
N THR C 109 24.95 -9.31 -26.28
CA THR C 109 26.19 -9.15 -27.03
C THR C 109 26.41 -7.68 -27.32
N VAL C 110 27.63 -7.23 -27.09
CA VAL C 110 28.06 -5.84 -27.30
C VAL C 110 29.23 -5.88 -28.27
N LEU C 111 29.15 -5.05 -29.32
CA LEU C 111 30.19 -5.00 -30.35
C LEU C 111 30.32 -3.58 -30.85
N ASP C 112 31.56 -3.15 -31.10
CA ASP C 112 31.82 -1.79 -31.50
C ASP C 112 32.38 -1.81 -32.91
N VAL C 113 31.71 -1.10 -33.80
CA VAL C 113 32.09 -1.04 -35.20
C VAL C 113 33.38 -0.25 -35.34
N GLY C 114 34.42 -0.88 -35.87
CA GLY C 114 35.69 -0.21 -36.01
C GLY C 114 35.74 0.66 -37.25
N ASP C 115 36.44 1.78 -37.14
CA ASP C 115 36.53 2.79 -38.21
C ASP C 115 35.17 3.11 -38.83
N ALA C 116 34.22 3.50 -37.98
CA ALA C 116 32.84 3.56 -38.45
C ALA C 116 32.60 4.79 -39.31
N TYR C 117 33.21 5.93 -38.97
CA TYR C 117 33.17 7.09 -39.85
C TYR C 117 33.90 6.83 -41.16
N PHE C 118 35.02 6.12 -41.12
CA PHE C 118 35.82 5.88 -42.31
C PHE C 118 35.25 4.76 -43.17
N SER C 119 34.03 4.34 -42.89
CA SER C 119 33.33 3.32 -43.66
C SER C 119 32.16 3.92 -44.41
N VAL C 120 31.87 5.19 -44.20
CA VAL C 120 30.74 5.86 -44.81
C VAL C 120 31.28 6.93 -45.74
N PRO C 121 30.77 7.06 -46.95
CA PRO C 121 31.32 8.02 -47.92
C PRO C 121 30.87 9.43 -47.59
N LEU C 122 31.43 10.38 -48.33
CA LEU C 122 31.05 11.77 -48.18
C LEU C 122 30.51 12.22 -49.54
N ASP C 123 29.75 13.31 -49.53
CA ASP C 123 29.14 13.75 -50.77
C ASP C 123 30.22 14.29 -51.72
N GLU C 124 30.19 13.81 -52.96
CA GLU C 124 31.20 14.19 -53.94
C GLU C 124 31.33 15.71 -54.07
N ASP C 125 30.20 16.42 -54.12
CA ASP C 125 30.24 17.86 -54.33
C ASP C 125 30.76 18.61 -53.10
N PHE C 126 30.74 17.97 -51.94
CA PHE C 126 31.21 18.58 -50.70
C PHE C 126 32.66 18.25 -50.40
N ARG C 127 33.25 17.31 -51.14
CA ARG C 127 34.61 16.86 -50.87
C ARG C 127 35.62 18.00 -51.00
N LYS C 128 35.35 18.96 -51.87
CA LYS C 128 36.30 20.03 -52.14
C LYS C 128 36.52 20.91 -50.92
N TYR C 129 35.50 21.09 -50.09
CA TYR C 129 35.60 21.98 -48.95
C TYR C 129 36.34 21.36 -47.78
N THR C 130 36.58 20.05 -47.82
CA THR C 130 37.25 19.32 -46.74
C THR C 130 38.75 19.19 -47.01
N ALA C 131 39.40 20.32 -47.26
CA ALA C 131 40.82 20.35 -47.59
C ALA C 131 41.62 20.71 -46.35
N PHE C 132 42.85 20.19 -46.30
CA PHE C 132 43.75 20.45 -45.18
C PHE C 132 45.17 20.13 -45.60
N THR C 133 46.12 20.85 -45.00
CA THR C 133 47.55 20.65 -45.26
C THR C 133 48.19 19.96 -44.06
N ILE C 134 49.29 19.25 -44.32
CA ILE C 134 50.02 18.51 -43.31
C ILE C 134 51.46 18.98 -43.30
N PRO C 135 51.87 19.77 -42.31
CA PRO C 135 53.28 20.18 -42.21
C PRO C 135 54.15 19.02 -41.74
N SER C 136 55.35 18.93 -42.32
CA SER C 136 56.18 17.77 -42.04
C SER C 136 57.00 17.98 -40.76
N ILE C 137 57.82 16.97 -40.44
CA ILE C 137 58.70 17.01 -39.27
C ILE C 137 59.72 18.14 -39.41
N ASN C 138 60.03 18.54 -40.64
CA ASN C 138 61.09 19.50 -40.92
C ASN C 138 60.45 20.65 -41.67
N ASN C 139 60.95 21.86 -41.40
CA ASN C 139 60.36 23.06 -41.97
C ASN C 139 60.62 23.20 -43.46
N GLU C 140 61.75 22.67 -43.95
CA GLU C 140 62.08 22.79 -45.36
C GLU C 140 61.29 21.82 -46.23
N THR C 141 60.78 20.73 -45.65
CA THR C 141 59.94 19.81 -46.42
C THR C 141 58.65 20.53 -46.80
N PRO C 142 58.21 20.43 -48.07
CA PRO C 142 57.04 21.21 -48.51
C PRO C 142 55.77 20.96 -47.71
N GLY C 143 55.33 19.72 -47.65
CA GLY C 143 54.08 19.39 -47.00
C GLY C 143 53.04 18.91 -48.00
N ILE C 144 52.09 18.14 -47.51
CA ILE C 144 51.09 17.50 -48.34
C ILE C 144 49.70 17.99 -47.95
N ARG C 145 48.86 18.25 -48.96
CA ARG C 145 47.47 18.60 -48.75
C ARG C 145 46.59 17.47 -49.27
N TYR C 146 45.54 17.17 -48.53
CA TYR C 146 44.61 16.10 -48.87
C TYR C 146 43.19 16.67 -48.94
N GLN C 147 42.27 15.81 -49.38
CA GLN C 147 40.84 16.10 -49.26
C GLN C 147 40.14 14.80 -48.87
N TYR C 148 39.07 14.94 -48.09
CA TYR C 148 38.41 13.79 -47.49
C TYR C 148 37.47 13.11 -48.46
N ASN C 149 37.41 11.79 -48.38
CA ASN C 149 36.48 10.97 -49.14
C ASN C 149 35.44 10.29 -48.26
N VAL C 150 35.61 10.38 -46.94
CA VAL C 150 34.67 9.81 -45.97
C VAL C 150 34.25 10.90 -45.00
N LEU C 151 33.62 10.51 -43.89
CA LEU C 151 33.19 11.48 -42.88
C LEU C 151 34.35 11.91 -42.01
N PRO C 152 34.59 13.23 -41.93
CA PRO C 152 35.69 13.74 -41.09
C PRO C 152 35.30 13.85 -39.62
N GLN C 153 36.15 13.38 -38.72
CA GLN C 153 35.86 13.41 -37.32
C GLN C 153 36.11 14.75 -36.70
N GLY C 154 35.25 15.71 -36.98
CA GLY C 154 35.40 17.02 -36.43
C GLY C 154 34.38 17.85 -37.14
N TRP C 155 33.78 17.26 -38.16
CA TRP C 155 32.72 17.95 -38.87
C TRP C 155 31.39 17.66 -38.20
N LYS C 156 30.57 18.71 -38.05
CA LYS C 156 29.32 18.63 -37.31
C LYS C 156 28.28 17.73 -37.97
N GLY C 157 28.43 17.44 -39.25
CA GLY C 157 27.49 16.56 -39.91
C GLY C 157 27.84 15.09 -39.88
N SER C 158 29.05 14.74 -39.45
CA SER C 158 29.43 13.32 -39.42
C SER C 158 28.60 12.48 -38.47
N PRO C 159 28.38 12.88 -37.20
CA PRO C 159 27.55 12.03 -36.33
C PRO C 159 26.12 11.89 -36.81
N ALA C 160 25.51 12.99 -37.28
CA ALA C 160 24.13 12.93 -37.73
C ALA C 160 24.00 12.08 -38.99
N ILE C 161 25.00 12.16 -39.88
CA ILE C 161 24.96 11.38 -41.11
C ILE C 161 25.15 9.90 -40.79
N PHE C 162 26.10 9.58 -39.91
CA PHE C 162 26.33 8.18 -39.54
C PHE C 162 25.10 7.55 -38.91
N GLN C 163 24.61 8.14 -37.81
CA GLN C 163 23.44 7.58 -37.13
C GLN C 163 22.30 7.33 -38.11
N SER C 164 22.04 8.28 -39.01
CA SER C 164 20.97 8.07 -39.99
C SER C 164 21.36 7.03 -41.03
N SER C 165 22.63 6.97 -41.43
CA SER C 165 23.06 5.93 -42.37
C SER C 165 23.02 4.56 -41.72
N MET C 166 23.46 4.49 -40.46
CA MET C 166 23.54 3.22 -39.75
C MET C 166 22.14 2.63 -39.53
N THR C 167 21.13 3.48 -39.34
CA THR C 167 19.77 3.00 -39.12
C THR C 167 19.15 2.46 -40.41
N LYS C 168 19.52 3.04 -41.57
CA LYS C 168 19.03 2.53 -42.84
C LYS C 168 19.59 1.15 -43.14
N ILE C 169 20.80 0.86 -42.67
CA ILE C 169 21.41 -0.44 -42.89
C ILE C 169 20.82 -1.49 -41.94
N LEU C 170 20.55 -1.11 -40.70
CA LEU C 170 20.03 -2.06 -39.74
C LEU C 170 18.55 -2.36 -39.96
N GLU C 171 17.84 -1.58 -40.79
CA GLU C 171 16.41 -1.80 -40.97
C GLU C 171 16.04 -3.14 -41.59
N PRO C 172 16.68 -3.61 -42.66
CA PRO C 172 16.28 -4.91 -43.21
C PRO C 172 16.50 -6.07 -42.27
N PHE C 173 17.52 -6.03 -41.42
CA PHE C 173 17.72 -7.11 -40.47
C PHE C 173 16.64 -7.11 -39.39
N LYS C 174 16.35 -5.93 -38.82
CA LYS C 174 15.37 -5.85 -37.74
C LYS C 174 13.98 -6.29 -38.18
N LYS C 175 13.63 -6.08 -39.46
CA LYS C 175 12.33 -6.53 -39.93
C LYS C 175 12.30 -8.04 -40.14
N GLN C 176 13.43 -8.64 -40.54
CA GLN C 176 13.48 -10.09 -40.70
C GLN C 176 13.56 -10.79 -39.35
N ASN C 177 14.16 -10.14 -38.36
CA ASN C 177 14.25 -10.70 -37.01
C ASN C 177 13.59 -9.64 -36.13
N PRO C 178 12.26 -9.67 -35.98
CA PRO C 178 11.58 -8.63 -35.21
C PRO C 178 11.72 -8.85 -33.70
N ASP C 179 11.92 -10.10 -33.32
CA ASP C 179 11.93 -10.51 -31.92
C ASP C 179 13.30 -10.39 -31.28
N ILE C 180 14.23 -9.70 -31.92
CA ILE C 180 15.54 -9.42 -31.34
C ILE C 180 15.63 -7.92 -31.09
N VAL C 181 16.25 -7.56 -29.96
CA VAL C 181 16.42 -6.17 -29.56
C VAL C 181 17.82 -5.73 -29.96
N ILE C 182 17.91 -4.59 -30.66
CA ILE C 182 19.18 -4.03 -31.09
C ILE C 182 19.16 -2.55 -30.70
N TYR C 183 19.83 -2.22 -29.61
CA TYR C 183 19.97 -0.82 -29.21
C TYR C 183 21.11 -0.19 -30.01
N GLN C 184 20.78 0.83 -30.80
CA GLN C 184 21.72 1.48 -31.69
C GLN C 184 22.06 2.86 -31.13
N TYR C 185 23.32 3.06 -30.78
CA TYR C 185 23.83 4.35 -30.31
C TYR C 185 25.17 4.55 -31.01
N MET C 186 25.13 5.27 -32.13
CA MET C 186 26.29 5.56 -32.99
C MET C 186 26.78 4.22 -33.51
N ASP C 187 28.05 3.89 -33.23
CA ASP C 187 28.67 2.64 -33.69
C ASP C 187 28.52 1.50 -32.74
N ASP C 188 27.88 1.77 -31.63
CA ASP C 188 27.65 0.74 -30.62
C ASP C 188 26.32 0.03 -30.85
N LEU C 189 26.34 -1.30 -30.65
CA LEU C 189 25.16 -2.14 -30.88
C LEU C 189 24.96 -3.12 -29.72
N TYR C 190 23.92 -2.89 -28.93
CA TYR C 190 23.48 -3.81 -27.89
C TYR C 190 22.53 -4.80 -28.54
N VAL C 191 22.97 -6.06 -28.64
CA VAL C 191 22.20 -7.12 -29.27
C VAL C 191 21.79 -8.13 -28.21
N GLY C 192 20.49 -8.40 -28.13
CA GLY C 192 19.99 -9.35 -27.14
C GLY C 192 18.74 -10.06 -27.60
N SER C 193 18.61 -11.33 -27.23
CA SER C 193 17.44 -12.13 -27.58
C SER C 193 17.23 -13.21 -26.54
N ASP C 194 16.02 -13.75 -26.51
CA ASP C 194 15.67 -14.87 -25.63
C ASP C 194 16.04 -16.23 -26.21
N LEU C 195 16.64 -16.27 -27.40
CA LEU C 195 17.11 -17.52 -27.97
C LEU C 195 18.23 -18.11 -27.13
N GLU C 196 18.48 -19.41 -27.35
CA GLU C 196 19.53 -20.08 -26.59
C GLU C 196 20.89 -19.52 -27.03
N ILE C 197 21.88 -19.65 -26.15
CA ILE C 197 23.20 -19.09 -26.43
C ILE C 197 23.80 -19.67 -27.71
N GLY C 198 23.35 -20.85 -28.11
CA GLY C 198 23.78 -21.43 -29.38
C GLY C 198 23.21 -20.71 -30.58
N GLN C 199 21.88 -20.65 -30.69
CA GLN C 199 21.24 -19.92 -31.78
C GLN C 199 21.45 -18.41 -31.68
N HIS C 200 21.94 -17.92 -30.54
CA HIS C 200 22.20 -16.50 -30.40
C HIS C 200 23.47 -16.11 -31.15
N ARG C 201 24.57 -16.84 -30.89
CA ARG C 201 25.82 -16.56 -31.61
C ARG C 201 25.67 -16.77 -33.11
N THR C 202 24.71 -17.58 -33.53
CA THR C 202 24.41 -17.71 -34.96
C THR C 202 23.85 -16.41 -35.51
N LYS C 203 22.83 -15.85 -34.85
CA LYS C 203 22.26 -14.58 -35.30
C LYS C 203 23.25 -13.43 -35.14
N ILE C 204 24.22 -13.57 -34.23
CA ILE C 204 25.31 -12.60 -34.12
C ILE C 204 26.10 -12.53 -35.42
N GLU C 205 26.58 -13.69 -35.89
CA GLU C 205 27.38 -13.71 -37.10
C GLU C 205 26.54 -13.40 -38.34
N GLU C 206 25.23 -13.67 -38.27
CA GLU C 206 24.35 -13.26 -39.35
C GLU C 206 24.32 -11.74 -39.49
N LEU C 207 24.30 -11.04 -38.36
CA LEU C 207 24.43 -9.58 -38.36
C LEU C 207 25.81 -9.14 -38.82
N ARG C 208 26.87 -9.77 -38.31
CA ARG C 208 28.22 -9.30 -38.62
C ARG C 208 28.50 -9.43 -40.12
N GLN C 209 27.86 -10.39 -40.79
CA GLN C 209 27.94 -10.47 -42.23
C GLN C 209 26.99 -9.50 -42.92
N HIS C 210 25.81 -9.25 -42.34
CA HIS C 210 24.91 -8.24 -42.89
C HIS C 210 25.52 -6.86 -42.80
N LEU C 211 26.32 -6.60 -41.76
CA LEU C 211 27.05 -5.34 -41.67
C LEU C 211 28.28 -5.33 -42.57
N LEU C 212 28.79 -6.50 -42.95
CA LEU C 212 29.97 -6.56 -43.79
C LEU C 212 29.64 -6.25 -45.25
N ARG C 213 28.41 -6.51 -45.67
CA ARG C 213 27.99 -6.24 -47.03
C ARG C 213 27.95 -4.76 -47.35
N TRP C 214 27.99 -3.88 -46.34
CA TRP C 214 27.92 -2.45 -46.59
C TRP C 214 29.24 -1.78 -46.24
N GLY C 215 30.26 -2.57 -45.91
CA GLY C 215 31.58 -2.04 -45.60
C GLY C 215 31.80 -1.64 -44.16
N LEU C 216 31.12 -2.28 -43.20
CA LEU C 216 31.26 -1.99 -41.79
C LEU C 216 31.91 -3.19 -41.12
N THR C 217 33.11 -2.97 -40.58
CA THR C 217 33.88 -4.01 -39.92
C THR C 217 33.47 -4.10 -38.45
N THR C 218 33.34 -5.34 -37.96
CA THR C 218 32.99 -5.63 -36.57
C THR C 218 34.10 -6.49 -36.01
N PRO C 219 35.19 -5.87 -35.55
CA PRO C 219 36.34 -6.66 -35.08
C PRO C 219 35.98 -7.44 -33.83
N ASP C 220 36.58 -8.64 -33.73
CA ASP C 220 36.41 -9.45 -32.53
C ASP C 220 37.17 -8.91 -31.32
N LYS C 221 38.07 -7.95 -31.52
CA LYS C 221 38.69 -7.27 -30.38
C LYS C 221 37.65 -6.51 -29.57
N LYS C 222 36.71 -5.85 -30.25
CA LYS C 222 35.62 -5.13 -29.59
C LYS C 222 34.38 -5.98 -29.38
N HIS C 223 34.47 -7.29 -29.60
CA HIS C 223 33.35 -8.19 -29.41
C HIS C 223 33.30 -8.68 -27.96
N GLN C 224 32.08 -8.73 -27.42
CA GLN C 224 31.86 -9.15 -26.04
C GLN C 224 30.82 -10.26 -26.04
N LYS C 225 31.23 -11.44 -25.60
CA LYS C 225 30.38 -12.63 -25.59
C LYS C 225 29.87 -13.01 -24.22
N GLU C 226 30.62 -12.71 -23.16
CA GLU C 226 30.26 -13.15 -21.82
C GLU C 226 30.08 -11.94 -20.91
N PRO C 227 29.15 -12.03 -19.95
CA PRO C 227 29.00 -10.95 -18.97
C PRO C 227 30.21 -10.87 -18.06
N PRO C 228 30.50 -9.69 -17.48
CA PRO C 228 29.72 -8.46 -17.62
C PRO C 228 30.03 -7.72 -18.91
N PHE C 229 29.03 -7.05 -19.46
CA PHE C 229 29.16 -6.31 -20.71
C PHE C 229 29.37 -4.83 -20.41
N LEU C 230 30.37 -4.24 -21.05
CA LEU C 230 30.65 -2.81 -20.91
C LEU C 230 29.84 -2.07 -21.98
N TRP C 231 28.64 -1.65 -21.60
CA TRP C 231 27.71 -0.96 -22.50
C TRP C 231 27.37 0.41 -21.94
N MET C 232 27.84 1.46 -22.61
CA MET C 232 27.41 2.84 -22.36
C MET C 232 27.91 3.36 -21.01
N GLY C 233 29.00 2.86 -20.48
CA GLY C 233 29.41 3.36 -19.18
C GLY C 233 28.87 2.55 -18.05
N TYR C 234 28.37 1.39 -18.37
CA TYR C 234 27.75 0.55 -17.36
C TYR C 234 28.33 -0.85 -17.38
N GLU C 235 27.95 -1.65 -16.39
CA GLU C 235 28.30 -3.06 -16.30
C GLU C 235 27.00 -3.85 -16.26
N LEU C 236 26.72 -4.62 -17.31
CA LEU C 236 25.46 -5.34 -17.45
C LEU C 236 25.66 -6.80 -17.05
N HIS C 237 24.92 -7.23 -16.03
CA HIS C 237 24.87 -8.61 -15.58
C HIS C 237 23.49 -9.20 -15.86
N PRO C 238 23.37 -10.53 -15.92
CA PRO C 238 22.06 -11.11 -16.28
C PRO C 238 20.91 -10.71 -15.38
N ASP C 239 21.18 -10.30 -14.13
CA ASP C 239 20.13 -9.93 -13.18
C ASP C 239 20.19 -8.49 -12.70
N LYS C 240 21.34 -7.82 -12.79
CA LYS C 240 21.49 -6.47 -12.29
C LYS C 240 22.46 -5.70 -13.18
N TRP C 241 22.41 -4.38 -13.04
CA TRP C 241 23.31 -3.49 -13.74
C TRP C 241 23.89 -2.51 -12.73
N THR C 242 25.06 -1.97 -13.07
CA THR C 242 25.70 -0.99 -12.23
C THR C 242 26.60 -0.13 -13.10
N VAL C 243 26.94 1.04 -12.59
CA VAL C 243 27.79 1.95 -13.34
C VAL C 243 29.24 1.50 -13.20
N GLN C 244 30.05 1.88 -14.18
CA GLN C 244 31.48 1.61 -14.11
C GLN C 244 32.06 2.39 -12.93
N PRO C 245 33.14 1.88 -12.32
CA PRO C 245 33.65 2.49 -11.08
C PRO C 245 33.97 3.97 -11.24
N ILE C 246 33.42 4.78 -10.33
CA ILE C 246 33.59 6.22 -10.33
C ILE C 246 34.60 6.57 -9.25
N VAL C 247 35.57 7.41 -9.61
CA VAL C 247 36.64 7.81 -8.71
C VAL C 247 36.60 9.34 -8.58
N LEU C 248 36.36 9.82 -7.37
CA LEU C 248 36.36 11.26 -7.22
C LEU C 248 37.78 11.77 -6.95
N PRO C 249 38.10 12.99 -7.38
CA PRO C 249 39.41 13.56 -7.08
C PRO C 249 39.56 13.79 -5.57
N GLU C 250 40.82 13.76 -5.12
CA GLU C 250 41.14 14.02 -3.72
C GLU C 250 42.11 15.19 -3.61
N LYS C 251 41.73 16.33 -4.18
CA LYS C 251 42.59 17.51 -4.15
C LYS C 251 42.66 18.10 -2.75
N ASP C 252 43.88 18.43 -2.32
CA ASP C 252 44.04 19.15 -1.07
C ASP C 252 43.75 20.64 -1.24
N SER C 253 43.98 21.16 -2.45
CA SER C 253 43.63 22.52 -2.83
C SER C 253 42.74 22.45 -4.07
N TRP C 254 41.46 22.77 -3.89
CA TRP C 254 40.46 22.60 -4.94
C TRP C 254 40.38 23.86 -5.80
N THR C 255 40.29 23.67 -7.11
CA THR C 255 40.04 24.77 -8.03
C THR C 255 38.60 24.70 -8.52
N VAL C 256 38.21 25.69 -9.31
CA VAL C 256 36.85 25.72 -9.83
C VAL C 256 36.66 24.60 -10.84
N ASN C 257 37.72 24.27 -11.56
CA ASN C 257 37.66 23.19 -12.52
C ASN C 257 37.52 21.86 -11.78
N ASP C 258 38.26 21.71 -10.68
CA ASP C 258 38.19 20.46 -9.93
C ASP C 258 36.82 20.29 -9.28
N ILE C 259 36.19 21.39 -8.85
CA ILE C 259 34.84 21.30 -8.32
C ILE C 259 33.84 20.98 -9.42
N CYS C 260 33.95 21.67 -10.56
CA CYS C 260 33.03 21.43 -11.67
C CYS C 260 33.11 19.97 -12.06
N LYS C 261 34.29 19.39 -11.96
CA LYS C 261 34.48 17.99 -12.29
C LYS C 261 33.81 17.15 -11.20
N LEU C 262 34.10 17.48 -9.95
CA LEU C 262 33.53 16.74 -8.83
C LEU C 262 32.01 16.77 -8.88
N VAL C 263 31.42 17.93 -9.16
CA VAL C 263 29.96 18.03 -9.29
C VAL C 263 29.48 17.05 -10.36
N GLY C 264 29.99 17.20 -11.58
CA GLY C 264 29.50 16.39 -12.69
C GLY C 264 29.57 14.89 -12.42
N LYS C 265 30.54 14.48 -11.65
CA LYS C 265 30.59 13.08 -11.36
C LYS C 265 29.59 12.71 -10.32
N LEU C 266 29.30 13.63 -9.44
CA LEU C 266 28.31 13.35 -8.41
C LEU C 266 26.90 13.35 -9.01
N ASN C 267 26.64 14.19 -10.01
CA ASN C 267 25.37 14.11 -10.73
C ASN C 267 25.26 12.83 -11.54
N TRP C 268 26.38 12.29 -11.97
CA TRP C 268 26.36 11.06 -12.73
C TRP C 268 26.08 9.94 -11.79
N ALA C 269 26.57 10.07 -10.58
CA ALA C 269 26.40 9.00 -9.60
C ALA C 269 25.02 9.02 -8.96
N SER C 270 24.28 10.11 -9.09
CA SER C 270 22.97 10.23 -8.47
C SER C 270 21.90 9.41 -9.15
N GLN C 271 22.22 8.70 -10.24
CA GLN C 271 21.19 7.95 -10.95
C GLN C 271 21.00 6.55 -10.38
N ILE C 272 21.93 6.06 -9.57
CA ILE C 272 21.82 4.73 -8.99
C ILE C 272 22.20 4.77 -7.51
N TYR C 273 23.12 5.67 -7.15
CA TYR C 273 23.49 5.87 -5.75
C TYR C 273 22.52 6.86 -5.12
N PRO C 274 21.71 6.46 -4.15
CA PRO C 274 20.76 7.40 -3.56
C PRO C 274 21.40 8.26 -2.48
N GLY C 275 20.81 9.42 -2.26
CA GLY C 275 21.22 10.31 -1.18
C GLY C 275 22.38 11.23 -1.52
N ILE C 276 22.74 11.35 -2.79
CA ILE C 276 23.87 12.17 -3.18
C ILE C 276 23.42 13.62 -3.26
N LYS C 277 24.15 14.51 -2.60
CA LYS C 277 23.78 15.92 -2.55
C LYS C 277 24.95 16.76 -3.05
N VAL C 278 24.64 17.74 -3.90
CA VAL C 278 25.66 18.64 -4.43
C VAL C 278 25.12 20.05 -4.28
N ARG C 279 24.45 20.32 -3.17
CA ARG C 279 23.91 21.66 -2.92
C ARG C 279 25.00 22.61 -2.43
N GLN C 280 25.72 22.22 -1.37
CA GLN C 280 26.72 23.10 -0.79
C GLN C 280 27.99 23.14 -1.63
N LEU C 281 28.30 22.05 -2.34
CA LEU C 281 29.44 22.07 -3.25
C LEU C 281 29.18 22.96 -4.45
N SER C 282 27.92 23.04 -4.90
CA SER C 282 27.59 23.97 -5.98
C SER C 282 27.53 25.42 -5.51
N LYS C 283 27.37 25.66 -4.21
CA LYS C 283 27.44 27.01 -3.68
C LYS C 283 28.85 27.59 -3.77
N LEU C 284 29.82 26.80 -4.17
CA LEU C 284 31.19 27.27 -4.35
C LEU C 284 31.38 27.88 -5.72
N LEU C 285 30.53 27.54 -6.68
CA LEU C 285 30.66 27.97 -8.05
C LEU C 285 29.87 29.24 -8.37
N ARG C 286 29.09 29.78 -7.42
CA ARG C 286 28.29 30.96 -7.72
C ARG C 286 29.15 32.23 -7.66
N GLY C 287 28.94 33.11 -8.64
CA GLY C 287 29.69 34.35 -8.70
C GLY C 287 31.16 34.18 -8.91
N THR C 288 31.58 33.06 -9.51
CA THR C 288 32.98 32.75 -9.71
C THR C 288 33.36 32.99 -11.17
N LYS C 289 34.53 33.61 -11.38
CA LYS C 289 35.00 33.92 -12.72
C LYS C 289 35.96 32.87 -13.26
N ALA C 290 37.15 32.78 -12.66
CA ALA C 290 38.20 31.94 -13.23
C ALA C 290 37.92 30.47 -13.00
N LEU C 291 38.30 29.65 -13.99
CA LEU C 291 38.21 28.20 -13.86
C LEU C 291 39.34 27.64 -13.01
N THR C 292 40.48 28.32 -12.97
CA THR C 292 41.65 27.87 -12.23
C THR C 292 41.75 28.54 -10.86
N GLU C 293 40.74 29.31 -10.47
CA GLU C 293 40.78 29.98 -9.18
C GLU C 293 40.70 28.96 -8.04
N VAL C 294 41.64 29.07 -7.11
CA VAL C 294 41.62 28.21 -5.94
C VAL C 294 40.53 28.69 -5.00
N ILE C 295 39.75 27.75 -4.47
CA ILE C 295 38.66 28.10 -3.57
C ILE C 295 38.67 27.14 -2.38
N PRO C 296 38.62 27.63 -1.16
CA PRO C 296 38.58 26.73 0.00
C PRO C 296 37.19 26.14 0.19
N LEU C 297 37.17 24.92 0.73
CA LEU C 297 35.92 24.21 0.95
C LEU C 297 35.23 24.72 2.21
N THR C 298 33.94 25.00 2.10
CA THR C 298 33.17 25.45 3.25
C THR C 298 32.96 24.29 4.23
N GLU C 299 32.55 24.65 5.45
CA GLU C 299 32.27 23.64 6.47
C GLU C 299 31.14 22.71 6.03
N GLU C 300 30.10 23.26 5.41
CA GLU C 300 28.99 22.44 4.93
C GLU C 300 29.31 21.70 3.64
N ALA C 301 30.33 22.12 2.91
CA ALA C 301 30.70 21.44 1.67
C ALA C 301 31.58 20.23 1.96
N GLU C 302 32.45 20.31 2.97
CA GLU C 302 33.27 19.17 3.36
C GLU C 302 32.42 18.08 3.98
N LEU C 303 31.41 18.47 4.76
CA LEU C 303 30.46 17.50 5.29
C LEU C 303 29.70 16.81 4.16
N GLU C 304 29.36 17.57 3.12
CA GLU C 304 28.66 16.99 1.97
C GLU C 304 29.58 16.09 1.17
N LEU C 305 30.86 16.45 1.07
CA LEU C 305 31.82 15.57 0.39
C LEU C 305 32.09 14.31 1.19
N ALA C 306 32.13 14.43 2.53
CA ALA C 306 32.36 13.25 3.36
C ALA C 306 31.17 12.30 3.32
N GLU C 307 29.96 12.84 3.22
CA GLU C 307 28.78 11.99 3.09
C GLU C 307 28.75 11.32 1.72
N ASN C 308 29.14 12.05 0.67
CA ASN C 308 29.09 11.49 -0.68
C ASN C 308 30.20 10.46 -0.89
N ARG C 309 31.34 10.66 -0.21
CA ARG C 309 32.40 9.65 -0.25
C ARG C 309 32.09 8.44 0.61
N GLU C 310 31.16 8.56 1.55
CA GLU C 310 30.75 7.42 2.35
C GLU C 310 29.70 6.58 1.62
N ILE C 311 28.91 7.20 0.75
CA ILE C 311 27.92 6.45 -0.02
C ILE C 311 28.59 5.68 -1.17
N LEU C 312 29.64 6.25 -1.77
CA LEU C 312 30.29 5.59 -2.89
C LEU C 312 31.11 4.38 -2.47
N LYS C 313 31.33 4.16 -1.18
CA LYS C 313 32.18 3.07 -0.72
C LYS C 313 31.60 1.70 -1.10
N GLU C 314 30.38 1.41 -0.61
CA GLU C 314 29.73 0.14 -0.92
C GLU C 314 29.13 0.17 -2.33
N PRO C 315 29.21 -0.94 -3.07
CA PRO C 315 28.60 -0.99 -4.40
C PRO C 315 27.08 -1.02 -4.33
N VAL C 316 26.46 -0.48 -5.37
CA VAL C 316 25.01 -0.46 -5.51
C VAL C 316 24.69 -0.96 -6.91
N HIS C 317 23.57 -1.65 -7.03
CA HIS C 317 23.13 -2.20 -8.30
C HIS C 317 21.69 -1.80 -8.57
N GLY C 318 21.33 -1.81 -9.85
CA GLY C 318 19.96 -1.54 -10.25
C GLY C 318 19.40 -2.72 -11.04
N VAL C 319 18.07 -2.78 -11.12
CA VAL C 319 17.40 -3.89 -11.77
C VAL C 319 16.92 -3.50 -13.17
N TYR C 320 16.30 -4.44 -13.88
CA TYR C 320 15.80 -4.21 -15.22
C TYR C 320 14.28 -4.08 -15.20
N TYR C 321 13.74 -3.50 -16.26
CA TYR C 321 12.33 -3.14 -16.31
C TYR C 321 11.46 -4.36 -16.59
N ASP C 322 10.39 -4.51 -15.81
CA ASP C 322 9.42 -5.58 -16.01
C ASP C 322 8.08 -4.97 -16.42
N PRO C 323 7.68 -5.08 -17.69
CA PRO C 323 6.46 -4.40 -18.14
C PRO C 323 5.19 -4.89 -17.45
N SER C 324 5.21 -6.10 -16.88
CA SER C 324 4.01 -6.64 -16.25
C SER C 324 3.68 -5.97 -14.91
N LYS C 325 4.65 -5.35 -14.25
CA LYS C 325 4.44 -4.71 -12.96
C LYS C 325 4.50 -3.19 -13.11
N ASP C 326 3.81 -2.49 -12.21
CA ASP C 326 3.69 -1.04 -12.32
C ASP C 326 5.02 -0.37 -11.98
N LEU C 327 5.08 0.93 -12.28
CA LEU C 327 6.23 1.76 -11.96
C LEU C 327 5.92 2.56 -10.69
N ILE C 328 6.84 2.53 -9.73
CA ILE C 328 6.67 3.22 -8.44
C ILE C 328 7.79 4.24 -8.28
N ALA C 329 7.41 5.48 -8.03
CA ALA C 329 8.35 6.57 -7.78
C ALA C 329 8.07 7.15 -6.39
N GLU C 330 9.11 7.23 -5.56
CA GLU C 330 8.99 7.71 -4.19
C GLU C 330 9.94 8.88 -3.98
N ILE C 331 9.43 9.95 -3.36
CA ILE C 331 10.17 11.21 -3.19
C ILE C 331 10.35 11.50 -1.71
N GLN C 332 11.50 12.06 -1.37
CA GLN C 332 11.83 12.50 -0.01
C GLN C 332 12.44 13.89 -0.05
N LYS C 333 12.04 14.73 0.91
CA LYS C 333 12.59 16.07 1.04
C LYS C 333 13.86 15.94 1.87
N GLN C 334 15.01 16.18 1.26
CA GLN C 334 16.26 15.97 2.00
C GLN C 334 16.66 17.19 2.81
N GLY C 335 16.56 18.35 2.19
CA GLY C 335 17.03 19.58 2.81
C GLY C 335 16.25 20.72 2.20
N GLN C 336 16.72 21.94 2.41
CA GLN C 336 15.97 23.07 1.89
C GLN C 336 16.25 23.20 0.40
N GLY C 337 15.19 23.04 -0.40
CA GLY C 337 15.32 23.04 -1.85
C GLY C 337 15.93 21.80 -2.46
N GLN C 338 16.14 20.73 -1.69
CA GLN C 338 16.71 19.50 -2.21
C GLN C 338 15.73 18.34 -2.09
N TRP C 339 15.60 17.55 -3.16
CA TRP C 339 14.71 16.42 -3.22
C TRP C 339 15.45 15.26 -3.87
N THR C 340 15.07 14.04 -3.48
CA THR C 340 15.60 12.82 -4.07
C THR C 340 14.47 11.85 -4.30
N TYR C 341 14.67 10.96 -5.26
CA TYR C 341 13.63 10.02 -5.63
C TYR C 341 14.26 8.71 -6.02
N GLN C 342 13.45 7.67 -5.97
CA GLN C 342 13.83 6.33 -6.41
C GLN C 342 12.66 5.76 -7.20
N ILE C 343 12.99 5.07 -8.28
CA ILE C 343 11.99 4.48 -9.15
C ILE C 343 12.22 2.97 -9.13
N TYR C 344 11.17 2.22 -8.85
CA TYR C 344 11.27 0.77 -8.72
C TYR C 344 9.94 0.14 -9.08
N GLN C 345 9.90 -1.19 -9.09
CA GLN C 345 8.66 -1.94 -9.25
C GLN C 345 8.34 -2.85 -8.07
N GLU C 346 9.35 -3.38 -7.39
CA GLU C 346 9.21 -4.06 -6.12
C GLU C 346 10.20 -3.42 -5.14
N PRO C 347 9.82 -3.29 -3.86
CA PRO C 347 10.60 -2.43 -2.95
C PRO C 347 12.07 -2.84 -2.86
N PHE C 348 12.92 -1.83 -2.66
CA PHE C 348 14.36 -1.95 -2.47
C PHE C 348 15.11 -2.43 -3.72
N LYS C 349 14.42 -2.73 -4.82
CA LYS C 349 15.04 -3.10 -6.07
C LYS C 349 14.84 -1.94 -7.05
N ASN C 350 15.65 -0.90 -6.89
CA ASN C 350 15.47 0.33 -7.64
C ASN C 350 15.87 0.14 -9.10
N LEU C 351 15.04 0.67 -10.00
CA LEU C 351 15.44 0.77 -11.40
C LEU C 351 16.49 1.86 -11.59
N LYS C 352 16.21 3.05 -11.06
CA LYS C 352 17.18 4.12 -11.02
C LYS C 352 16.76 5.11 -9.94
N THR C 353 17.68 5.98 -9.56
CA THR C 353 17.44 7.06 -8.61
C THR C 353 17.75 8.40 -9.26
N GLY C 354 17.74 9.45 -8.45
CA GLY C 354 18.00 10.78 -8.96
C GLY C 354 17.74 11.82 -7.89
N LYS C 355 17.78 13.09 -8.30
CA LYS C 355 17.52 14.18 -7.38
C LYS C 355 16.95 15.36 -8.15
N TYR C 356 16.40 16.30 -7.40
CA TYR C 356 15.92 17.54 -7.99
C TYR C 356 16.16 18.66 -7.00
N ALA C 357 16.70 19.78 -7.48
CA ALA C 357 16.98 20.91 -6.59
C ALA C 357 16.87 22.27 -7.26
N ARG C 358 16.18 22.36 -8.36
CA ARG C 358 16.08 23.62 -8.99
C ARG C 358 15.24 24.56 -8.19
N MET C 359 15.66 25.80 -8.10
CA MET C 359 14.86 26.81 -7.42
C MET C 359 14.17 27.68 -8.45
N ARG C 360 12.89 27.42 -8.63
CA ARG C 360 12.16 28.14 -9.63
C ARG C 360 11.32 29.23 -9.09
N GLY C 361 11.74 30.45 -9.21
CA GLY C 361 10.97 31.51 -8.66
C GLY C 361 11.62 32.15 -7.51
N ALA C 362 11.32 33.43 -7.31
CA ALA C 362 11.86 34.15 -6.16
C ALA C 362 11.17 33.62 -4.93
N HIS C 363 9.86 33.44 -4.99
CA HIS C 363 9.13 32.95 -3.88
C HIS C 363 8.44 31.65 -4.20
N THR C 364 8.47 30.69 -3.30
CA THR C 364 7.88 29.38 -3.54
C THR C 364 7.68 28.70 -2.19
N ASN C 365 7.05 27.53 -2.23
CA ASN C 365 6.87 26.69 -1.05
C ASN C 365 7.20 25.24 -1.39
N ASP C 366 7.16 24.38 -0.37
CA ASP C 366 7.48 22.97 -0.56
C ASP C 366 6.47 22.28 -1.48
N VAL C 367 5.20 22.70 -1.45
CA VAL C 367 4.20 22.06 -2.28
C VAL C 367 4.51 22.31 -3.76
N LYS C 368 4.81 23.56 -4.10
CA LYS C 368 5.19 23.87 -5.48
C LYS C 368 6.39 23.05 -5.94
N GLN C 369 7.45 23.02 -5.12
CA GLN C 369 8.67 22.30 -5.51
C GLN C 369 8.41 20.81 -5.66
N LEU C 370 7.50 20.25 -4.85
CA LEU C 370 7.16 18.85 -5.00
C LEU C 370 6.40 18.60 -6.30
N THR C 371 5.51 19.53 -6.69
CA THR C 371 4.81 19.38 -7.96
C THR C 371 5.79 19.40 -9.13
N GLU C 372 6.74 20.33 -9.11
CA GLU C 372 7.74 20.40 -10.17
C GLU C 372 8.57 19.12 -10.22
N ALA C 373 8.91 18.57 -9.05
CA ALA C 373 9.66 17.32 -9.02
C ALA C 373 8.86 16.19 -9.66
N VAL C 374 7.56 16.12 -9.37
CA VAL C 374 6.71 15.07 -9.94
C VAL C 374 6.68 15.15 -11.45
N GLN C 375 6.55 16.38 -11.99
CA GLN C 375 6.54 16.52 -13.44
C GLN C 375 7.89 16.21 -14.04
N LYS C 376 8.97 16.48 -13.32
CA LYS C 376 10.29 16.11 -13.80
C LYS C 376 10.45 14.59 -13.87
N ILE C 377 9.98 13.88 -12.84
CA ILE C 377 10.06 12.41 -12.86
C ILE C 377 9.10 11.85 -13.90
N THR C 378 7.90 12.43 -14.02
CA THR C 378 6.95 11.99 -15.02
C THR C 378 7.57 12.01 -16.42
N THR C 379 8.19 13.14 -16.78
CA THR C 379 8.80 13.26 -18.11
C THR C 379 9.98 12.30 -18.25
N GLU C 380 10.76 12.13 -17.19
CA GLU C 380 11.88 11.19 -17.24
C GLU C 380 11.41 9.75 -17.41
N SER C 381 10.29 9.39 -16.78
CA SER C 381 9.79 8.02 -16.89
C SER C 381 9.15 7.75 -18.25
N ILE C 382 8.52 8.76 -18.85
CA ILE C 382 7.96 8.57 -20.19
C ILE C 382 9.07 8.38 -21.22
N VAL C 383 10.22 8.99 -20.99
CA VAL C 383 11.35 8.82 -21.90
C VAL C 383 11.88 7.39 -21.84
N ILE C 384 12.02 6.85 -20.63
CA ILE C 384 12.73 5.58 -20.44
C ILE C 384 11.80 4.39 -20.59
N TRP C 385 10.56 4.49 -20.11
CA TRP C 385 9.64 3.36 -20.11
C TRP C 385 8.34 3.64 -20.83
N GLY C 386 8.11 4.86 -21.31
CA GLY C 386 6.93 5.15 -22.07
C GLY C 386 5.64 5.20 -21.29
N LYS C 387 5.71 5.39 -19.97
CA LYS C 387 4.51 5.55 -19.17
C LYS C 387 4.86 6.30 -17.89
N THR C 388 3.81 6.84 -17.23
CA THR C 388 3.96 7.62 -16.00
C THR C 388 3.89 6.70 -14.78
N PRO C 389 4.79 6.85 -13.82
CA PRO C 389 4.77 5.95 -12.66
C PRO C 389 3.69 6.38 -11.67
N LYS C 390 3.46 5.50 -10.70
CA LYS C 390 2.62 5.82 -9.55
C LYS C 390 3.51 6.34 -8.43
N PHE C 391 3.08 7.42 -7.77
CA PHE C 391 3.95 8.18 -6.88
C PHE C 391 3.63 7.91 -5.41
N LYS C 392 4.68 7.88 -4.60
CA LYS C 392 4.58 7.87 -3.15
C LYS C 392 5.15 9.19 -2.65
N LEU C 393 4.28 10.08 -2.19
CA LEU C 393 4.68 11.43 -1.87
C LEU C 393 4.61 11.71 -0.37
N PRO C 394 5.63 12.35 0.21
CA PRO C 394 5.63 12.68 1.65
C PRO C 394 4.74 13.89 1.97
N ILE C 395 3.53 13.88 1.43
CA ILE C 395 2.56 14.94 1.67
C ILE C 395 1.22 14.29 2.01
N GLN C 396 0.55 14.85 3.01
CA GLN C 396 -0.75 14.33 3.41
C GLN C 396 -1.78 14.58 2.31
N LYS C 397 -2.71 13.63 2.17
CA LYS C 397 -3.78 13.79 1.18
C LYS C 397 -4.61 15.04 1.45
N GLU C 398 -4.81 15.39 2.72
CA GLU C 398 -5.58 16.59 3.03
C GLU C 398 -4.77 17.85 2.75
N THR C 399 -3.45 17.77 2.89
CA THR C 399 -2.60 18.92 2.59
C THR C 399 -2.70 19.30 1.11
N TRP C 400 -2.52 18.32 0.23
CA TRP C 400 -2.62 18.59 -1.20
C TRP C 400 -4.03 19.00 -1.61
N GLU C 401 -5.04 18.43 -0.96
CA GLU C 401 -6.42 18.79 -1.29
C GLU C 401 -6.70 20.25 -0.97
N THR C 402 -6.16 20.74 0.16
CA THR C 402 -6.35 22.14 0.51
C THR C 402 -5.62 23.06 -0.46
N TRP C 403 -4.52 22.59 -1.05
CA TRP C 403 -3.70 23.44 -1.88
C TRP C 403 -4.37 23.70 -3.23
N TRP C 404 -4.61 22.64 -4.00
CA TRP C 404 -5.03 22.81 -5.39
C TRP C 404 -6.42 23.44 -5.49
N THR C 405 -7.26 23.26 -4.48
CA THR C 405 -8.59 23.86 -4.53
C THR C 405 -8.53 25.36 -4.27
N GLU C 406 -7.72 25.79 -3.30
CA GLU C 406 -7.61 27.21 -2.98
C GLU C 406 -6.68 27.96 -3.94
N TYR C 407 -5.76 27.26 -4.61
CA TYR C 407 -4.86 27.89 -5.55
C TYR C 407 -5.60 28.42 -6.78
N TRP C 408 -5.17 29.59 -7.27
CA TRP C 408 -5.79 30.17 -8.46
C TRP C 408 -5.29 29.53 -9.74
N GLN C 409 -4.07 29.01 -9.74
CA GLN C 409 -3.54 28.32 -10.91
C GLN C 409 -4.03 26.88 -10.93
N ALA C 410 -4.19 26.35 -12.14
CA ALA C 410 -4.52 24.94 -12.29
C ALA C 410 -3.31 24.09 -11.98
N THR C 411 -3.49 23.04 -11.20
CA THR C 411 -2.40 22.14 -10.89
C THR C 411 -2.96 20.74 -10.65
N TRP C 412 -2.12 19.74 -10.88
CA TRP C 412 -2.58 18.36 -10.78
C TRP C 412 -1.38 17.45 -10.61
N ILE C 413 -1.60 16.34 -9.93
CA ILE C 413 -0.58 15.30 -9.73
C ILE C 413 -1.21 13.97 -10.14
N PRO C 414 -0.50 13.11 -10.88
CA PRO C 414 -1.08 11.81 -11.25
C PRO C 414 -1.36 10.93 -10.04
N GLU C 415 -1.74 9.67 -10.30
CA GLU C 415 -2.09 8.75 -9.22
C GLU C 415 -0.96 8.65 -8.21
N TRP C 416 -1.24 9.06 -6.97
CA TRP C 416 -0.24 9.08 -5.92
C TRP C 416 -0.88 8.67 -4.60
N GLU C 417 -0.05 8.17 -3.69
CA GLU C 417 -0.49 7.74 -2.37
C GLU C 417 0.46 8.31 -1.32
N PHE C 418 -0.09 8.64 -0.16
CA PHE C 418 0.69 9.24 0.91
C PHE C 418 1.68 8.24 1.48
N VAL C 419 2.90 8.70 1.75
CA VAL C 419 3.92 7.91 2.44
C VAL C 419 4.45 8.73 3.60
N ASN C 420 4.56 8.10 4.78
CA ASN C 420 4.95 8.81 6.00
C ASN C 420 6.47 8.79 6.15
N THR C 421 7.12 9.54 5.26
CA THR C 421 8.57 9.73 5.28
C THR C 421 8.86 11.15 5.77
N PRO C 422 9.06 11.35 7.08
CA PRO C 422 9.34 12.69 7.56
C PRO C 422 10.68 13.19 7.05
N PRO C 423 10.83 14.51 6.83
CA PRO C 423 9.80 15.53 7.09
C PRO C 423 8.71 15.57 6.03
N LEU C 424 7.48 15.82 6.48
CA LEU C 424 6.32 15.86 5.60
C LEU C 424 6.16 17.25 5.00
N VAL C 425 5.68 17.28 3.76
CA VAL C 425 5.37 18.54 3.10
C VAL C 425 4.09 19.12 3.68
N LYS C 426 4.15 20.38 4.11
CA LYS C 426 3.00 21.03 4.72
C LYS C 426 2.93 22.48 4.30
N LEU C 427 1.74 23.05 4.47
CA LEU C 427 1.53 24.50 4.34
C LEU C 427 1.71 25.14 5.72
N TRP C 428 2.62 26.11 5.80
CA TRP C 428 3.04 26.63 7.08
C TRP C 428 2.11 27.70 7.63
N TYR C 429 1.17 28.21 6.82
CA TYR C 429 0.18 29.15 7.31
C TYR C 429 -0.98 29.24 6.31
N GLN C 430 -2.09 29.81 6.80
CA GLN C 430 -3.32 29.98 6.04
C GLN C 430 -3.93 31.34 6.34
N LEU C 431 -4.19 32.09 5.28
CA LEU C 431 -4.85 33.38 5.41
C LEU C 431 -6.34 33.15 5.66
N GLU C 432 -6.92 33.94 6.54
CA GLU C 432 -8.35 33.82 6.79
C GLU C 432 -9.14 34.23 5.55
N LYS C 433 -10.29 33.60 5.37
CA LYS C 433 -11.19 33.96 4.30
C LYS C 433 -12.12 35.10 4.68
N GLU C 434 -12.31 35.34 5.97
CA GLU C 434 -13.15 36.42 6.46
C GLU C 434 -12.43 37.17 7.56
N PRO C 435 -12.67 38.47 7.69
CA PRO C 435 -11.98 39.26 8.72
C PRO C 435 -12.23 38.72 10.11
N ILE C 436 -11.22 38.85 10.96
CA ILE C 436 -11.27 38.33 12.33
C ILE C 436 -11.98 39.34 13.22
N VAL C 437 -13.05 38.90 13.88
CA VAL C 437 -13.74 39.77 14.82
C VAL C 437 -12.92 39.90 16.09
N GLY C 438 -12.75 41.14 16.56
CA GLY C 438 -12.00 41.41 17.76
C GLY C 438 -10.51 41.54 17.59
N ALA C 439 -10.02 41.56 16.36
CA ALA C 439 -8.60 41.75 16.09
C ALA C 439 -8.34 43.16 15.55
N GLU C 440 -7.24 43.75 16.01
CA GLU C 440 -6.86 45.09 15.57
C GLU C 440 -6.68 45.11 14.06
N THR C 441 -7.06 46.22 13.45
CA THR C 441 -7.10 46.36 11.99
C THR C 441 -6.02 47.34 11.55
N PHE C 442 -5.03 46.85 10.81
CA PHE C 442 -3.87 47.64 10.42
C PHE C 442 -3.99 48.06 8.96
N TYR C 443 -4.10 49.35 8.71
CA TYR C 443 -4.11 49.91 7.36
C TYR C 443 -2.68 50.31 7.01
N VAL C 444 -2.04 49.53 6.15
CA VAL C 444 -0.63 49.74 5.84
C VAL C 444 -0.50 50.39 4.46
N ASP C 445 0.64 51.05 4.24
CA ASP C 445 0.97 51.60 2.94
C ASP C 445 2.47 51.92 2.92
N GLY C 446 3.00 52.06 1.72
CA GLY C 446 4.40 52.39 1.53
C GLY C 446 4.66 53.19 0.26
N ALA C 447 5.57 54.17 0.35
CA ALA C 447 5.91 55.01 -0.79
C ALA C 447 7.42 55.17 -0.85
N ALA C 448 7.91 55.53 -2.04
CA ALA C 448 9.33 55.70 -2.27
C ALA C 448 9.54 56.63 -3.46
N ASN C 449 10.63 57.39 -3.40
CA ASN C 449 10.99 58.36 -4.43
C ASN C 449 11.97 57.71 -5.39
N ARG C 450 11.73 57.90 -6.69
CA ARG C 450 12.50 57.15 -7.68
C ARG C 450 13.95 57.61 -7.72
N GLU C 451 14.17 58.93 -7.71
CA GLU C 451 15.53 59.47 -7.79
C GLU C 451 16.29 59.29 -6.47
N THR C 452 15.67 59.67 -5.36
CA THR C 452 16.37 59.63 -4.07
C THR C 452 16.49 58.22 -3.50
N LYS C 453 15.67 57.28 -3.97
CA LYS C 453 15.64 55.92 -3.42
C LYS C 453 15.29 55.91 -1.95
N LEU C 454 14.65 56.98 -1.47
CA LEU C 454 14.22 57.08 -0.08
C LEU C 454 12.71 56.89 -0.01
N GLY C 455 12.25 56.30 1.08
CA GLY C 455 10.82 56.07 1.25
C GLY C 455 10.45 55.85 2.70
N LYS C 456 9.15 55.90 2.94
CA LYS C 456 8.56 55.60 4.24
C LYS C 456 7.67 54.37 4.13
N ALA C 457 7.31 53.82 5.29
CA ALA C 457 6.45 52.66 5.37
C ALA C 457 5.86 52.58 6.77
N GLY C 458 4.55 52.44 6.87
CA GLY C 458 3.94 52.42 8.19
C GLY C 458 2.50 51.94 8.15
N TYR C 459 1.79 52.19 9.25
CA TYR C 459 0.43 51.69 9.40
C TYR C 459 -0.37 52.63 10.30
N VAL C 460 -1.69 52.57 10.14
CA VAL C 460 -2.64 53.23 11.05
C VAL C 460 -3.72 52.23 11.43
N THR C 461 -4.00 52.08 12.73
CA THR C 461 -4.99 51.12 13.18
C THR C 461 -6.22 51.82 13.75
N ASN C 462 -7.28 51.02 13.93
CA ASN C 462 -8.53 51.52 14.50
C ASN C 462 -8.38 51.96 15.95
N LYS C 463 -7.44 51.36 16.70
CA LYS C 463 -7.18 51.72 18.08
C LYS C 463 -6.29 52.97 18.23
N GLY C 464 -6.15 53.78 17.17
CA GLY C 464 -5.29 54.94 17.20
C GLY C 464 -3.80 54.65 17.05
N ARG C 465 -3.39 53.39 17.14
CA ARG C 465 -1.99 53.01 16.99
C ARG C 465 -1.45 53.40 15.62
N GLN C 466 -0.27 54.02 15.60
CA GLN C 466 0.36 54.46 14.36
C GLN C 466 1.86 54.18 14.43
N LYS C 467 2.51 54.30 13.26
CA LYS C 467 3.95 54.15 13.11
C LYS C 467 4.32 54.48 11.67
N VAL C 468 5.41 55.23 11.50
CA VAL C 468 6.03 55.46 10.20
C VAL C 468 7.53 55.29 10.36
N VAL C 469 8.16 54.57 9.43
CA VAL C 469 9.58 54.26 9.50
C VAL C 469 10.25 54.81 8.25
N PRO C 470 11.30 55.61 8.37
CA PRO C 470 12.03 56.05 7.17
C PRO C 470 12.90 54.92 6.66
N LEU C 471 13.04 54.87 5.33
CA LEU C 471 13.81 53.81 4.69
C LEU C 471 14.80 54.39 3.70
N THR C 472 15.94 53.69 3.56
CA THR C 472 17.04 54.13 2.71
C THR C 472 17.32 53.07 1.64
N ASN C 473 17.53 53.53 0.41
CA ASN C 473 17.85 52.68 -0.73
C ASN C 473 16.80 51.57 -0.90
N THR C 474 15.59 52.01 -1.25
CA THR C 474 14.44 51.13 -1.36
C THR C 474 13.61 51.50 -2.57
N THR C 475 12.60 50.67 -2.85
CA THR C 475 11.71 50.91 -3.98
C THR C 475 10.27 50.85 -3.50
N ASN C 476 9.33 51.22 -4.37
CA ASN C 476 7.91 51.21 -4.03
C ASN C 476 7.45 49.81 -3.60
N GLN C 477 7.94 48.79 -4.26
CA GLN C 477 7.54 47.42 -3.95
C GLN C 477 8.07 46.99 -2.60
N LYS C 478 9.31 47.35 -2.29
CA LYS C 478 9.91 46.96 -1.02
C LYS C 478 9.24 47.64 0.17
N THR C 479 8.89 48.91 0.01
CA THR C 479 8.22 49.64 1.09
C THR C 479 6.87 49.02 1.41
N GLU C 480 6.10 48.68 0.37
CA GLU C 480 4.77 48.10 0.58
C GLU C 480 4.88 46.75 1.26
N LEU C 481 5.94 45.99 0.96
CA LEU C 481 6.24 44.79 1.72
C LEU C 481 6.64 45.14 3.14
N GLN C 482 7.53 46.13 3.29
CA GLN C 482 7.97 46.56 4.61
C GLN C 482 6.81 47.00 5.48
N ALA C 483 5.84 47.72 4.88
CA ALA C 483 4.68 48.18 5.63
C ALA C 483 3.91 47.01 6.23
N ILE C 484 3.74 45.94 5.45
CA ILE C 484 3.05 44.76 5.97
C ILE C 484 3.91 44.10 7.05
N TYR C 485 5.23 44.11 6.88
CA TYR C 485 6.11 43.52 7.88
C TYR C 485 5.99 44.24 9.22
N LEU C 486 5.87 45.57 9.18
CA LEU C 486 5.69 46.32 10.42
C LEU C 486 4.39 45.94 11.12
N ALA C 487 3.31 45.76 10.34
CA ALA C 487 2.03 45.39 10.92
C ALA C 487 2.11 44.02 11.61
N LEU C 488 2.88 43.09 11.04
CA LEU C 488 2.99 41.77 11.64
C LEU C 488 3.81 41.80 12.92
N GLN C 489 4.75 42.74 13.02
CA GLN C 489 5.61 42.80 14.20
C GLN C 489 4.85 43.37 15.40
N ASP C 490 4.08 44.43 15.19
CA ASP C 490 3.46 45.19 16.27
C ASP C 490 2.04 44.73 16.59
N SER C 491 1.61 43.57 16.09
CA SER C 491 0.27 43.08 16.31
C SER C 491 0.27 41.86 17.23
N GLY C 492 -0.93 41.50 17.69
CA GLY C 492 -1.11 40.33 18.52
C GLY C 492 -1.09 39.06 17.69
N LEU C 493 -1.71 38.01 18.24
CA LEU C 493 -1.80 36.74 17.52
C LEU C 493 -2.87 36.74 16.44
N GLU C 494 -3.80 37.70 16.45
CA GLU C 494 -4.83 37.82 15.44
C GLU C 494 -4.83 39.25 14.91
N VAL C 495 -4.72 39.40 13.60
CA VAL C 495 -4.56 40.72 12.98
C VAL C 495 -5.31 40.75 11.65
N ASN C 496 -5.91 41.90 11.35
CA ASN C 496 -6.47 42.18 10.04
C ASN C 496 -5.61 43.26 9.38
N ILE C 497 -5.13 42.98 8.18
CA ILE C 497 -4.23 43.89 7.47
C ILE C 497 -4.89 44.29 6.16
N VAL C 498 -4.84 45.58 5.85
CA VAL C 498 -5.46 46.14 4.65
C VAL C 498 -4.39 46.92 3.90
N THR C 499 -4.01 46.44 2.72
CA THR C 499 -3.00 47.07 1.89
C THR C 499 -3.58 47.35 0.52
N ASN C 500 -3.03 48.36 -0.14
CA ASN C 500 -3.37 48.63 -1.53
C ASN C 500 -2.33 48.08 -2.50
N SER C 501 -1.39 47.26 -2.03
CA SER C 501 -0.31 46.74 -2.88
C SER C 501 -0.76 45.40 -3.46
N GLN C 502 -1.04 45.38 -4.76
CA GLN C 502 -1.32 44.11 -5.43
C GLN C 502 -0.11 43.20 -5.38
N TYR C 503 1.05 43.76 -5.71
CA TYR C 503 2.30 43.01 -5.70
C TYR C 503 2.48 42.25 -4.40
N ALA C 504 2.35 42.95 -3.28
CA ALA C 504 2.58 42.33 -1.98
C ALA C 504 1.53 41.26 -1.70
N LEU C 505 0.25 41.57 -1.95
CA LEU C 505 -0.81 40.60 -1.71
C LEU C 505 -0.61 39.34 -2.54
N GLY C 506 -0.20 39.49 -3.79
CA GLY C 506 -0.02 38.33 -4.65
C GLY C 506 1.07 37.39 -4.14
N ILE C 507 2.07 37.91 -3.47
CA ILE C 507 3.15 37.09 -2.98
C ILE C 507 2.74 36.35 -1.76
N ILE C 508 2.00 37.00 -0.90
CA ILE C 508 1.64 36.38 0.36
C ILE C 508 0.54 35.34 0.18
N GLN C 509 -0.38 35.58 -0.76
CA GLN C 509 -1.50 34.65 -0.95
C GLN C 509 -1.05 33.32 -1.54
N ALA C 510 0.12 33.27 -2.17
CA ALA C 510 0.67 32.05 -2.72
C ALA C 510 1.28 31.14 -1.65
N GLN C 511 1.11 31.50 -0.37
CA GLN C 511 1.62 30.75 0.77
C GLN C 511 3.07 30.28 0.60
N PRO C 512 4.01 31.18 0.33
CA PRO C 512 5.41 30.76 0.21
C PRO C 512 6.06 30.50 1.55
N ASP C 513 7.08 29.63 1.53
CA ASP C 513 7.92 29.45 2.70
C ASP C 513 9.41 29.64 2.41
N LYS C 514 9.79 29.92 1.17
CA LYS C 514 11.16 30.29 0.83
C LYS C 514 11.14 31.50 -0.10
N SER C 515 12.15 32.35 0.05
CA SER C 515 12.25 33.54 -0.78
C SER C 515 13.72 33.88 -1.00
N GLU C 516 14.02 34.41 -2.18
CA GLU C 516 15.32 35.01 -2.42
C GLU C 516 15.45 36.37 -1.75
N SER C 517 14.34 36.99 -1.37
CA SER C 517 14.35 38.26 -0.67
C SER C 517 14.30 37.99 0.84
N GLU C 518 15.24 38.58 1.57
CA GLU C 518 15.27 38.39 3.02
C GLU C 518 14.08 39.03 3.72
N LEU C 519 13.58 40.15 3.18
CA LEU C 519 12.41 40.78 3.77
C LEU C 519 11.20 39.85 3.71
N VAL C 520 11.00 39.17 2.57
CA VAL C 520 9.88 38.24 2.44
C VAL C 520 10.04 37.10 3.44
N ASN C 521 11.27 36.57 3.57
CA ASN C 521 11.52 35.53 4.57
C ASN C 521 11.16 36.01 5.96
N GLN C 522 11.41 37.29 6.27
CA GLN C 522 11.01 37.85 7.55
C GLN C 522 9.50 37.90 7.71
N ILE C 523 8.79 38.28 6.64
CA ILE C 523 7.33 38.29 6.68
C ILE C 523 6.81 36.87 6.87
N ILE C 524 7.39 35.90 6.16
CA ILE C 524 7.00 34.50 6.32
C ILE C 524 7.15 34.06 7.77
N GLU C 525 8.27 34.44 8.40
CA GLU C 525 8.48 34.05 9.80
C GLU C 525 7.42 34.65 10.71
N GLN C 526 7.07 35.93 10.50
CA GLN C 526 6.00 36.52 11.30
C GLN C 526 4.65 35.86 11.04
N LEU C 527 4.41 35.43 9.79
CA LEU C 527 3.13 34.81 9.46
C LEU C 527 2.94 33.48 10.19
N ILE C 528 4.01 32.69 10.30
CA ILE C 528 3.89 31.40 10.99
C ILE C 528 3.66 31.61 12.48
N LYS C 529 4.11 32.74 13.02
CA LYS C 529 3.92 33.01 14.44
C LYS C 529 2.49 33.35 14.79
N LYS C 530 1.72 33.86 13.83
CA LYS C 530 0.39 34.35 14.12
C LYS C 530 -0.60 33.18 14.25
N GLU C 531 -1.78 33.50 14.76
CA GLU C 531 -2.88 32.56 14.87
C GLU C 531 -3.90 32.74 13.74
N LYS C 532 -4.27 33.99 13.44
CA LYS C 532 -5.23 34.29 12.39
C LYS C 532 -4.77 35.56 11.68
N VAL C 533 -4.57 35.45 10.37
CA VAL C 533 -4.19 36.59 9.54
C VAL C 533 -5.25 36.75 8.44
N TYR C 534 -5.81 37.95 8.33
CA TYR C 534 -6.72 38.29 7.24
C TYR C 534 -6.07 39.42 6.44
N LEU C 535 -5.85 39.16 5.15
CA LEU C 535 -5.26 40.12 4.24
C LEU C 535 -6.32 40.59 3.25
N ALA C 536 -6.42 41.90 3.06
CA ALA C 536 -7.42 42.47 2.17
C ALA C 536 -6.78 43.57 1.33
N TRP C 537 -7.37 43.81 0.16
CA TRP C 537 -6.85 44.82 -0.76
C TRP C 537 -7.91 45.90 -0.99
N VAL C 538 -7.45 47.13 -1.16
CA VAL C 538 -8.32 48.24 -1.53
C VAL C 538 -7.62 49.11 -2.56
N PRO C 539 -8.39 49.74 -3.43
CA PRO C 539 -7.78 50.64 -4.42
C PRO C 539 -7.19 51.88 -3.76
N ALA C 540 -6.05 52.33 -4.29
CA ALA C 540 -5.40 53.51 -3.77
C ALA C 540 -6.06 54.79 -4.27
N HIS C 541 -5.94 55.85 -3.47
CA HIS C 541 -6.38 57.19 -3.85
C HIS C 541 -7.89 57.23 -4.13
N LYS C 542 -8.67 56.56 -3.28
CA LYS C 542 -10.13 56.56 -3.40
C LYS C 542 -10.80 56.95 -2.09
N GLY C 543 -10.04 57.45 -1.11
CA GLY C 543 -10.59 57.87 0.16
C GLY C 543 -11.16 56.75 1.01
N ILE C 544 -10.44 55.63 1.11
CA ILE C 544 -10.93 54.43 1.77
C ILE C 544 -10.27 54.29 3.14
N GLY C 545 -11.09 54.16 4.17
CA GLY C 545 -10.66 53.82 5.52
C GLY C 545 -9.50 54.63 6.03
N GLY C 546 -8.56 53.93 6.66
CA GLY C 546 -7.30 54.51 7.05
C GLY C 546 -6.24 54.40 5.99
N ASN C 547 -6.61 53.88 4.82
CA ASN C 547 -5.66 53.83 3.70
C ASN C 547 -5.28 55.23 3.23
N GLU C 548 -6.22 56.17 3.28
CA GLU C 548 -5.90 57.55 2.93
C GLU C 548 -5.08 58.24 4.01
N GLN C 549 -5.30 57.88 5.29
CA GLN C 549 -4.52 58.47 6.37
C GLN C 549 -3.07 58.00 6.33
N VAL C 550 -2.86 56.71 6.03
CA VAL C 550 -1.51 56.17 6.00
C VAL C 550 -0.82 56.43 4.66
N ASP C 551 -1.59 56.68 3.60
CA ASP C 551 -0.97 57.12 2.34
C ASP C 551 -0.43 58.53 2.46
N LYS C 552 -1.10 59.38 3.24
CA LYS C 552 -0.62 60.75 3.45
C LYS C 552 0.62 60.79 4.31
N LEU C 553 0.75 59.85 5.25
CA LEU C 553 1.92 59.84 6.11
C LEU C 553 3.16 59.44 5.33
N VAL C 554 3.03 58.46 4.42
CA VAL C 554 4.20 57.90 3.73
C VAL C 554 4.53 58.61 2.41
N SER C 555 3.62 59.42 1.86
CA SER C 555 3.89 60.09 0.59
C SER C 555 4.81 61.30 0.75
N ALA C 556 4.76 61.96 1.90
CA ALA C 556 5.57 63.16 2.11
C ALA C 556 7.06 62.82 2.20
N PRO D 4 -2.89 12.83 -59.75
CA PRO D 4 -2.79 13.37 -61.12
C PRO D 4 -3.10 14.85 -61.17
N ILE D 5 -3.10 15.50 -60.01
CA ILE D 5 -3.43 16.91 -59.90
C ILE D 5 -2.17 17.75 -59.95
N GLU D 6 -2.29 18.95 -60.53
CA GLU D 6 -1.16 19.86 -60.60
C GLU D 6 -0.88 20.46 -59.22
N THR D 7 0.40 20.58 -58.89
CA THR D 7 0.80 21.11 -57.61
C THR D 7 0.70 22.63 -57.60
N VAL D 8 0.37 23.18 -56.44
CA VAL D 8 0.24 24.63 -56.26
C VAL D 8 1.55 25.12 -55.64
N PRO D 9 2.29 26.02 -56.27
CA PRO D 9 3.55 26.49 -55.69
C PRO D 9 3.32 27.35 -54.46
N VAL D 10 3.91 26.94 -53.34
CA VAL D 10 3.77 27.59 -52.05
C VAL D 10 5.15 28.03 -51.57
N LYS D 11 5.22 29.20 -50.95
CA LYS D 11 6.45 29.69 -50.36
C LYS D 11 6.15 30.31 -49.01
N LEU D 12 7.18 30.33 -48.15
CA LEU D 12 7.06 30.97 -46.86
C LEU D 12 6.99 32.49 -47.00
N LYS D 13 6.68 33.16 -45.90
CA LYS D 13 6.74 34.60 -45.90
C LYS D 13 8.19 35.07 -46.02
N PRO D 14 8.42 36.20 -46.68
CA PRO D 14 9.80 36.68 -46.89
C PRO D 14 10.52 36.97 -45.59
N GLY D 15 11.68 36.35 -45.42
CA GLY D 15 12.49 36.57 -44.24
C GLY D 15 12.28 35.59 -43.11
N MET D 16 11.81 34.38 -43.40
CA MET D 16 11.54 33.39 -42.38
C MET D 16 11.86 31.99 -42.88
N ASP D 17 12.66 31.26 -42.09
CA ASP D 17 13.01 29.88 -42.42
C ASP D 17 11.89 28.94 -41.94
N GLY D 18 12.13 27.64 -42.08
CA GLY D 18 11.15 26.64 -41.71
C GLY D 18 11.13 26.37 -40.22
N PRO D 19 10.24 25.46 -39.82
CA PRO D 19 10.11 25.13 -38.39
C PRO D 19 11.23 24.20 -37.95
N LYS D 20 11.84 24.52 -36.81
CA LYS D 20 12.91 23.73 -36.21
C LYS D 20 12.58 23.50 -34.73
N VAL D 21 11.53 22.71 -34.48
CA VAL D 21 11.05 22.43 -33.13
C VAL D 21 11.37 20.98 -32.75
N LYS D 22 11.91 20.78 -31.56
CA LYS D 22 12.28 19.44 -31.13
C LYS D 22 11.04 18.61 -30.81
N GLN D 23 11.19 17.29 -30.94
CA GLN D 23 10.10 16.37 -30.64
C GLN D 23 10.03 16.13 -29.14
N TRP D 24 8.82 16.20 -28.57
CA TRP D 24 8.69 15.96 -27.14
C TRP D 24 8.45 14.49 -26.87
N PRO D 25 8.79 14.00 -25.68
CA PRO D 25 8.63 12.57 -25.39
C PRO D 25 7.17 12.14 -25.52
N LEU D 26 6.98 10.90 -25.96
CA LEU D 26 5.65 10.34 -26.14
C LEU D 26 5.53 9.04 -25.37
N THR D 27 4.29 8.75 -24.93
CA THR D 27 4.02 7.50 -24.25
C THR D 27 4.13 6.33 -25.23
N GLU D 28 4.14 5.12 -24.66
CA GLU D 28 4.27 3.92 -25.48
C GLU D 28 3.04 3.69 -26.35
N GLU D 29 1.85 3.95 -25.79
CA GLU D 29 0.63 3.76 -26.58
C GLU D 29 0.52 4.74 -27.73
N LYS D 30 1.13 5.92 -27.62
CA LYS D 30 1.13 6.87 -28.72
C LYS D 30 2.14 6.52 -29.80
N ILE D 31 3.28 5.93 -29.42
CA ILE D 31 4.28 5.53 -30.38
C ILE D 31 3.79 4.37 -31.23
N LYS D 32 3.24 3.33 -30.58
CA LYS D 32 2.69 2.19 -31.30
C LYS D 32 1.59 2.63 -32.27
N ALA D 33 0.77 3.60 -31.85
CA ALA D 33 -0.22 4.18 -32.74
C ALA D 33 0.44 4.84 -33.94
N LEU D 34 1.41 5.71 -33.66
CA LEU D 34 2.00 6.53 -34.71
C LEU D 34 2.81 5.69 -35.69
N VAL D 35 3.43 4.61 -35.22
CA VAL D 35 4.21 3.76 -36.12
C VAL D 35 3.30 3.00 -37.09
N GLU D 36 2.17 2.51 -36.59
CA GLU D 36 1.24 1.79 -37.46
C GLU D 36 0.56 2.72 -38.44
N ILE D 37 0.46 4.01 -38.10
CA ILE D 37 -0.12 4.98 -39.04
C ILE D 37 0.91 5.42 -40.06
N CYS D 38 2.14 5.69 -39.62
CA CYS D 38 3.14 6.18 -40.57
C CYS D 38 3.59 5.08 -41.52
N THR D 39 3.52 3.81 -41.10
CA THR D 39 3.80 2.71 -42.00
C THR D 39 2.74 2.58 -43.09
N GLU D 40 1.46 2.67 -42.71
CA GLU D 40 0.40 2.66 -43.71
C GLU D 40 0.52 3.84 -44.66
N MET D 41 0.76 5.04 -44.12
CA MET D 41 0.89 6.24 -44.95
C MET D 41 2.11 6.19 -45.86
N GLU D 42 3.12 5.38 -45.52
CA GLU D 42 4.27 5.27 -46.42
C GLU D 42 3.97 4.34 -47.59
N LYS D 43 3.25 3.23 -47.33
CA LYS D 43 2.88 2.33 -48.41
C LYS D 43 1.91 2.99 -49.39
N GLU D 44 1.05 3.89 -48.92
CA GLU D 44 0.19 4.66 -49.81
C GLU D 44 0.89 5.91 -50.35
N GLY D 45 2.20 6.03 -50.16
CA GLY D 45 2.95 7.16 -50.69
C GLY D 45 2.63 8.52 -50.12
N LYS D 46 1.81 8.59 -49.08
CA LYS D 46 1.50 9.89 -48.49
C LYS D 46 2.72 10.53 -47.84
N ILE D 47 3.67 9.70 -47.39
CA ILE D 47 4.87 10.16 -46.68
C ILE D 47 6.03 9.27 -47.08
N SER D 48 7.25 9.81 -46.93
CA SER D 48 8.46 9.10 -47.32
C SER D 48 9.59 9.52 -46.38
N LYS D 49 10.48 8.57 -46.11
CA LYS D 49 11.55 8.78 -45.13
C LYS D 49 12.58 9.78 -45.66
N ILE D 50 13.12 10.57 -44.73
CA ILE D 50 14.16 11.54 -45.03
C ILE D 50 15.29 11.33 -44.02
N GLY D 51 16.30 12.18 -44.11
CA GLY D 51 17.47 12.03 -43.27
C GLY D 51 17.83 13.31 -42.53
N PRO D 52 19.07 13.42 -42.07
CA PRO D 52 19.48 14.59 -41.30
C PRO D 52 19.83 15.81 -42.14
N GLU D 53 19.86 15.66 -43.47
CA GLU D 53 20.10 16.81 -44.34
C GLU D 53 18.96 17.81 -44.28
N ASN D 54 17.76 17.38 -43.86
CA ASN D 54 16.61 18.25 -43.67
C ASN D 54 16.71 18.89 -42.29
N PRO D 55 16.98 20.20 -42.21
CA PRO D 55 17.16 20.86 -40.91
C PRO D 55 15.87 21.24 -40.21
N TYR D 56 14.72 20.79 -40.70
CA TYR D 56 13.42 21.17 -40.17
C TYR D 56 12.73 19.99 -39.50
N ASN D 57 11.89 20.30 -38.52
CA ASN D 57 11.15 19.29 -37.79
C ASN D 57 9.93 19.93 -37.16
N THR D 58 8.90 19.12 -36.93
CA THR D 58 7.67 19.57 -36.34
C THR D 58 7.21 18.50 -35.37
N PRO D 59 6.77 18.87 -34.17
CA PRO D 59 6.30 17.87 -33.21
C PRO D 59 5.05 17.15 -33.71
N VAL D 60 4.86 15.94 -33.20
CA VAL D 60 3.76 15.08 -33.64
C VAL D 60 3.38 14.15 -32.49
N PHE D 61 2.09 13.89 -32.36
CA PHE D 61 1.57 12.95 -31.39
C PHE D 61 0.23 12.40 -31.89
N ALA D 62 -0.39 11.56 -31.07
CA ALA D 62 -1.62 10.88 -31.44
C ALA D 62 -2.69 11.15 -30.38
N ILE D 63 -3.95 11.15 -30.84
CA ILE D 63 -5.11 11.38 -29.97
C ILE D 63 -6.20 10.40 -30.35
N LYS D 64 -7.27 10.43 -29.57
CA LYS D 64 -8.47 9.64 -29.81
C LYS D 64 -9.65 10.60 -29.73
N LYS D 65 -10.37 10.78 -30.84
CA LYS D 65 -11.44 11.76 -30.87
C LYS D 65 -12.58 11.31 -29.96
N LYS D 66 -13.60 12.16 -29.83
CA LYS D 66 -14.69 11.91 -28.90
C LYS D 66 -15.41 10.61 -29.23
N ASP D 67 -15.42 9.70 -28.24
CA ASP D 67 -16.09 8.40 -28.32
C ASP D 67 -15.57 7.56 -29.48
N SER D 68 -14.27 7.67 -29.74
CA SER D 68 -13.60 6.91 -30.78
C SER D 68 -12.59 5.94 -30.16
N THR D 69 -12.38 4.81 -30.83
CA THR D 69 -11.35 3.86 -30.41
C THR D 69 -10.13 3.87 -31.31
N LYS D 70 -10.26 4.29 -32.56
CA LYS D 70 -9.11 4.39 -33.44
C LYS D 70 -8.34 5.67 -33.13
N TRP D 71 -7.02 5.55 -33.13
CA TRP D 71 -6.16 6.70 -32.90
C TRP D 71 -6.21 7.65 -34.11
N ARG D 72 -5.58 8.82 -33.95
CA ARG D 72 -5.61 9.82 -35.03
C ARG D 72 -4.30 10.58 -34.96
N LYS D 73 -3.52 10.54 -36.04
CA LYS D 73 -2.24 11.24 -36.09
C LYS D 73 -2.43 12.75 -36.15
N LEU D 74 -1.77 13.47 -35.23
CA LEU D 74 -1.90 14.91 -35.13
C LEU D 74 -0.52 15.55 -35.10
N VAL D 75 -0.36 16.62 -35.88
CA VAL D 75 0.93 17.31 -36.04
C VAL D 75 0.77 18.76 -35.58
N ASP D 76 1.76 19.24 -34.82
CA ASP D 76 1.70 20.58 -34.25
C ASP D 76 2.30 21.56 -35.26
N PHE D 77 1.51 21.89 -36.27
CA PHE D 77 1.95 22.77 -37.34
C PHE D 77 1.83 24.24 -36.98
N ARG D 78 1.65 24.54 -35.70
CA ARG D 78 1.51 25.92 -35.25
C ARG D 78 2.68 26.78 -35.71
N GLU D 79 3.90 26.25 -35.59
CA GLU D 79 5.08 27.01 -36.00
C GLU D 79 5.18 27.14 -37.52
N LEU D 80 4.73 26.12 -38.26
CA LEU D 80 4.78 26.19 -39.71
C LEU D 80 3.69 27.12 -40.25
N ASN D 81 2.54 27.16 -39.59
CA ASN D 81 1.46 28.02 -40.06
C ASN D 81 1.81 29.49 -39.91
N LYS D 82 2.52 29.85 -38.84
CA LYS D 82 2.93 31.25 -38.67
C LYS D 82 3.85 31.72 -39.80
N ARG D 83 4.60 30.82 -40.41
CA ARG D 83 5.56 31.18 -41.43
C ARG D 83 5.03 30.98 -42.85
N THR D 84 3.74 30.72 -43.00
CA THR D 84 3.06 30.67 -44.30
C THR D 84 1.72 31.39 -44.21
N GLN D 85 1.66 32.47 -43.42
CA GLN D 85 0.37 33.08 -43.10
C GLN D 85 -0.22 33.81 -44.30
N ASP D 86 0.62 34.48 -45.08
CA ASP D 86 0.15 35.24 -46.24
C ASP D 86 -0.47 34.37 -47.33
N PHE D 87 -0.32 33.04 -47.23
CA PHE D 87 -0.85 32.15 -48.26
C PHE D 87 -2.35 31.97 -48.12
N TRP D 88 -2.81 31.58 -46.93
CA TRP D 88 -4.20 31.17 -46.75
C TRP D 88 -5.13 32.33 -46.35
N GLU D 89 -4.62 33.55 -46.29
CA GLU D 89 -5.44 34.72 -45.96
C GLU D 89 -5.58 35.72 -47.10
N VAL D 90 -4.54 35.89 -47.91
CA VAL D 90 -4.56 36.88 -48.98
C VAL D 90 -4.98 36.25 -50.30
N GLN D 91 -4.41 35.10 -50.63
CA GLN D 91 -4.68 34.48 -51.92
C GLN D 91 -5.97 33.67 -51.86
N LEU D 92 -5.96 32.56 -51.11
CA LEU D 92 -7.11 31.68 -51.06
C LEU D 92 -7.84 31.76 -49.70
N GLY D 93 -8.23 32.98 -49.32
CA GLY D 93 -8.98 33.14 -48.09
C GLY D 93 -10.40 32.63 -48.22
N ILE D 94 -10.95 32.17 -47.09
CA ILE D 94 -12.29 31.59 -47.03
C ILE D 94 -13.20 32.60 -46.34
N PRO D 95 -14.32 32.98 -46.97
CA PRO D 95 -15.25 33.90 -46.30
C PRO D 95 -15.96 33.23 -45.13
N HIS D 96 -16.26 34.02 -44.11
CA HIS D 96 -16.87 33.53 -42.88
C HIS D 96 -18.34 33.88 -42.82
N PRO D 97 -19.24 32.91 -42.70
CA PRO D 97 -20.68 33.24 -42.65
C PRO D 97 -21.07 33.68 -41.25
N ALA D 98 -21.62 34.89 -41.16
CA ALA D 98 -22.05 35.43 -39.87
C ALA D 98 -23.35 34.80 -39.38
N GLY D 99 -23.97 33.94 -40.17
CA GLY D 99 -25.20 33.27 -39.83
C GLY D 99 -25.04 31.88 -39.26
N LEU D 100 -23.81 31.38 -39.18
CA LEU D 100 -23.57 30.05 -38.64
C LEU D 100 -23.84 30.03 -37.13
N LYS D 101 -23.46 31.10 -36.45
CA LYS D 101 -23.68 31.28 -35.02
C LYS D 101 -25.16 31.48 -34.67
N LYS D 102 -26.03 31.61 -35.67
CA LYS D 102 -27.45 31.85 -35.44
C LYS D 102 -28.30 30.66 -35.86
N LYS D 103 -27.73 29.47 -35.90
CA LYS D 103 -28.46 28.26 -36.26
C LYS D 103 -28.80 27.44 -35.03
N LYS D 104 -29.87 26.66 -35.17
CA LYS D 104 -30.39 25.89 -34.06
C LYS D 104 -29.41 24.80 -33.64
N SER D 105 -28.77 24.17 -34.62
CA SER D 105 -27.82 23.09 -34.38
C SER D 105 -26.71 23.18 -35.42
N VAL D 106 -25.51 22.79 -35.01
CA VAL D 106 -24.33 22.81 -35.87
C VAL D 106 -23.56 21.53 -35.60
N THR D 107 -23.26 20.77 -36.66
CA THR D 107 -22.55 19.51 -36.54
C THR D 107 -21.19 19.63 -37.21
N VAL D 108 -20.16 19.15 -36.53
CA VAL D 108 -18.78 19.20 -37.02
C VAL D 108 -18.43 17.82 -37.59
N LEU D 109 -17.76 17.82 -38.73
CA LEU D 109 -17.34 16.57 -39.37
C LEU D 109 -15.87 16.66 -39.76
N ASP D 110 -15.13 15.58 -39.61
CA ASP D 110 -13.71 15.57 -39.99
C ASP D 110 -13.56 15.20 -41.43
N VAL D 111 -13.02 16.11 -42.22
CA VAL D 111 -12.88 15.86 -43.63
C VAL D 111 -11.48 16.17 -43.98
N GLY D 112 -10.59 15.36 -43.48
CA GLY D 112 -9.21 15.63 -43.70
C GLY D 112 -8.67 14.52 -44.51
N ASP D 113 -9.23 13.34 -44.33
CA ASP D 113 -8.80 12.28 -45.23
C ASP D 113 -8.85 12.69 -46.70
N ALA D 114 -9.68 13.68 -47.04
CA ALA D 114 -9.75 14.17 -48.41
C ALA D 114 -8.49 14.92 -48.83
N TYR D 115 -7.79 15.55 -47.88
CA TYR D 115 -6.53 16.23 -48.16
C TYR D 115 -5.44 15.28 -48.65
N PHE D 116 -5.52 14.00 -48.30
CA PHE D 116 -4.52 13.02 -48.73
C PHE D 116 -4.62 12.64 -50.19
N SER D 117 -5.64 13.13 -50.91
CA SER D 117 -5.84 12.82 -52.32
C SER D 117 -5.28 13.87 -53.26
N VAL D 118 -4.62 14.90 -52.72
CA VAL D 118 -4.04 15.98 -53.51
C VAL D 118 -2.56 16.02 -53.21
N PRO D 119 -1.68 16.02 -54.22
CA PRO D 119 -0.24 16.07 -53.94
C PRO D 119 0.18 17.47 -53.50
N LEU D 120 1.29 17.51 -52.78
CA LEU D 120 1.86 18.76 -52.30
C LEU D 120 2.93 19.25 -53.27
N ASP D 121 3.25 20.53 -53.17
CA ASP D 121 4.34 21.09 -53.97
C ASP D 121 5.66 20.46 -53.54
N GLU D 122 6.51 20.15 -54.52
CA GLU D 122 7.76 19.46 -54.20
C GLU D 122 8.68 20.35 -53.38
N ASP D 123 8.81 21.62 -53.77
CA ASP D 123 9.67 22.55 -53.03
C ASP D 123 9.22 22.72 -51.58
N PHE D 124 7.97 22.39 -51.25
CA PHE D 124 7.42 22.66 -49.92
C PHE D 124 7.44 21.43 -49.02
N ARG D 125 7.67 20.24 -49.57
CA ARG D 125 7.70 19.02 -48.78
C ARG D 125 8.78 19.05 -47.71
N LYS D 126 9.81 19.88 -47.90
CA LYS D 126 10.95 19.92 -46.99
C LYS D 126 10.59 20.52 -45.64
N TYR D 127 9.43 21.13 -45.54
CA TYR D 127 9.06 21.77 -44.33
C TYR D 127 8.01 21.01 -43.59
N THR D 128 7.56 19.93 -44.20
CA THR D 128 6.53 19.13 -43.57
C THR D 128 7.21 18.00 -42.82
N ALA D 129 8.43 18.26 -42.36
CA ALA D 129 9.20 17.21 -41.69
C ALA D 129 8.87 16.98 -40.23
N PHE D 130 8.94 15.74 -39.78
CA PHE D 130 8.71 15.39 -38.39
C PHE D 130 9.56 14.17 -38.02
N THR D 131 9.66 13.93 -36.72
CA THR D 131 10.49 12.86 -36.18
C THR D 131 9.71 12.06 -35.17
N ILE D 132 9.87 10.73 -35.22
CA ILE D 132 9.20 9.80 -34.32
C ILE D 132 10.24 9.26 -33.35
N PRO D 133 10.10 9.47 -32.05
CA PRO D 133 11.10 8.98 -31.09
C PRO D 133 10.87 7.51 -30.77
N SER D 134 11.78 6.97 -29.97
CA SER D 134 11.70 5.58 -29.53
C SER D 134 11.86 5.52 -28.01
N ILE D 135 11.21 4.52 -27.40
CA ILE D 135 11.29 4.37 -25.96
C ILE D 135 12.73 4.10 -25.55
N ASN D 136 13.20 4.83 -24.54
CA ASN D 136 14.56 4.73 -24.00
C ASN D 136 15.62 4.98 -25.07
N ASN D 137 15.27 5.74 -26.11
CA ASN D 137 16.19 6.08 -27.18
C ASN D 137 16.91 4.84 -27.70
N GLU D 138 16.13 3.79 -27.97
CA GLU D 138 16.73 2.56 -28.48
C GLU D 138 17.29 2.77 -29.89
N THR D 139 16.49 3.31 -30.80
CA THR D 139 16.89 3.68 -32.14
C THR D 139 16.86 5.21 -32.31
N PRO D 140 17.78 5.77 -33.11
CA PRO D 140 17.67 7.19 -33.48
C PRO D 140 16.32 7.58 -34.09
N GLY D 141 16.12 8.88 -34.23
CA GLY D 141 14.86 9.42 -34.72
C GLY D 141 14.52 9.02 -36.14
N ILE D 142 13.34 8.43 -36.33
CA ILE D 142 12.87 8.02 -37.65
C ILE D 142 12.10 9.19 -38.26
N ARG D 143 12.71 9.85 -39.24
CA ARG D 143 12.20 11.09 -39.82
C ARG D 143 11.46 10.82 -41.13
N TYR D 144 10.38 11.57 -41.36
CA TYR D 144 9.62 11.51 -42.59
C TYR D 144 9.31 12.91 -43.09
N GLN D 145 8.64 12.98 -44.24
CA GLN D 145 8.12 14.23 -44.77
C GLN D 145 6.88 13.91 -45.59
N TYR D 146 6.01 14.90 -45.72
CA TYR D 146 4.72 14.71 -46.37
C TYR D 146 4.81 14.84 -47.88
N ASN D 147 4.12 13.95 -48.59
CA ASN D 147 4.03 14.01 -50.05
C ASN D 147 2.68 14.52 -50.54
N VAL D 148 1.67 14.56 -49.68
CA VAL D 148 0.35 15.07 -50.02
C VAL D 148 0.02 16.27 -49.16
N LEU D 149 -1.22 16.73 -49.22
CA LEU D 149 -1.69 17.81 -48.33
C LEU D 149 -1.81 17.29 -46.91
N PRO D 150 -1.06 17.81 -45.95
CA PRO D 150 -1.09 17.27 -44.59
C PRO D 150 -2.26 17.80 -43.77
N GLN D 151 -2.64 17.01 -42.77
CA GLN D 151 -3.68 17.41 -41.84
C GLN D 151 -3.09 18.32 -40.77
N GLY D 152 -3.80 19.40 -40.46
CA GLY D 152 -3.34 20.34 -39.47
C GLY D 152 -2.56 21.52 -40.02
N TRP D 153 -2.36 21.58 -41.33
CA TRP D 153 -1.69 22.70 -41.97
C TRP D 153 -2.71 23.67 -42.52
N LYS D 154 -2.50 24.96 -42.29
CA LYS D 154 -3.45 25.99 -42.66
C LYS D 154 -3.49 26.26 -44.16
N GLY D 155 -2.66 25.58 -44.94
CA GLY D 155 -2.65 25.77 -46.37
C GLY D 155 -3.43 24.70 -47.10
N SER D 156 -3.73 23.60 -46.40
CA SER D 156 -4.47 22.51 -47.03
C SER D 156 -5.91 22.90 -47.33
N PRO D 157 -6.69 23.48 -46.40
CA PRO D 157 -8.05 23.87 -46.76
C PRO D 157 -8.11 24.98 -47.79
N ALA D 158 -7.02 25.70 -48.02
CA ALA D 158 -7.00 26.74 -49.03
C ALA D 158 -6.83 26.16 -50.44
N ILE D 159 -5.93 25.19 -50.59
CA ILE D 159 -5.73 24.55 -51.88
C ILE D 159 -6.94 23.72 -52.26
N PHE D 160 -7.40 22.87 -51.34
CA PHE D 160 -8.58 22.03 -51.54
C PHE D 160 -9.89 22.81 -51.61
N GLN D 161 -9.89 24.10 -51.26
CA GLN D 161 -11.11 24.90 -51.28
C GLN D 161 -11.77 24.89 -52.65
N SER D 162 -10.98 25.05 -53.72
CA SER D 162 -11.51 24.96 -55.07
C SER D 162 -12.14 23.60 -55.34
N SER D 163 -11.48 22.52 -54.92
CA SER D 163 -12.06 21.19 -55.02
C SER D 163 -13.29 21.06 -54.11
N MET D 164 -13.20 21.57 -52.89
CA MET D 164 -14.27 21.39 -51.92
C MET D 164 -15.57 22.04 -52.42
N THR D 165 -15.48 23.28 -52.90
CA THR D 165 -16.65 24.02 -53.37
C THR D 165 -17.39 23.28 -54.47
N LYS D 166 -16.65 22.54 -55.32
CA LYS D 166 -17.28 21.78 -56.39
C LYS D 166 -18.06 20.58 -55.85
N ILE D 167 -17.59 19.96 -54.77
CA ILE D 167 -18.33 18.87 -54.16
C ILE D 167 -19.48 19.36 -53.31
N LEU D 168 -19.39 20.57 -52.76
CA LEU D 168 -20.48 21.13 -51.96
C LEU D 168 -21.57 21.80 -52.81
N GLU D 169 -21.29 22.14 -54.06
CA GLU D 169 -22.27 22.85 -54.88
C GLU D 169 -23.57 22.07 -55.11
N PRO D 170 -23.56 20.74 -55.30
CA PRO D 170 -24.86 20.06 -55.49
C PRO D 170 -25.67 19.96 -54.23
N PHE D 171 -25.01 19.90 -53.07
CA PHE D 171 -25.72 19.97 -51.80
C PHE D 171 -26.12 21.40 -51.44
N LYS D 172 -25.32 22.40 -51.78
CA LYS D 172 -25.68 23.77 -51.47
C LYS D 172 -26.94 24.23 -52.19
N LYS D 173 -27.20 23.71 -53.40
CA LYS D 173 -28.38 24.14 -54.14
C LYS D 173 -29.65 23.49 -53.61
N GLN D 174 -29.60 22.20 -53.27
CA GLN D 174 -30.77 21.51 -52.73
C GLN D 174 -31.11 21.99 -51.32
N ASN D 175 -30.13 22.55 -50.61
CA ASN D 175 -30.33 23.03 -49.24
C ASN D 175 -29.73 24.42 -49.15
N PRO D 176 -30.41 25.43 -49.71
CA PRO D 176 -29.83 26.78 -49.73
C PRO D 176 -29.83 27.46 -48.38
N ASP D 177 -30.71 27.06 -47.45
CA ASP D 177 -30.77 27.66 -46.13
C ASP D 177 -29.78 27.04 -45.14
N ILE D 178 -28.99 26.04 -45.57
CA ILE D 178 -28.01 25.38 -44.71
C ILE D 178 -26.65 25.99 -44.93
N VAL D 179 -25.99 26.38 -43.84
CA VAL D 179 -24.72 27.09 -43.89
C VAL D 179 -23.56 26.15 -43.57
N ILE D 180 -22.58 26.09 -44.47
CA ILE D 180 -21.40 25.23 -44.33
C ILE D 180 -20.16 26.12 -44.26
N TYR D 181 -19.36 25.93 -43.22
CA TYR D 181 -18.08 26.61 -43.07
C TYR D 181 -16.98 25.58 -42.89
N GLN D 182 -15.81 25.88 -43.48
CA GLN D 182 -14.65 24.99 -43.46
C GLN D 182 -13.51 25.69 -42.75
N TYR D 183 -13.00 25.07 -41.69
CA TYR D 183 -11.85 25.55 -40.94
C TYR D 183 -10.97 24.34 -40.69
N MET D 184 -9.73 24.37 -41.17
CA MET D 184 -8.84 23.22 -41.04
C MET D 184 -9.59 21.97 -41.52
N ASP D 185 -9.35 20.83 -40.90
CA ASP D 185 -9.89 19.56 -41.33
C ASP D 185 -11.36 19.37 -40.94
N ASP D 186 -12.05 20.44 -40.51
CA ASP D 186 -13.42 20.33 -40.01
C ASP D 186 -14.41 21.04 -40.93
N LEU D 187 -15.65 20.54 -40.91
CA LEU D 187 -16.76 21.11 -41.68
C LEU D 187 -17.92 21.37 -40.72
N TYR D 188 -18.31 22.64 -40.60
CA TYR D 188 -19.35 23.05 -39.67
C TYR D 188 -20.66 23.18 -40.44
N VAL D 189 -21.60 22.28 -40.18
CA VAL D 189 -22.87 22.22 -40.93
C VAL D 189 -23.97 22.65 -39.97
N GLY D 190 -24.52 23.83 -40.18
CA GLY D 190 -25.56 24.38 -39.33
C GLY D 190 -26.86 24.61 -40.06
N SER D 191 -27.96 24.23 -39.42
CA SER D 191 -29.30 24.38 -39.99
C SER D 191 -30.29 24.68 -38.89
N ASP D 192 -31.33 25.44 -39.25
CA ASP D 192 -32.43 25.75 -38.35
C ASP D 192 -33.45 24.62 -38.27
N LEU D 193 -33.16 23.49 -38.90
CA LEU D 193 -34.07 22.36 -38.91
C LEU D 193 -34.18 21.73 -37.51
N GLU D 194 -35.25 20.97 -37.33
CA GLU D 194 -35.44 20.20 -36.10
C GLU D 194 -34.34 19.13 -36.00
N ILE D 195 -34.06 18.72 -34.77
CA ILE D 195 -32.92 17.84 -34.51
C ILE D 195 -33.05 16.52 -35.26
N GLY D 196 -34.28 16.07 -35.53
CA GLY D 196 -34.49 14.85 -36.27
C GLY D 196 -34.01 14.90 -37.70
N GLN D 197 -34.57 15.84 -38.48
CA GLN D 197 -34.13 16.01 -39.86
C GLN D 197 -32.75 16.65 -39.98
N HIS D 198 -32.29 17.34 -38.93
CA HIS D 198 -30.93 17.87 -38.97
C HIS D 198 -29.92 16.74 -39.07
N ARG D 199 -30.09 15.69 -38.25
CA ARG D 199 -29.17 14.57 -38.31
C ARG D 199 -29.42 13.71 -39.55
N THR D 200 -30.55 13.88 -40.24
CA THR D 200 -30.72 13.21 -41.51
C THR D 200 -30.03 13.98 -42.64
N LYS D 201 -30.00 15.32 -42.57
CA LYS D 201 -29.26 16.08 -43.57
C LYS D 201 -27.76 15.92 -43.38
N ILE D 202 -27.31 15.64 -42.16
CA ILE D 202 -25.89 15.37 -41.96
C ILE D 202 -25.51 14.04 -42.58
N GLU D 203 -26.41 13.05 -42.51
CA GLU D 203 -26.12 11.77 -43.15
C GLU D 203 -26.19 11.89 -44.67
N GLU D 204 -27.01 12.81 -45.19
CA GLU D 204 -27.04 13.04 -46.64
C GLU D 204 -25.72 13.64 -47.11
N LEU D 205 -25.14 14.54 -46.31
CA LEU D 205 -23.84 15.10 -46.67
C LEU D 205 -22.72 14.10 -46.45
N ARG D 206 -22.86 13.20 -45.48
CA ARG D 206 -21.87 12.14 -45.31
C ARG D 206 -21.80 11.23 -46.52
N GLN D 207 -22.94 10.96 -47.16
CA GLN D 207 -22.96 10.11 -48.34
C GLN D 207 -22.72 10.91 -49.62
N HIS D 208 -23.03 12.20 -49.62
CA HIS D 208 -22.72 13.05 -50.76
C HIS D 208 -21.20 13.16 -50.96
N LEU D 209 -20.44 13.20 -49.86
CA LEU D 209 -18.98 13.25 -49.88
C LEU D 209 -18.35 11.89 -50.12
N LEU D 210 -19.03 10.83 -49.70
CA LEU D 210 -18.54 9.47 -49.86
C LEU D 210 -18.41 9.06 -51.33
N ARG D 211 -19.34 9.52 -52.18
CA ARG D 211 -19.24 9.24 -53.61
C ARG D 211 -18.02 9.91 -54.28
N TRP D 212 -17.49 10.97 -53.69
CA TRP D 212 -16.31 11.65 -54.21
C TRP D 212 -15.02 11.11 -53.60
N GLY D 213 -15.12 10.04 -52.82
CA GLY D 213 -13.97 9.41 -52.20
C GLY D 213 -13.48 10.09 -50.95
N LEU D 214 -14.39 10.57 -50.11
CA LEU D 214 -14.06 11.25 -48.87
C LEU D 214 -14.86 10.58 -47.76
N THR D 215 -14.16 9.93 -46.83
CA THR D 215 -14.80 9.18 -45.76
C THR D 215 -14.70 9.95 -44.44
N THR D 216 -15.77 9.89 -43.67
CA THR D 216 -15.83 10.55 -42.37
C THR D 216 -15.69 9.53 -41.27
N PRO D 217 -14.64 9.59 -40.44
CA PRO D 217 -14.43 8.61 -39.36
C PRO D 217 -15.38 8.81 -38.19
N GLY D 231 -19.91 12.62 -35.39
CA GLY D 231 -19.81 14.06 -35.34
C GLY D 231 -20.25 14.66 -34.03
N TYR D 232 -19.77 15.88 -33.74
CA TYR D 232 -20.14 16.58 -32.52
C TYR D 232 -21.20 17.62 -32.85
N GLU D 233 -22.24 17.68 -32.02
CA GLU D 233 -23.37 18.56 -32.25
C GLU D 233 -23.35 19.74 -31.28
N LEU D 234 -23.45 20.94 -31.83
CA LEU D 234 -23.46 22.18 -31.05
C LEU D 234 -24.82 22.83 -31.22
N HIS D 235 -25.06 23.87 -30.42
CA HIS D 235 -26.29 24.63 -30.48
C HIS D 235 -25.94 26.07 -30.14
N PRO D 236 -25.43 26.82 -31.13
CA PRO D 236 -24.93 28.17 -30.85
C PRO D 236 -26.01 29.17 -30.50
N ASP D 237 -27.27 28.85 -30.75
CA ASP D 237 -28.35 29.79 -30.45
C ASP D 237 -28.62 29.89 -28.95
N LYS D 238 -28.15 28.92 -28.15
CA LYS D 238 -28.28 28.95 -26.70
C LYS D 238 -26.99 29.38 -26.01
N TRP D 239 -26.17 30.17 -26.69
CA TRP D 239 -24.92 30.68 -26.13
C TRP D 239 -25.19 32.05 -25.49
N THR D 240 -24.88 32.17 -24.20
CA THR D 240 -25.12 33.38 -23.44
C THR D 240 -23.82 33.95 -22.90
N VAL D 241 -23.86 35.23 -22.50
CA VAL D 241 -22.71 35.91 -21.96
C VAL D 241 -22.77 35.87 -20.43
N GLN D 242 -21.63 36.15 -19.79
CA GLN D 242 -21.56 36.17 -18.34
C GLN D 242 -21.49 37.59 -17.82
N PRO D 243 -22.57 38.13 -17.24
CA PRO D 243 -22.55 39.52 -16.78
C PRO D 243 -21.85 39.71 -15.44
N ILE D 244 -21.50 40.97 -15.16
CA ILE D 244 -20.96 41.38 -13.87
C ILE D 244 -22.11 41.60 -12.89
N VAL D 245 -22.14 40.80 -11.82
CA VAL D 245 -23.18 40.88 -10.80
C VAL D 245 -22.57 41.25 -9.46
N LEU D 246 -23.27 42.15 -8.68
CA LEU D 246 -22.90 42.64 -7.35
C LEU D 246 -23.67 41.88 -6.27
N PRO D 247 -23.03 41.65 -5.12
CA PRO D 247 -23.71 41.00 -4.01
C PRO D 247 -24.90 41.81 -3.53
N GLU D 248 -25.79 41.15 -2.78
CA GLU D 248 -27.03 41.76 -2.29
C GLU D 248 -27.13 41.52 -0.78
N LYS D 249 -26.31 42.25 -0.02
CA LYS D 249 -26.19 42.01 1.42
C LYS D 249 -27.17 42.87 2.20
N ASP D 250 -27.76 42.28 3.24
CA ASP D 250 -28.72 42.98 4.09
C ASP D 250 -28.04 43.88 5.12
N SER D 251 -26.83 43.52 5.57
CA SER D 251 -26.05 44.33 6.50
C SER D 251 -24.60 44.32 6.03
N TRP D 252 -24.03 45.50 5.85
CA TRP D 252 -22.69 45.64 5.28
C TRP D 252 -21.68 45.94 6.37
N THR D 253 -20.59 45.17 6.40
CA THR D 253 -19.44 45.48 7.25
C THR D 253 -18.46 46.37 6.47
N VAL D 254 -17.46 46.89 7.20
CA VAL D 254 -16.42 47.68 6.55
C VAL D 254 -15.67 46.85 5.52
N ASN D 255 -15.38 45.59 5.85
CA ASN D 255 -14.74 44.71 4.88
C ASN D 255 -15.62 44.53 3.64
N ASP D 256 -16.93 44.38 3.85
CA ASP D 256 -17.85 44.17 2.72
C ASP D 256 -17.87 45.37 1.79
N ILE D 257 -17.99 46.58 2.35
CA ILE D 257 -18.01 47.77 1.52
C ILE D 257 -16.67 47.94 0.79
N GLN D 258 -15.57 47.68 1.49
CA GLN D 258 -14.25 47.75 0.85
C GLN D 258 -14.16 46.84 -0.36
N LYS D 259 -14.59 45.58 -0.20
CA LYS D 259 -14.63 44.66 -1.34
C LYS D 259 -15.55 45.18 -2.44
N LEU D 260 -16.66 45.79 -2.06
CA LEU D 260 -17.60 46.30 -3.07
C LEU D 260 -17.00 47.46 -3.83
N VAL D 261 -16.36 48.41 -3.13
CA VAL D 261 -15.71 49.52 -3.82
C VAL D 261 -14.59 49.01 -4.70
N GLY D 262 -13.82 48.04 -4.23
CA GLY D 262 -12.75 47.49 -5.05
C GLY D 262 -13.27 46.84 -6.32
N LYS D 263 -14.32 46.03 -6.18
CA LYS D 263 -14.95 45.41 -7.35
C LYS D 263 -15.55 46.46 -8.29
N LEU D 264 -16.31 47.41 -7.74
CA LEU D 264 -16.91 48.44 -8.59
C LEU D 264 -15.88 49.34 -9.25
N ASN D 265 -14.78 49.63 -8.55
CA ASN D 265 -13.71 50.42 -9.15
C ASN D 265 -13.01 49.68 -10.28
N TRP D 266 -12.87 48.35 -10.16
CA TRP D 266 -12.22 47.62 -11.24
C TRP D 266 -13.12 47.63 -12.47
N ALA D 267 -14.43 47.40 -12.26
CA ALA D 267 -15.40 47.35 -13.35
C ALA D 267 -15.57 48.69 -14.03
N SER D 268 -15.16 49.79 -13.38
CA SER D 268 -15.24 51.10 -14.01
C SER D 268 -14.36 51.19 -15.25
N GLN D 269 -13.36 50.30 -15.37
CA GLN D 269 -12.56 50.22 -16.58
C GLN D 269 -13.37 49.72 -17.77
N ILE D 270 -14.49 49.05 -17.54
CA ILE D 270 -15.38 48.58 -18.59
C ILE D 270 -16.60 49.49 -18.74
N TYR D 271 -17.25 49.81 -17.63
CA TYR D 271 -18.40 50.72 -17.63
C TYR D 271 -17.96 52.05 -17.05
N PRO D 272 -17.73 53.08 -17.87
CA PRO D 272 -17.22 54.35 -17.32
C PRO D 272 -18.17 55.11 -16.41
N GLY D 273 -19.46 54.76 -16.39
CA GLY D 273 -20.40 55.46 -15.55
C GLY D 273 -20.45 55.02 -14.11
N ILE D 274 -19.58 54.09 -13.72
CA ILE D 274 -19.59 53.58 -12.34
C ILE D 274 -19.07 54.67 -11.40
N LYS D 275 -19.71 54.79 -10.24
CA LYS D 275 -19.29 55.74 -9.23
C LYS D 275 -19.08 55.02 -7.91
N VAL D 276 -18.09 55.46 -7.14
CA VAL D 276 -17.77 54.87 -5.85
C VAL D 276 -17.61 55.97 -4.82
N ARG D 277 -18.04 57.18 -5.18
CA ARG D 277 -17.86 58.33 -4.31
C ARG D 277 -18.62 58.17 -3.00
N GLN D 278 -19.94 57.97 -3.10
CA GLN D 278 -20.78 57.88 -1.91
C GLN D 278 -20.52 56.62 -1.10
N LEU D 279 -20.09 55.53 -1.76
CA LEU D 279 -19.74 54.32 -1.03
C LEU D 279 -18.45 54.51 -0.24
N SER D 280 -17.53 55.32 -0.76
CA SER D 280 -16.28 55.56 -0.04
C SER D 280 -16.51 56.40 1.20
N LYS D 281 -17.43 57.38 1.11
CA LYS D 281 -17.72 58.24 2.27
C LYS D 281 -18.14 57.44 3.50
N LEU D 282 -18.66 56.23 3.33
CA LEU D 282 -19.00 55.40 4.48
C LEU D 282 -17.78 54.78 5.13
N LEU D 283 -16.62 54.84 4.46
CA LEU D 283 -15.36 54.37 5.02
C LEU D 283 -14.40 55.53 5.20
N ARG D 284 -14.84 56.60 5.86
CA ARG D 284 -13.98 57.77 6.04
C ARG D 284 -13.13 57.71 7.29
N GLY D 285 -13.49 56.87 8.26
CA GLY D 285 -12.69 56.74 9.45
C GLY D 285 -11.82 55.50 9.38
N THR D 286 -10.94 55.38 10.39
CA THR D 286 -10.05 54.23 10.50
C THR D 286 -10.78 53.16 11.29
N LYS D 287 -11.72 52.50 10.61
CA LYS D 287 -12.65 51.58 11.24
C LYS D 287 -12.15 50.14 11.18
N ALA D 288 -12.64 49.34 12.11
CA ALA D 288 -12.35 47.91 12.09
C ALA D 288 -13.12 47.25 10.96
N LEU D 289 -12.60 46.11 10.50
CA LEU D 289 -13.14 45.45 9.32
C LEU D 289 -14.53 44.89 9.57
N THR D 290 -14.78 44.36 10.76
CA THR D 290 -16.04 43.71 11.08
C THR D 290 -17.09 44.68 11.62
N GLU D 291 -16.89 45.98 11.48
CA GLU D 291 -17.88 46.95 11.94
C GLU D 291 -19.00 47.10 10.91
N VAL D 292 -20.23 47.04 11.37
CA VAL D 292 -21.38 47.18 10.48
C VAL D 292 -21.53 48.65 10.15
N ILE D 293 -21.74 48.94 8.88
CA ILE D 293 -21.89 50.32 8.42
C ILE D 293 -23.27 50.44 7.78
N PRO D 294 -24.15 51.31 8.26
CA PRO D 294 -25.44 51.50 7.60
C PRO D 294 -25.30 52.32 6.34
N LEU D 295 -26.08 51.94 5.33
CA LEU D 295 -26.05 52.62 4.03
C LEU D 295 -26.83 53.93 4.11
N THR D 296 -26.20 55.01 3.68
CA THR D 296 -26.86 56.29 3.56
C THR D 296 -27.72 56.34 2.29
N GLU D 297 -28.64 57.30 2.25
CA GLU D 297 -29.54 57.39 1.09
C GLU D 297 -28.78 57.69 -0.18
N GLU D 298 -27.73 58.51 -0.10
CA GLU D 298 -26.92 58.80 -1.28
C GLU D 298 -26.14 57.56 -1.72
N ALA D 299 -25.70 56.73 -0.78
CA ALA D 299 -25.01 55.49 -1.14
C ALA D 299 -25.95 54.53 -1.86
N GLU D 300 -27.14 54.31 -1.31
CA GLU D 300 -28.08 53.37 -1.91
C GLU D 300 -28.50 53.81 -3.31
N LEU D 301 -28.66 55.11 -3.51
CA LEU D 301 -29.00 55.59 -4.85
C LEU D 301 -27.83 55.40 -5.81
N GLU D 302 -26.60 55.57 -5.32
CA GLU D 302 -25.43 55.30 -6.15
C GLU D 302 -25.31 53.82 -6.48
N LEU D 303 -25.59 52.95 -5.51
CA LEU D 303 -25.56 51.51 -5.78
C LEU D 303 -26.65 51.13 -6.78
N ALA D 304 -27.82 51.76 -6.68
CA ALA D 304 -28.90 51.48 -7.62
C ALA D 304 -28.49 51.85 -9.04
N GLU D 305 -27.95 53.06 -9.20
CA GLU D 305 -27.48 53.49 -10.52
C GLU D 305 -26.38 52.58 -11.04
N ASN D 306 -25.52 52.08 -10.15
CA ASN D 306 -24.47 51.18 -10.61
C ASN D 306 -25.07 49.88 -11.13
N ARG D 307 -26.11 49.37 -10.45
CA ARG D 307 -26.70 48.10 -10.84
C ARG D 307 -27.49 48.24 -12.12
N GLU D 308 -27.82 49.46 -12.52
CA GLU D 308 -28.58 49.66 -13.74
C GLU D 308 -27.61 49.74 -14.90
N ILE D 309 -26.42 50.29 -14.64
CA ILE D 309 -25.38 50.42 -15.66
C ILE D 309 -24.87 49.04 -16.06
N LEU D 310 -24.74 48.13 -15.10
CA LEU D 310 -24.32 46.75 -15.37
C LEU D 310 -25.37 45.95 -16.12
N LYS D 311 -26.64 46.34 -16.03
CA LYS D 311 -27.67 45.68 -16.84
C LYS D 311 -27.51 46.02 -18.31
N GLU D 312 -27.00 47.21 -18.61
CA GLU D 312 -26.77 47.66 -19.97
C GLU D 312 -25.59 46.90 -20.59
N PRO D 313 -25.58 46.72 -21.91
CA PRO D 313 -24.41 46.15 -22.58
C PRO D 313 -23.26 47.15 -22.67
N VAL D 314 -22.08 46.66 -23.06
CA VAL D 314 -20.90 47.52 -23.15
C VAL D 314 -21.01 48.37 -24.41
N HIS D 315 -20.76 49.67 -24.26
CA HIS D 315 -20.89 50.57 -25.40
C HIS D 315 -19.66 50.47 -26.30
N GLY D 316 -19.90 50.33 -27.60
CA GLY D 316 -18.85 50.36 -28.63
C GLY D 316 -17.90 49.19 -28.71
N VAL D 317 -18.40 47.98 -28.50
CA VAL D 317 -17.66 46.74 -28.75
C VAL D 317 -17.94 46.22 -30.17
N TYR D 318 -16.91 46.21 -31.02
CA TYR D 318 -17.03 45.87 -32.44
C TYR D 318 -15.88 44.95 -32.83
N TYR D 319 -16.22 43.79 -33.40
CA TYR D 319 -15.19 42.83 -33.81
C TYR D 319 -14.39 43.38 -34.98
N ASP D 320 -13.09 43.15 -34.95
CA ASP D 320 -12.16 43.60 -35.98
C ASP D 320 -11.45 42.41 -36.62
N PRO D 321 -11.73 42.09 -37.89
CA PRO D 321 -11.07 40.94 -38.52
C PRO D 321 -9.57 41.14 -38.75
N SER D 322 -9.05 42.35 -38.62
CA SER D 322 -7.64 42.63 -38.85
C SER D 322 -6.78 42.40 -37.61
N LYS D 323 -7.38 42.19 -36.45
CA LYS D 323 -6.68 41.97 -35.19
C LYS D 323 -6.84 40.53 -34.74
N ASP D 324 -6.05 40.16 -33.74
CA ASP D 324 -6.09 38.81 -33.20
C ASP D 324 -7.07 38.74 -32.02
N LEU D 325 -7.57 37.54 -31.77
CA LEU D 325 -8.43 37.29 -30.62
C LEU D 325 -7.59 36.87 -29.43
N ILE D 326 -7.94 37.40 -28.26
CA ILE D 326 -7.25 37.08 -27.01
C ILE D 326 -8.26 36.49 -26.04
N ALA D 327 -7.89 35.39 -25.39
CA ALA D 327 -8.79 34.72 -24.47
C ALA D 327 -8.09 34.54 -23.13
N GLU D 328 -8.73 35.00 -22.06
CA GLU D 328 -8.24 34.80 -20.70
C GLU D 328 -9.16 33.82 -19.98
N ILE D 329 -8.61 33.12 -18.99
CA ILE D 329 -9.35 32.10 -18.25
C ILE D 329 -9.02 32.25 -16.77
N GLN D 330 -10.03 32.09 -15.92
CA GLN D 330 -9.88 32.17 -14.48
C GLN D 330 -10.46 30.94 -13.81
N LYS D 331 -9.71 30.35 -12.89
CA LYS D 331 -10.17 29.20 -12.12
C LYS D 331 -10.96 29.72 -10.92
N GLN D 332 -12.27 29.48 -10.91
CA GLN D 332 -13.16 29.94 -9.86
C GLN D 332 -13.44 28.90 -8.77
N GLY D 333 -12.78 27.75 -8.80
CA GLY D 333 -13.00 26.70 -7.83
C GLY D 333 -14.31 25.96 -8.08
N GLN D 334 -14.50 24.84 -7.36
CA GLN D 334 -15.71 24.01 -7.49
C GLN D 334 -15.96 23.57 -8.93
N GLY D 335 -14.88 23.43 -9.71
CA GLY D 335 -15.00 23.09 -11.11
C GLY D 335 -15.48 24.20 -12.02
N GLN D 336 -15.70 25.40 -11.49
CA GLN D 336 -16.12 26.52 -12.32
C GLN D 336 -14.92 27.18 -12.98
N TRP D 337 -15.12 27.64 -14.22
CA TRP D 337 -14.11 28.35 -14.98
C TRP D 337 -14.76 29.47 -15.77
N THR D 338 -14.25 30.69 -15.60
CA THR D 338 -14.75 31.86 -16.31
C THR D 338 -13.75 32.27 -17.37
N TYR D 339 -14.25 32.87 -18.46
CA TYR D 339 -13.39 33.25 -19.57
C TYR D 339 -13.96 34.47 -20.27
N GLN D 340 -13.08 35.20 -20.95
CA GLN D 340 -13.45 36.37 -21.73
C GLN D 340 -12.61 36.42 -23.01
N ILE D 341 -13.24 36.76 -24.13
CA ILE D 341 -12.57 36.90 -25.41
C ILE D 341 -12.63 38.37 -25.81
N TYR D 342 -11.49 38.91 -26.22
CA TYR D 342 -11.41 40.33 -26.55
C TYR D 342 -10.26 40.55 -27.51
N GLN D 343 -10.21 41.75 -28.08
CA GLN D 343 -9.07 42.21 -28.87
C GLN D 343 -8.35 43.37 -28.23
N GLU D 344 -9.08 44.35 -27.70
CA GLU D 344 -8.58 45.44 -26.88
C GLU D 344 -9.01 45.25 -25.43
N PRO D 345 -8.21 45.72 -24.46
CA PRO D 345 -8.55 45.48 -23.05
C PRO D 345 -9.89 46.09 -22.69
N PHE D 346 -10.67 45.37 -21.89
CA PHE D 346 -11.97 45.77 -21.37
C PHE D 346 -13.01 45.97 -22.46
N LYS D 347 -12.71 45.62 -23.70
CA LYS D 347 -13.69 45.59 -24.78
C LYS D 347 -14.02 44.14 -25.12
N ASN D 348 -14.70 43.47 -24.19
CA ASN D 348 -14.98 42.05 -24.33
C ASN D 348 -15.99 41.79 -25.43
N LEU D 349 -15.61 40.99 -26.42
CA LEU D 349 -16.55 40.58 -27.46
C LEU D 349 -17.52 39.53 -26.92
N LYS D 350 -17.08 38.71 -25.98
CA LYS D 350 -17.94 37.71 -25.36
C LYS D 350 -17.31 37.22 -24.07
N THR D 351 -18.16 37.00 -23.05
CA THR D 351 -17.74 36.42 -21.79
C THR D 351 -18.53 35.13 -21.59
N GLY D 352 -18.05 34.29 -20.68
CA GLY D 352 -18.72 33.01 -20.49
C GLY D 352 -18.20 32.28 -19.27
N LYS D 353 -18.74 31.08 -19.07
CA LYS D 353 -18.40 30.26 -17.91
C LYS D 353 -18.68 28.81 -18.24
N TYR D 354 -17.80 27.93 -17.77
CA TYR D 354 -17.93 26.48 -17.93
C TYR D 354 -17.97 25.83 -16.56
N ALA D 355 -18.44 24.58 -16.51
CA ALA D 355 -18.67 23.94 -15.23
C ALA D 355 -18.80 22.43 -15.42
N ARG D 356 -18.39 21.68 -14.39
CA ARG D 356 -18.66 20.26 -14.24
C ARG D 356 -18.39 19.53 -15.56
N MET D 357 -17.11 19.55 -15.93
CA MET D 357 -16.66 18.90 -17.15
C MET D 357 -16.28 17.45 -16.85
N ARG D 358 -15.51 16.80 -17.73
CA ARG D 358 -15.23 15.38 -17.56
C ARG D 358 -14.40 15.09 -16.31
N GLY D 359 -13.33 15.87 -16.09
CA GLY D 359 -12.54 15.72 -14.88
C GLY D 359 -13.01 16.67 -13.81
N ALA D 360 -14.32 16.68 -13.60
CA ALA D 360 -14.95 17.62 -12.69
C ALA D 360 -14.61 17.32 -11.24
N HIS D 361 -14.07 18.33 -10.55
CA HIS D 361 -13.70 18.30 -9.14
C HIS D 361 -12.58 17.34 -8.82
N THR D 362 -11.87 16.83 -9.82
CA THR D 362 -10.72 15.97 -9.58
C THR D 362 -9.46 16.32 -10.36
N ASN D 363 -9.58 16.74 -11.62
CA ASN D 363 -8.42 17.10 -12.44
C ASN D 363 -8.54 18.49 -13.03
N ASP D 364 -7.81 19.46 -12.44
CA ASP D 364 -7.75 20.81 -12.98
C ASP D 364 -7.21 20.86 -14.40
N VAL D 365 -6.20 20.04 -14.71
CA VAL D 365 -5.57 20.11 -16.03
C VAL D 365 -6.53 19.63 -17.10
N LYS D 366 -7.30 18.57 -16.81
CA LYS D 366 -8.28 18.10 -17.79
C LYS D 366 -9.37 19.14 -18.02
N GLN D 367 -9.87 19.75 -16.94
CA GLN D 367 -10.89 20.78 -17.07
C GLN D 367 -10.41 21.94 -17.91
N LEU D 368 -9.21 22.45 -17.62
CA LEU D 368 -8.69 23.60 -18.36
C LEU D 368 -8.57 23.28 -19.85
N THR D 369 -8.06 22.10 -20.18
CA THR D 369 -7.95 21.70 -21.58
C THR D 369 -9.31 21.68 -22.27
N GLU D 370 -10.27 20.99 -21.67
CA GLU D 370 -11.63 20.98 -22.22
C GLU D 370 -12.21 22.38 -22.30
N ALA D 371 -11.86 23.26 -21.36
CA ALA D 371 -12.30 24.64 -21.43
C ALA D 371 -11.72 25.34 -22.65
N VAL D 372 -10.46 25.05 -22.98
CA VAL D 372 -9.81 25.71 -24.11
C VAL D 372 -10.39 25.20 -25.42
N GLN D 373 -10.72 23.91 -25.48
CA GLN D 373 -11.28 23.34 -26.69
C GLN D 373 -12.66 23.91 -27.00
N LYS D 374 -13.49 24.05 -25.96
CA LYS D 374 -14.85 24.56 -26.15
C LYS D 374 -14.84 26.05 -26.49
N ILE D 375 -13.87 26.79 -25.97
CA ILE D 375 -13.76 28.22 -26.32
C ILE D 375 -13.32 28.37 -27.77
N THR D 376 -12.32 27.59 -28.18
CA THR D 376 -11.86 27.65 -29.57
C THR D 376 -12.96 27.25 -30.54
N THR D 377 -13.72 26.21 -30.21
CA THR D 377 -14.87 25.84 -31.03
C THR D 377 -15.85 27.00 -31.18
N GLU D 378 -16.12 27.71 -30.09
CA GLU D 378 -17.02 28.86 -30.18
C GLU D 378 -16.40 29.94 -31.06
N SER D 379 -15.11 30.23 -30.89
CA SER D 379 -14.48 31.28 -31.67
C SER D 379 -14.53 30.97 -33.17
N ILE D 380 -14.41 29.69 -33.54
CA ILE D 380 -14.48 29.30 -34.95
C ILE D 380 -15.88 29.53 -35.50
N VAL D 381 -16.90 29.26 -34.69
CA VAL D 381 -18.28 29.38 -35.18
C VAL D 381 -18.68 30.84 -35.30
N ILE D 382 -18.18 31.70 -34.40
CA ILE D 382 -18.62 33.08 -34.35
C ILE D 382 -17.76 33.98 -35.24
N TRP D 383 -16.43 33.79 -35.26
CA TRP D 383 -15.56 34.68 -36.00
C TRP D 383 -14.68 34.00 -37.05
N GLY D 384 -14.46 32.70 -36.95
CA GLY D 384 -13.61 31.97 -37.88
C GLY D 384 -12.13 32.01 -37.57
N LYS D 385 -11.74 32.43 -36.38
CA LYS D 385 -10.35 32.41 -35.92
C LYS D 385 -10.23 31.54 -34.67
N THR D 386 -8.99 31.45 -34.18
CA THR D 386 -8.67 30.76 -32.94
C THR D 386 -7.93 31.75 -32.05
N PRO D 387 -8.42 32.02 -30.85
CA PRO D 387 -7.79 33.06 -30.02
C PRO D 387 -6.53 32.54 -29.38
N LYS D 388 -5.58 33.46 -29.16
CA LYS D 388 -4.39 33.13 -28.39
C LYS D 388 -4.72 33.22 -26.91
N PHE D 389 -4.53 32.11 -26.20
CA PHE D 389 -4.98 31.98 -24.82
C PHE D 389 -3.95 32.44 -23.80
N LYS D 390 -4.44 32.99 -22.70
CA LYS D 390 -3.63 33.33 -21.52
C LYS D 390 -4.00 32.33 -20.42
N LEU D 391 -3.27 31.21 -20.37
CA LEU D 391 -3.62 30.07 -19.53
C LEU D 391 -3.14 30.26 -18.09
N PRO D 392 -4.02 30.11 -17.10
CA PRO D 392 -3.62 30.19 -15.68
C PRO D 392 -3.03 28.87 -15.17
N ILE D 393 -1.84 28.53 -15.67
CA ILE D 393 -1.16 27.29 -15.31
C ILE D 393 0.33 27.44 -15.54
N GLN D 394 1.14 26.75 -14.73
CA GLN D 394 2.57 26.78 -14.99
C GLN D 394 2.88 26.09 -16.31
N LYS D 395 3.86 26.63 -17.01
CA LYS D 395 4.24 26.10 -18.32
C LYS D 395 4.56 24.62 -18.28
N GLU D 396 5.31 24.20 -17.32
CA GLU D 396 5.70 22.84 -17.32
C GLU D 396 4.56 21.94 -17.01
N THR D 397 3.63 22.41 -16.18
CA THR D 397 2.50 21.59 -15.79
C THR D 397 1.63 21.36 -17.01
N TRP D 398 1.49 22.39 -17.82
CA TRP D 398 0.63 22.30 -18.99
C TRP D 398 1.27 21.43 -20.07
N GLU D 399 2.55 21.65 -20.34
CA GLU D 399 3.21 20.92 -21.42
C GLU D 399 3.35 19.44 -21.12
N THR D 400 3.28 19.04 -19.85
CA THR D 400 3.43 17.63 -19.50
C THR D 400 2.17 16.83 -19.81
N TRP D 401 0.99 17.41 -19.56
CA TRP D 401 -0.24 16.64 -19.55
C TRP D 401 -1.25 17.01 -20.63
N TRP D 402 -1.05 18.13 -21.34
CA TRP D 402 -2.13 18.64 -22.19
C TRP D 402 -2.44 17.74 -23.39
N THR D 403 -1.50 16.90 -23.83
CA THR D 403 -1.81 16.00 -24.94
C THR D 403 -2.61 14.78 -24.49
N GLU D 404 -2.65 14.49 -23.20
CA GLU D 404 -3.40 13.34 -22.70
C GLU D 404 -4.89 13.58 -22.73
N TYR D 405 -5.35 14.82 -22.90
CA TYR D 405 -6.77 15.16 -22.88
C TYR D 405 -7.18 15.97 -24.10
N TRP D 406 -6.33 16.08 -25.11
CA TRP D 406 -6.65 16.84 -26.31
C TRP D 406 -7.46 15.97 -27.26
N GLN D 407 -8.52 16.55 -27.83
CA GLN D 407 -9.41 15.79 -28.71
C GLN D 407 -9.89 16.66 -29.86
N ALA D 408 -8.99 17.48 -30.42
CA ALA D 408 -9.31 18.34 -31.56
C ALA D 408 -8.24 18.17 -32.63
N THR D 409 -8.58 18.59 -33.85
CA THR D 409 -7.65 18.51 -34.97
C THR D 409 -6.80 19.77 -35.10
N TRP D 410 -7.15 20.83 -34.38
CA TRP D 410 -6.40 22.07 -34.36
C TRP D 410 -5.80 22.29 -32.98
N ILE D 411 -4.78 23.14 -32.94
CA ILE D 411 -4.15 23.54 -31.69
C ILE D 411 -4.01 25.06 -31.68
N PRO D 412 -4.66 25.77 -30.75
CA PRO D 412 -4.54 27.23 -30.71
C PRO D 412 -3.23 27.64 -30.06
N GLU D 413 -2.86 28.89 -30.32
CA GLU D 413 -1.69 29.46 -29.66
C GLU D 413 -2.02 29.81 -28.22
N TRP D 414 -1.01 29.75 -27.35
CA TRP D 414 -1.24 30.03 -25.94
C TRP D 414 0.02 30.57 -25.29
N GLU D 415 -0.18 31.38 -24.25
CA GLU D 415 0.89 31.80 -23.35
C GLU D 415 0.44 31.60 -21.91
N PHE D 416 1.41 31.58 -21.00
CA PHE D 416 1.17 31.20 -19.60
C PHE D 416 1.30 32.41 -18.68
N VAL D 417 0.22 32.72 -17.95
CA VAL D 417 0.16 33.83 -17.01
C VAL D 417 0.33 33.27 -15.60
N ASN D 418 1.48 33.49 -15.02
CA ASN D 418 1.74 33.04 -13.66
C ASN D 418 1.22 34.01 -12.63
N THR D 419 0.93 35.22 -13.06
CA THR D 419 0.55 36.29 -12.14
C THR D 419 -0.84 36.07 -11.57
N PRO D 420 -1.01 36.19 -10.25
CA PRO D 420 -2.34 36.08 -9.68
C PRO D 420 -3.23 37.14 -10.28
N PRO D 421 -4.45 36.80 -10.67
CA PRO D 421 -5.36 37.80 -11.22
C PRO D 421 -6.19 38.48 -10.14
N LEU D 422 -6.74 39.62 -10.47
CA LEU D 422 -7.50 40.37 -9.51
C LEU D 422 -8.93 40.34 -9.97
N VAL D 423 -9.24 39.41 -10.86
CA VAL D 423 -10.58 39.31 -11.35
C VAL D 423 -11.35 38.24 -10.58
N LYS D 424 -12.27 38.71 -9.75
CA LYS D 424 -13.13 37.83 -8.99
C LYS D 424 -14.33 38.61 -9.30
N LEU D 425 -14.28 39.22 -10.46
CA LEU D 425 -15.36 40.03 -10.88
C LEU D 425 -16.29 39.20 -11.70
N TRP D 426 -15.76 38.22 -12.40
CA TRP D 426 -16.59 37.46 -13.33
C TRP D 426 -17.43 36.39 -12.64
N TYR D 427 -17.14 36.07 -11.38
CA TYR D 427 -17.95 35.12 -10.63
C TYR D 427 -17.78 35.43 -9.14
N GLN D 428 -18.77 36.05 -8.54
CA GLN D 428 -18.71 36.36 -7.12
C GLN D 428 -19.53 35.36 -6.31
P MRG F 16 12.87 -38.12 29.38
OP1 MRG F 16 14.12 -38.86 29.10
OP2 MRG F 16 11.77 -38.16 28.40
O5' MRG F 16 12.33 -38.61 30.79
N9 MRG F 16 7.78 -37.36 31.97
C4 MRG F 16 6.44 -37.10 32.17
N3 MRG F 16 5.77 -37.22 33.34
C2 MRG F 16 4.50 -36.89 33.21
N1 MRG F 16 3.93 -36.48 32.04
C6 MRG F 16 4.59 -36.35 30.83
O6 MRG F 16 3.98 -35.97 29.83
C5 MRG F 16 5.95 -36.69 30.95
N7 MRG F 16 6.96 -36.71 29.99
C8 MRG F 16 8.02 -37.11 30.64
N2 MRG F 16 3.70 -36.95 34.29
C2' MRG F 16 8.45 -39.23 33.45
C5' MRG F 16 11.11 -39.38 30.88
C4' MRG F 16 10.48 -39.22 32.23
O4' MRG F 16 10.02 -37.85 32.36
C1' MRG F 16 8.72 -37.82 32.97
C3' MRG F 16 9.25 -40.07 32.47
O3' MRG F 16 9.60 -41.33 33.03
P DDG F 21 -5.78 -51.62 22.46
OP1 DDG F 21 -7.03 -52.40 22.24
OP2 DDG F 21 -4.78 -52.12 23.45
O5' DDG F 21 -5.02 -51.42 21.08
C5' DDG F 21 -5.75 -51.03 19.91
C4' DDG F 21 -4.80 -50.49 18.86
O4' DDG F 21 -3.97 -49.46 19.43
C3' DDG F 21 -3.82 -51.52 18.32
C2' DDG F 21 -2.66 -50.66 17.84
C1' DDG F 21 -2.77 -49.38 18.69
N9 DDG F 21 -1.67 -49.23 19.63
C8 DDG F 21 -1.61 -49.70 20.92
N7 DDG F 21 -0.47 -49.41 21.51
C5 DDG F 21 0.25 -48.74 20.55
C6 DDG F 21 1.56 -48.19 20.61
O6 DDG F 21 2.35 -48.19 21.56
N1 DDG F 21 1.92 -47.59 19.41
C2 DDG F 21 1.12 -47.51 18.29
N2 DDG F 21 1.64 -46.89 17.23
N3 DDG F 21 -0.10 -48.02 18.23
C4 DDG F 21 -0.47 -48.62 19.38
P MRG H 16 33.99 27.77 -21.73
OP1 MRG H 16 35.06 28.11 -20.76
OP2 MRG H 16 34.29 27.81 -23.18
O5' MRG H 16 33.45 26.31 -21.36
N9 MRG H 16 30.78 24.70 -18.65
C4 MRG H 16 29.75 24.02 -18.03
N3 MRG H 16 29.69 23.68 -16.73
C2 MRG H 16 28.58 23.03 -16.44
N1 MRG H 16 27.60 22.74 -17.36
C6 MRG H 16 27.64 23.08 -18.71
O6 MRG H 16 26.71 22.76 -19.45
C5 MRG H 16 28.83 23.77 -19.03
N7 MRG H 16 29.28 24.28 -20.25
C8 MRG H 16 30.43 24.81 -19.97
N2 MRG H 16 28.35 22.63 -15.19
C2' MRG H 16 32.94 24.11 -17.51
C5' MRG H 16 34.31 25.37 -20.72
C4' MRG H 16 34.00 25.32 -19.24
O4' MRG H 16 32.72 25.94 -18.99
C1' MRG H 16 31.99 25.20 -18.02
C3' MRG H 16 33.88 23.91 -18.68
O3' MRG H 16 35.16 23.42 -18.28
P DDG H 21 30.42 4.33 -24.95
OP1 DDG H 21 30.04 2.90 -24.88
OP2 DDG H 21 31.69 4.84 -24.39
O5' DDG H 21 30.40 4.79 -26.49
C5' DDG H 21 29.27 4.51 -27.31
C4' DDG H 21 29.33 5.35 -28.58
O4' DDG H 21 29.38 6.72 -28.22
C3' DDG H 21 30.57 5.13 -29.43
C2' DDG H 21 30.71 6.48 -30.17
C1' DDG H 21 29.97 7.47 -29.26
N9 DDG H 21 30.87 8.43 -28.61
C8 DDG H 21 31.51 8.25 -27.41
N7 DDG H 21 32.23 9.27 -27.06
C5 DDG H 21 32.04 10.19 -28.07
C6 DDG H 21 32.56 11.50 -28.23
O6 DDG H 21 33.33 12.11 -27.47
N1 DDG H 21 32.11 12.09 -29.40
C2 DDG H 21 31.26 11.49 -30.30
N2 DDG H 21 30.93 12.21 -31.37
N3 DDG H 21 30.76 10.27 -30.17
C4 DDG H 21 31.19 9.68 -29.03
MG MG I . 33.17 3.63 -31.82
C02 1IO J . 36.76 12.91 -29.68
C04 1IO J . 36.16 13.98 -31.64
C06 1IO J . 35.44 11.87 -31.44
C07 1IO J . 36.07 11.78 -30.14
C09 1IO J . 35.12 9.87 -30.52
C11 1IO J . 34.04 10.18 -32.84
C12 1IO J . 33.66 8.65 -32.81
C14 1IO J . 35.46 7.03 -32.42
C15 1IO J . 36.85 6.88 -32.94
C20 1IO J . 34.62 5.71 -32.34
N01 1IO J . 37.41 12.94 -28.45
N03 1IO J . 36.81 14.02 -30.43
N05 1IO J . 35.48 12.99 -32.23
N08 1IO J . 35.85 10.52 -29.59
N10 1IO J . 34.84 10.65 -31.67
O13 1IO J . 34.73 7.95 -33.36
O17 1IO J . 39.39 7.43 -32.82
O18 1IO J . 38.16 7.27 -30.62
O19 1IO J . 37.71 9.24 -32.21
O21 1IO J . 33.69 5.56 -33.18
O22 1IO J . 34.90 4.86 -31.47
P16 1IO J . 38.12 7.78 -32.04
#